data_6HI7
# 
_entry.id   6HI7 
# 
_audit_conform.dict_name       mmcif_pdbx.dic 
_audit_conform.dict_version    5.383 
_audit_conform.dict_location   http://mmcif.pdb.org/dictionaries/ascii/mmcif_pdbx.dic 
# 
loop_
_database_2.database_id 
_database_2.database_code 
_database_2.pdbx_database_accession 
_database_2.pdbx_DOI 
PDB   6HI7         pdb_00006hi7 10.2210/pdb6hi7/pdb 
WWPDB D_1200011625 ?            ?                   
# 
loop_
_pdbx_audit_revision_history.ordinal 
_pdbx_audit_revision_history.data_content_type 
_pdbx_audit_revision_history.major_revision 
_pdbx_audit_revision_history.minor_revision 
_pdbx_audit_revision_history.revision_date 
1 'Structure model' 1 0 2019-02-20 
2 'Structure model' 1 1 2020-11-04 
3 'Structure model' 1 2 2024-01-17 
# 
_pdbx_audit_revision_details.ordinal             1 
_pdbx_audit_revision_details.revision_ordinal    1 
_pdbx_audit_revision_details.data_content_type   'Structure model' 
_pdbx_audit_revision_details.provider            repository 
_pdbx_audit_revision_details.type                'Initial release' 
_pdbx_audit_revision_details.description         ? 
_pdbx_audit_revision_details.details             ? 
# 
loop_
_pdbx_audit_revision_group.ordinal 
_pdbx_audit_revision_group.revision_ordinal 
_pdbx_audit_revision_group.data_content_type 
_pdbx_audit_revision_group.group 
1 2 'Structure model' 'Database references'    
2 3 'Structure model' 'Data collection'        
3 3 'Structure model' 'Database references'    
4 3 'Structure model' 'Refinement description' 
# 
loop_
_pdbx_audit_revision_category.ordinal 
_pdbx_audit_revision_category.revision_ordinal 
_pdbx_audit_revision_category.data_content_type 
_pdbx_audit_revision_category.category 
1 2 'Structure model' citation                      
2 2 'Structure model' citation_author               
3 3 'Structure model' chem_comp_atom                
4 3 'Structure model' chem_comp_bond                
5 3 'Structure model' database_2                    
6 3 'Structure model' pdbx_initial_refinement_model 
# 
loop_
_pdbx_audit_revision_item.ordinal 
_pdbx_audit_revision_item.revision_ordinal 
_pdbx_audit_revision_item.data_content_type 
_pdbx_audit_revision_item.item 
1  2 'Structure model' '_citation.country'                   
2  2 'Structure model' '_citation.journal_abbrev'            
3  2 'Structure model' '_citation.journal_id_CSD'            
4  2 'Structure model' '_citation.journal_id_ISSN'           
5  2 'Structure model' '_citation.journal_volume'            
6  2 'Structure model' '_citation.page_first'                
7  2 'Structure model' '_citation.page_last'                 
8  2 'Structure model' '_citation.pdbx_database_id_DOI'      
9  2 'Structure model' '_citation.pdbx_database_id_PubMed'   
10 2 'Structure model' '_citation.title'                     
11 2 'Structure model' '_citation.year'                      
12 3 'Structure model' '_database_2.pdbx_DOI'                
13 3 'Structure model' '_database_2.pdbx_database_accession' 
# 
_pdbx_database_status.status_code                     REL 
_pdbx_database_status.status_code_sf                  REL 
_pdbx_database_status.status_code_mr                  ? 
_pdbx_database_status.entry_id                        6HI7 
_pdbx_database_status.recvd_initial_deposition_date   2018-08-29 
_pdbx_database_status.SG_entry                        N 
_pdbx_database_status.deposit_site                    PDBE 
_pdbx_database_status.process_site                    PDBE 
_pdbx_database_status.status_code_cs                  ? 
_pdbx_database_status.methods_development_category    ? 
_pdbx_database_status.pdb_format_compatible           Y 
_pdbx_database_status.status_code_nmr_data            ? 
# 
loop_
_audit_author.name 
_audit_author.pdbx_ordinal 
_audit_author.identifier_ORCID 
'Sledz, P.'    1 ? 
'Caflisch, A.' 2 ? 
# 
_citation.abstract                  ? 
_citation.abstract_id_CAS           ? 
_citation.book_id_ISBN              ? 
_citation.book_publisher            ? 
_citation.book_publisher_city       ? 
_citation.book_title                ? 
_citation.coordinate_linkage        ? 
_citation.country                   US 
_citation.database_id_Medline       ? 
_citation.details                   ? 
_citation.id                        primary 
_citation.journal_abbrev            'Acs Med.Chem.Lett.' 
_citation.journal_id_ASTM           ? 
_citation.journal_id_CSD            ? 
_citation.journal_id_ISSN           1948-5875 
_citation.journal_full              ? 
_citation.journal_issue             ? 
_citation.journal_volume            11 
_citation.language                  ? 
_citation.page_first                1573 
_citation.page_last                 1580 
_citation.title                     'Hitting a Moving Target: Simulation and Crystallography Study of ATAD2 Bromodomain Blockers.' 
_citation.year                      2020 
_citation.database_id_CSD           ? 
_citation.pdbx_database_id_DOI      10.1021/acsmedchemlett.0c00080 
_citation.pdbx_database_id_PubMed   32832026 
_citation.unpublished_flag          ? 
# 
loop_
_citation_author.citation_id 
_citation_author.name 
_citation_author.ordinal 
_citation_author.identifier_ORCID 
primary 'Dolbois, A.'        1  ? 
primary 'Batiste, L.'        2  ? 
primary 'Wiedmer, L.'        3  ? 
primary 'Dong, J.'           4  ? 
primary 'Brutsch, M.'        5  ? 
primary 'Huang, D.'          6  ? 
primary 'Deerain, N.M.'      7  ? 
primary 'Spiliotopoulos, D.' 8  ? 
primary 'Cheng-Sanchez, I.'  9  ? 
primary 'Laul, E.'           10 ? 
primary 'Nevado, C.'         11 ? 
primary 'Sledz, P.'          12 ? 
primary 'Caflisch, A.'       13 ? 
# 
loop_
_entity.id 
_entity.type 
_entity.src_method 
_entity.pdbx_description 
_entity.formula_weight 
_entity.pdbx_number_of_molecules 
_entity.pdbx_ec 
_entity.pdbx_mutation 
_entity.pdbx_fragment 
_entity.details 
1 polymer     man 'ATPase family AAA domain-containing protein 2'                                     15453.514 1   ? ? ? ? 
2 non-polymer syn 'SULFATE ION'                                                                       96.063    2   ? ? ? ? 
3 non-polymer syn '(2~{R})-~{N}-[5-(3-aminophenyl)-4-ethanoyl-1,3-thiazol-2-yl]-2-azanyl-propanamide' 304.367   1   ? ? ? ? 
4 water       nat water                                                                               18.015    152 ? ? ? ? 
# 
_entity_name_com.entity_id   1 
_entity_name_com.name        'Bromodomain of ATAD2' 
# 
_entity_poly.entity_id                      1 
_entity_poly.type                           'polypeptide(L)' 
_entity_poly.nstd_linkage                   no 
_entity_poly.nstd_monomer                   no 
_entity_poly.pdbx_seq_one_letter_code       
;SMQEEDTFRELRIFLRNVTHRLAIDKRFRVFTKPVDPDEVPDYVTVIKQPMDLSSVISKIDLHKYLTVKDYLRDIDLICS
NALEYNPDRDPGDRLIRHRACALRDTAYAIIKEELDEDFEQLCEEIQESR
;
_entity_poly.pdbx_seq_one_letter_code_can   
;SMQEEDTFRELRIFLRNVTHRLAIDKRFRVFTKPVDPDEVPDYVTVIKQPMDLSSVISKIDLHKYLTVKDYLRDIDLICS
NALEYNPDRDPGDRLIRHRACALRDTAYAIIKEELDEDFEQLCEEIQESR
;
_entity_poly.pdbx_strand_id                 A 
_entity_poly.pdbx_target_identifier         ? 
# 
loop_
_pdbx_entity_nonpoly.entity_id 
_pdbx_entity_nonpoly.name 
_pdbx_entity_nonpoly.comp_id 
2 'SULFATE ION'                                                                       SO4 
3 '(2~{R})-~{N}-[5-(3-aminophenyl)-4-ethanoyl-1,3-thiazol-2-yl]-2-azanyl-propanamide' G6B 
4 water                                                                               HOH 
# 
loop_
_entity_poly_seq.entity_id 
_entity_poly_seq.num 
_entity_poly_seq.mon_id 
_entity_poly_seq.hetero 
1 1   SER n 
1 2   MET n 
1 3   GLN n 
1 4   GLU n 
1 5   GLU n 
1 6   ASP n 
1 7   THR n 
1 8   PHE n 
1 9   ARG n 
1 10  GLU n 
1 11  LEU n 
1 12  ARG n 
1 13  ILE n 
1 14  PHE n 
1 15  LEU n 
1 16  ARG n 
1 17  ASN n 
1 18  VAL n 
1 19  THR n 
1 20  HIS n 
1 21  ARG n 
1 22  LEU n 
1 23  ALA n 
1 24  ILE n 
1 25  ASP n 
1 26  LYS n 
1 27  ARG n 
1 28  PHE n 
1 29  ARG n 
1 30  VAL n 
1 31  PHE n 
1 32  THR n 
1 33  LYS n 
1 34  PRO n 
1 35  VAL n 
1 36  ASP n 
1 37  PRO n 
1 38  ASP n 
1 39  GLU n 
1 40  VAL n 
1 41  PRO n 
1 42  ASP n 
1 43  TYR n 
1 44  VAL n 
1 45  THR n 
1 46  VAL n 
1 47  ILE n 
1 48  LYS n 
1 49  GLN n 
1 50  PRO n 
1 51  MET n 
1 52  ASP n 
1 53  LEU n 
1 54  SER n 
1 55  SER n 
1 56  VAL n 
1 57  ILE n 
1 58  SER n 
1 59  LYS n 
1 60  ILE n 
1 61  ASP n 
1 62  LEU n 
1 63  HIS n 
1 64  LYS n 
1 65  TYR n 
1 66  LEU n 
1 67  THR n 
1 68  VAL n 
1 69  LYS n 
1 70  ASP n 
1 71  TYR n 
1 72  LEU n 
1 73  ARG n 
1 74  ASP n 
1 75  ILE n 
1 76  ASP n 
1 77  LEU n 
1 78  ILE n 
1 79  CYS n 
1 80  SER n 
1 81  ASN n 
1 82  ALA n 
1 83  LEU n 
1 84  GLU n 
1 85  TYR n 
1 86  ASN n 
1 87  PRO n 
1 88  ASP n 
1 89  ARG n 
1 90  ASP n 
1 91  PRO n 
1 92  GLY n 
1 93  ASP n 
1 94  ARG n 
1 95  LEU n 
1 96  ILE n 
1 97  ARG n 
1 98  HIS n 
1 99  ARG n 
1 100 ALA n 
1 101 CYS n 
1 102 ALA n 
1 103 LEU n 
1 104 ARG n 
1 105 ASP n 
1 106 THR n 
1 107 ALA n 
1 108 TYR n 
1 109 ALA n 
1 110 ILE n 
1 111 ILE n 
1 112 LYS n 
1 113 GLU n 
1 114 GLU n 
1 115 LEU n 
1 116 ASP n 
1 117 GLU n 
1 118 ASP n 
1 119 PHE n 
1 120 GLU n 
1 121 GLN n 
1 122 LEU n 
1 123 CYS n 
1 124 GLU n 
1 125 GLU n 
1 126 ILE n 
1 127 GLN n 
1 128 GLU n 
1 129 SER n 
1 130 ARG n 
# 
_entity_src_gen.entity_id                          1 
_entity_src_gen.pdbx_src_id                        1 
_entity_src_gen.pdbx_alt_source_flag               sample 
_entity_src_gen.pdbx_seq_type                      ? 
_entity_src_gen.pdbx_beg_seq_num                   ? 
_entity_src_gen.pdbx_end_seq_num                   ? 
_entity_src_gen.gene_src_common_name               Human 
_entity_src_gen.gene_src_genus                     ? 
_entity_src_gen.pdbx_gene_src_gene                 ? 
_entity_src_gen.gene_src_species                   ? 
_entity_src_gen.gene_src_strain                    ? 
_entity_src_gen.gene_src_tissue                    ? 
_entity_src_gen.gene_src_tissue_fraction           ? 
_entity_src_gen.gene_src_details                   ? 
_entity_src_gen.pdbx_gene_src_fragment             ? 
_entity_src_gen.pdbx_gene_src_scientific_name      'Homo sapiens' 
_entity_src_gen.pdbx_gene_src_ncbi_taxonomy_id     9606 
_entity_src_gen.pdbx_gene_src_variant              ? 
_entity_src_gen.pdbx_gene_src_cell_line            ? 
_entity_src_gen.pdbx_gene_src_atcc                 ? 
_entity_src_gen.pdbx_gene_src_organ                ? 
_entity_src_gen.pdbx_gene_src_organelle            ? 
_entity_src_gen.pdbx_gene_src_cell                 ? 
_entity_src_gen.pdbx_gene_src_cellular_location    ? 
_entity_src_gen.host_org_common_name               ? 
_entity_src_gen.pdbx_host_org_scientific_name      'Escherichia coli' 
_entity_src_gen.pdbx_host_org_ncbi_taxonomy_id     562 
_entity_src_gen.host_org_genus                     ? 
_entity_src_gen.pdbx_host_org_gene                 ? 
_entity_src_gen.pdbx_host_org_organ                ? 
_entity_src_gen.host_org_species                   ? 
_entity_src_gen.pdbx_host_org_tissue               ? 
_entity_src_gen.pdbx_host_org_tissue_fraction      ? 
_entity_src_gen.pdbx_host_org_strain               ? 
_entity_src_gen.pdbx_host_org_variant              ? 
_entity_src_gen.pdbx_host_org_cell_line            ? 
_entity_src_gen.pdbx_host_org_atcc                 ? 
_entity_src_gen.pdbx_host_org_culture_collection   ? 
_entity_src_gen.pdbx_host_org_cell                 ? 
_entity_src_gen.pdbx_host_org_organelle            ? 
_entity_src_gen.pdbx_host_org_cellular_location    ? 
_entity_src_gen.pdbx_host_org_vector_type          ? 
_entity_src_gen.pdbx_host_org_vector               ? 
_entity_src_gen.host_org_details                   ? 
_entity_src_gen.expression_system_id               ? 
_entity_src_gen.plasmid_name                       ? 
_entity_src_gen.plasmid_details                    ? 
_entity_src_gen.pdbx_description                   ? 
# 
loop_
_chem_comp.id 
_chem_comp.type 
_chem_comp.mon_nstd_flag 
_chem_comp.name 
_chem_comp.pdbx_synonyms 
_chem_comp.formula 
_chem_comp.formula_weight 
ALA 'L-peptide linking' y ALANINE                                                                             ? 'C3 H7 N O2'      
89.093  
ARG 'L-peptide linking' y ARGININE                                                                            ? 'C6 H15 N4 O2 1'  
175.209 
ASN 'L-peptide linking' y ASPARAGINE                                                                          ? 'C4 H8 N2 O3'     
132.118 
ASP 'L-peptide linking' y 'ASPARTIC ACID'                                                                     ? 'C4 H7 N O4'      
133.103 
CYS 'L-peptide linking' y CYSTEINE                                                                            ? 'C3 H7 N O2 S'    
121.158 
G6B non-polymer         . '(2~{R})-~{N}-[5-(3-aminophenyl)-4-ethanoyl-1,3-thiazol-2-yl]-2-azanyl-propanamide' ? 'C14 H16 N4 O2 S' 
304.367 
GLN 'L-peptide linking' y GLUTAMINE                                                                           ? 'C5 H10 N2 O3'    
146.144 
GLU 'L-peptide linking' y 'GLUTAMIC ACID'                                                                     ? 'C5 H9 N O4'      
147.129 
GLY 'peptide linking'   y GLYCINE                                                                             ? 'C2 H5 N O2'      
75.067  
HIS 'L-peptide linking' y HISTIDINE                                                                           ? 'C6 H10 N3 O2 1'  
156.162 
HOH non-polymer         . WATER                                                                               ? 'H2 O'            
18.015  
ILE 'L-peptide linking' y ISOLEUCINE                                                                          ? 'C6 H13 N O2'     
131.173 
LEU 'L-peptide linking' y LEUCINE                                                                             ? 'C6 H13 N O2'     
131.173 
LYS 'L-peptide linking' y LYSINE                                                                              ? 'C6 H15 N2 O2 1'  
147.195 
MET 'L-peptide linking' y METHIONINE                                                                          ? 'C5 H11 N O2 S'   
149.211 
PHE 'L-peptide linking' y PHENYLALANINE                                                                       ? 'C9 H11 N O2'     
165.189 
PRO 'L-peptide linking' y PROLINE                                                                             ? 'C5 H9 N O2'      
115.130 
SER 'L-peptide linking' y SERINE                                                                              ? 'C3 H7 N O3'      
105.093 
SO4 non-polymer         . 'SULFATE ION'                                                                       ? 'O4 S -2'         
96.063  
THR 'L-peptide linking' y THREONINE                                                                           ? 'C4 H9 N O3'      
119.119 
TYR 'L-peptide linking' y TYROSINE                                                                            ? 'C9 H11 N O3'     
181.189 
VAL 'L-peptide linking' y VALINE                                                                              ? 'C5 H11 N O2'     
117.146 
# 
loop_
_pdbx_poly_seq_scheme.asym_id 
_pdbx_poly_seq_scheme.entity_id 
_pdbx_poly_seq_scheme.seq_id 
_pdbx_poly_seq_scheme.mon_id 
_pdbx_poly_seq_scheme.ndb_seq_num 
_pdbx_poly_seq_scheme.pdb_seq_num 
_pdbx_poly_seq_scheme.auth_seq_num 
_pdbx_poly_seq_scheme.pdb_mon_id 
_pdbx_poly_seq_scheme.auth_mon_id 
_pdbx_poly_seq_scheme.pdb_strand_id 
_pdbx_poly_seq_scheme.pdb_ins_code 
_pdbx_poly_seq_scheme.hetero 
A 1 1   SER 1   979  979  SER SER A . n 
A 1 2   MET 2   980  980  MET MET A . n 
A 1 3   GLN 3   981  981  GLN GLN A . n 
A 1 4   GLU 4   982  982  GLU GLU A . n 
A 1 5   GLU 5   983  983  GLU GLU A . n 
A 1 6   ASP 6   984  984  ASP ASP A . n 
A 1 7   THR 7   985  985  THR THR A . n 
A 1 8   PHE 8   986  986  PHE PHE A . n 
A 1 9   ARG 9   987  987  ARG ARG A . n 
A 1 10  GLU 10  988  988  GLU GLU A . n 
A 1 11  LEU 11  989  989  LEU LEU A . n 
A 1 12  ARG 12  990  990  ARG ARG A . n 
A 1 13  ILE 13  991  991  ILE ILE A . n 
A 1 14  PHE 14  992  992  PHE PHE A . n 
A 1 15  LEU 15  993  993  LEU LEU A . n 
A 1 16  ARG 16  994  994  ARG ARG A . n 
A 1 17  ASN 17  995  995  ASN ASN A . n 
A 1 18  VAL 18  996  996  VAL VAL A . n 
A 1 19  THR 19  997  997  THR THR A . n 
A 1 20  HIS 20  998  998  HIS HIS A . n 
A 1 21  ARG 21  999  999  ARG ARG A . n 
A 1 22  LEU 22  1000 1000 LEU LEU A . n 
A 1 23  ALA 23  1001 1001 ALA ALA A . n 
A 1 24  ILE 24  1002 1002 ILE ILE A . n 
A 1 25  ASP 25  1003 1003 ASP ASP A . n 
A 1 26  LYS 26  1004 1004 LYS LYS A . n 
A 1 27  ARG 27  1005 1005 ARG ARG A . n 
A 1 28  PHE 28  1006 1006 PHE PHE A . n 
A 1 29  ARG 29  1007 1007 ARG ARG A . n 
A 1 30  VAL 30  1008 1008 VAL VAL A . n 
A 1 31  PHE 31  1009 1009 PHE PHE A . n 
A 1 32  THR 32  1010 1010 THR THR A . n 
A 1 33  LYS 33  1011 1011 LYS LYS A . n 
A 1 34  PRO 34  1012 1012 PRO PRO A . n 
A 1 35  VAL 35  1013 1013 VAL VAL A . n 
A 1 36  ASP 36  1014 1014 ASP ASP A . n 
A 1 37  PRO 37  1015 1015 PRO PRO A . n 
A 1 38  ASP 38  1016 1016 ASP ASP A . n 
A 1 39  GLU 39  1017 1017 GLU GLU A . n 
A 1 40  VAL 40  1018 1018 VAL VAL A . n 
A 1 41  PRO 41  1019 1019 PRO PRO A . n 
A 1 42  ASP 42  1020 1020 ASP ASP A . n 
A 1 43  TYR 43  1021 1021 TYR TYR A . n 
A 1 44  VAL 44  1022 1022 VAL VAL A . n 
A 1 45  THR 45  1023 1023 THR THR A . n 
A 1 46  VAL 46  1024 1024 VAL VAL A . n 
A 1 47  ILE 47  1025 1025 ILE ILE A . n 
A 1 48  LYS 48  1026 1026 LYS LYS A . n 
A 1 49  GLN 49  1027 1027 GLN GLN A . n 
A 1 50  PRO 50  1028 1028 PRO PRO A . n 
A 1 51  MET 51  1029 1029 MET MET A . n 
A 1 52  ASP 52  1030 1030 ASP ASP A . n 
A 1 53  LEU 53  1031 1031 LEU LEU A . n 
A 1 54  SER 54  1032 1032 SER SER A . n 
A 1 55  SER 55  1033 1033 SER SER A . n 
A 1 56  VAL 56  1034 1034 VAL VAL A . n 
A 1 57  ILE 57  1035 1035 ILE ILE A . n 
A 1 58  SER 58  1036 1036 SER SER A . n 
A 1 59  LYS 59  1037 1037 LYS LYS A . n 
A 1 60  ILE 60  1038 1038 ILE ILE A . n 
A 1 61  ASP 61  1039 1039 ASP ASP A . n 
A 1 62  LEU 62  1040 1040 LEU LEU A . n 
A 1 63  HIS 63  1041 1041 HIS HIS A . n 
A 1 64  LYS 64  1042 1042 LYS LYS A . n 
A 1 65  TYR 65  1043 1043 TYR TYR A . n 
A 1 66  LEU 66  1044 1044 LEU LEU A . n 
A 1 67  THR 67  1045 1045 THR THR A . n 
A 1 68  VAL 68  1046 1046 VAL VAL A . n 
A 1 69  LYS 69  1047 1047 LYS LYS A . n 
A 1 70  ASP 70  1048 1048 ASP ASP A . n 
A 1 71  TYR 71  1049 1049 TYR TYR A . n 
A 1 72  LEU 72  1050 1050 LEU LEU A . n 
A 1 73  ARG 73  1051 1051 ARG ARG A . n 
A 1 74  ASP 74  1052 1052 ASP ASP A . n 
A 1 75  ILE 75  1053 1053 ILE ILE A . n 
A 1 76  ASP 76  1054 1054 ASP ASP A . n 
A 1 77  LEU 77  1055 1055 LEU LEU A . n 
A 1 78  ILE 78  1056 1056 ILE ILE A . n 
A 1 79  CYS 79  1057 1057 CYS CYS A . n 
A 1 80  SER 80  1058 1058 SER SER A . n 
A 1 81  ASN 81  1059 1059 ASN ASN A . n 
A 1 82  ALA 82  1060 1060 ALA ALA A . n 
A 1 83  LEU 83  1061 1061 LEU LEU A . n 
A 1 84  GLU 84  1062 1062 GLU GLU A . n 
A 1 85  TYR 85  1063 1063 TYR TYR A . n 
A 1 86  ASN 86  1064 1064 ASN ASN A . n 
A 1 87  PRO 87  1065 1065 PRO PRO A . n 
A 1 88  ASP 88  1066 1066 ASP ASP A . n 
A 1 89  ARG 89  1067 1067 ARG ARG A . n 
A 1 90  ASP 90  1068 1068 ASP ASP A . n 
A 1 91  PRO 91  1069 1069 PRO PRO A . n 
A 1 92  GLY 92  1070 1070 GLY GLY A . n 
A 1 93  ASP 93  1071 1071 ASP ASP A . n 
A 1 94  ARG 94  1072 1072 ARG ARG A . n 
A 1 95  LEU 95  1073 1073 LEU LEU A . n 
A 1 96  ILE 96  1074 1074 ILE ILE A . n 
A 1 97  ARG 97  1075 1075 ARG ARG A . n 
A 1 98  HIS 98  1076 1076 HIS HIS A . n 
A 1 99  ARG 99  1077 1077 ARG ARG A . n 
A 1 100 ALA 100 1078 1078 ALA ALA A . n 
A 1 101 CYS 101 1079 1079 CYS CYS A . n 
A 1 102 ALA 102 1080 1080 ALA ALA A . n 
A 1 103 LEU 103 1081 1081 LEU LEU A . n 
A 1 104 ARG 104 1082 1082 ARG ARG A . n 
A 1 105 ASP 105 1083 1083 ASP ASP A . n 
A 1 106 THR 106 1084 1084 THR THR A . n 
A 1 107 ALA 107 1085 1085 ALA ALA A . n 
A 1 108 TYR 108 1086 1086 TYR TYR A . n 
A 1 109 ALA 109 1087 1087 ALA ALA A . n 
A 1 110 ILE 110 1088 1088 ILE ILE A . n 
A 1 111 ILE 111 1089 1089 ILE ILE A . n 
A 1 112 LYS 112 1090 1090 LYS LYS A . n 
A 1 113 GLU 113 1091 1091 GLU GLU A . n 
A 1 114 GLU 114 1092 1092 GLU GLU A . n 
A 1 115 LEU 115 1093 1093 LEU LEU A . n 
A 1 116 ASP 116 1094 1094 ASP ASP A . n 
A 1 117 GLU 117 1095 1095 GLU GLU A . n 
A 1 118 ASP 118 1096 1096 ASP ASP A . n 
A 1 119 PHE 119 1097 1097 PHE PHE A . n 
A 1 120 GLU 120 1098 1098 GLU GLU A . n 
A 1 121 GLN 121 1099 1099 GLN GLN A . n 
A 1 122 LEU 122 1100 1100 LEU LEU A . n 
A 1 123 CYS 123 1101 1101 CYS CYS A . n 
A 1 124 GLU 124 1102 1102 GLU GLU A . n 
A 1 125 GLU 125 1103 1103 GLU GLU A . n 
A 1 126 ILE 126 1104 1104 ILE ILE A . n 
A 1 127 GLN 127 1105 1105 GLN GLN A . n 
A 1 128 GLU 128 1106 1106 GLU GLU A . n 
A 1 129 SER 129 1107 1107 SER SER A . n 
A 1 130 ARG 130 1108 1108 ARG ARG A . n 
# 
loop_
_pdbx_nonpoly_scheme.asym_id 
_pdbx_nonpoly_scheme.entity_id 
_pdbx_nonpoly_scheme.mon_id 
_pdbx_nonpoly_scheme.ndb_seq_num 
_pdbx_nonpoly_scheme.pdb_seq_num 
_pdbx_nonpoly_scheme.auth_seq_num 
_pdbx_nonpoly_scheme.pdb_mon_id 
_pdbx_nonpoly_scheme.auth_mon_id 
_pdbx_nonpoly_scheme.pdb_strand_id 
_pdbx_nonpoly_scheme.pdb_ins_code 
B 2 SO4 1   1201 1   SO4 SO4 A . 
C 2 SO4 1   1202 2   SO4 SO4 A . 
D 3 G6B 1   1203 1   G6B DRG A . 
E 4 HOH 1   1301 140 HOH HOH A . 
E 4 HOH 2   1302 137 HOH HOH A . 
E 4 HOH 3   1303 27  HOH HOH A . 
E 4 HOH 4   1304 110 HOH HOH A . 
E 4 HOH 5   1305 58  HOH HOH A . 
E 4 HOH 6   1306 2   HOH HOH A . 
E 4 HOH 7   1307 66  HOH HOH A . 
E 4 HOH 8   1308 111 HOH HOH A . 
E 4 HOH 9   1309 118 HOH HOH A . 
E 4 HOH 10  1310 55  HOH HOH A . 
E 4 HOH 11  1311 22  HOH HOH A . 
E 4 HOH 12  1312 20  HOH HOH A . 
E 4 HOH 13  1313 19  HOH HOH A . 
E 4 HOH 14  1314 33  HOH HOH A . 
E 4 HOH 15  1315 23  HOH HOH A . 
E 4 HOH 16  1316 49  HOH HOH A . 
E 4 HOH 17  1317 87  HOH HOH A . 
E 4 HOH 18  1318 119 HOH HOH A . 
E 4 HOH 19  1319 116 HOH HOH A . 
E 4 HOH 20  1320 100 HOH HOH A . 
E 4 HOH 21  1321 39  HOH HOH A . 
E 4 HOH 22  1322 59  HOH HOH A . 
E 4 HOH 23  1323 98  HOH HOH A . 
E 4 HOH 24  1324 122 HOH HOH A . 
E 4 HOH 25  1325 123 HOH HOH A . 
E 4 HOH 26  1326 61  HOH HOH A . 
E 4 HOH 27  1327 96  HOH HOH A . 
E 4 HOH 28  1328 82  HOH HOH A . 
E 4 HOH 29  1329 99  HOH HOH A . 
E 4 HOH 30  1330 77  HOH HOH A . 
E 4 HOH 31  1331 26  HOH HOH A . 
E 4 HOH 32  1332 35  HOH HOH A . 
E 4 HOH 33  1333 109 HOH HOH A . 
E 4 HOH 34  1334 21  HOH HOH A . 
E 4 HOH 35  1335 94  HOH HOH A . 
E 4 HOH 36  1336 41  HOH HOH A . 
E 4 HOH 37  1337 1   HOH HOH A . 
E 4 HOH 38  1338 56  HOH HOH A . 
E 4 HOH 39  1339 81  HOH HOH A . 
E 4 HOH 40  1340 69  HOH HOH A . 
E 4 HOH 41  1341 5   HOH HOH A . 
E 4 HOH 42  1342 12  HOH HOH A . 
E 4 HOH 43  1343 42  HOH HOH A . 
E 4 HOH 44  1344 64  HOH HOH A . 
E 4 HOH 45  1345 11  HOH HOH A . 
E 4 HOH 46  1346 79  HOH HOH A . 
E 4 HOH 47  1347 132 HOH HOH A . 
E 4 HOH 48  1348 14  HOH HOH A . 
E 4 HOH 49  1349 125 HOH HOH A . 
E 4 HOH 50  1350 60  HOH HOH A . 
E 4 HOH 51  1351 31  HOH HOH A . 
E 4 HOH 52  1352 43  HOH HOH A . 
E 4 HOH 53  1353 150 HOH HOH A . 
E 4 HOH 54  1354 36  HOH HOH A . 
E 4 HOH 55  1355 63  HOH HOH A . 
E 4 HOH 56  1356 114 HOH HOH A . 
E 4 HOH 57  1357 47  HOH HOH A . 
E 4 HOH 58  1358 45  HOH HOH A . 
E 4 HOH 59  1359 34  HOH HOH A . 
E 4 HOH 60  1360 54  HOH HOH A . 
E 4 HOH 61  1361 24  HOH HOH A . 
E 4 HOH 62  1362 51  HOH HOH A . 
E 4 HOH 63  1363 65  HOH HOH A . 
E 4 HOH 64  1364 8   HOH HOH A . 
E 4 HOH 65  1365 83  HOH HOH A . 
E 4 HOH 66  1366 95  HOH HOH A . 
E 4 HOH 67  1367 107 HOH HOH A . 
E 4 HOH 68  1368 57  HOH HOH A . 
E 4 HOH 69  1369 3   HOH HOH A . 
E 4 HOH 70  1370 147 HOH HOH A . 
E 4 HOH 71  1371 17  HOH HOH A . 
E 4 HOH 72  1372 44  HOH HOH A . 
E 4 HOH 73  1373 29  HOH HOH A . 
E 4 HOH 74  1374 28  HOH HOH A . 
E 4 HOH 75  1375 148 HOH HOH A . 
E 4 HOH 76  1376 50  HOH HOH A . 
E 4 HOH 77  1377 32  HOH HOH A . 
E 4 HOH 78  1378 38  HOH HOH A . 
E 4 HOH 79  1379 13  HOH HOH A . 
E 4 HOH 80  1380 4   HOH HOH A . 
E 4 HOH 81  1381 70  HOH HOH A . 
E 4 HOH 82  1382 25  HOH HOH A . 
E 4 HOH 83  1383 15  HOH HOH A . 
E 4 HOH 84  1384 10  HOH HOH A . 
E 4 HOH 85  1385 92  HOH HOH A . 
E 4 HOH 86  1386 6   HOH HOH A . 
E 4 HOH 87  1387 97  HOH HOH A . 
E 4 HOH 88  1388 139 HOH HOH A . 
E 4 HOH 89  1389 105 HOH HOH A . 
E 4 HOH 90  1390 67  HOH HOH A . 
E 4 HOH 91  1391 75  HOH HOH A . 
E 4 HOH 92  1392 7   HOH HOH A . 
E 4 HOH 93  1393 101 HOH HOH A . 
E 4 HOH 94  1394 72  HOH HOH A . 
E 4 HOH 95  1395 129 HOH HOH A . 
E 4 HOH 96  1396 52  HOH HOH A . 
E 4 HOH 97  1397 16  HOH HOH A . 
E 4 HOH 98  1398 103 HOH HOH A . 
E 4 HOH 99  1399 93  HOH HOH A . 
E 4 HOH 100 1400 104 HOH HOH A . 
E 4 HOH 101 1401 117 HOH HOH A . 
E 4 HOH 102 1402 62  HOH HOH A . 
E 4 HOH 103 1403 152 HOH HOH A . 
E 4 HOH 104 1404 53  HOH HOH A . 
E 4 HOH 105 1405 73  HOH HOH A . 
E 4 HOH 106 1406 149 HOH HOH A . 
E 4 HOH 107 1407 102 HOH HOH A . 
E 4 HOH 108 1408 115 HOH HOH A . 
E 4 HOH 109 1409 30  HOH HOH A . 
E 4 HOH 110 1410 46  HOH HOH A . 
E 4 HOH 111 1411 113 HOH HOH A . 
E 4 HOH 112 1412 138 HOH HOH A . 
E 4 HOH 113 1413 89  HOH HOH A . 
E 4 HOH 114 1414 106 HOH HOH A . 
E 4 HOH 115 1415 131 HOH HOH A . 
E 4 HOH 116 1416 126 HOH HOH A . 
E 4 HOH 117 1417 145 HOH HOH A . 
E 4 HOH 118 1418 121 HOH HOH A . 
E 4 HOH 119 1419 144 HOH HOH A . 
E 4 HOH 120 1420 136 HOH HOH A . 
E 4 HOH 121 1421 18  HOH HOH A . 
E 4 HOH 122 1422 37  HOH HOH A . 
E 4 HOH 123 1423 108 HOH HOH A . 
E 4 HOH 124 1424 112 HOH HOH A . 
E 4 HOH 125 1425 128 HOH HOH A . 
E 4 HOH 126 1426 134 HOH HOH A . 
E 4 HOH 127 1427 78  HOH HOH A . 
E 4 HOH 128 1428 40  HOH HOH A . 
E 4 HOH 129 1429 84  HOH HOH A . 
E 4 HOH 130 1430 146 HOH HOH A . 
E 4 HOH 131 1431 85  HOH HOH A . 
E 4 HOH 132 1432 76  HOH HOH A . 
E 4 HOH 133 1433 151 HOH HOH A . 
E 4 HOH 134 1434 90  HOH HOH A . 
E 4 HOH 135 1435 143 HOH HOH A . 
E 4 HOH 136 1436 127 HOH HOH A . 
E 4 HOH 137 1437 120 HOH HOH A . 
E 4 HOH 138 1438 9   HOH HOH A . 
E 4 HOH 139 1439 48  HOH HOH A . 
E 4 HOH 140 1440 142 HOH HOH A . 
E 4 HOH 141 1441 80  HOH HOH A . 
E 4 HOH 142 1442 91  HOH HOH A . 
E 4 HOH 143 1443 88  HOH HOH A . 
E 4 HOH 144 1444 74  HOH HOH A . 
E 4 HOH 145 1445 71  HOH HOH A . 
E 4 HOH 146 1446 141 HOH HOH A . 
E 4 HOH 147 1447 130 HOH HOH A . 
E 4 HOH 148 1448 68  HOH HOH A . 
E 4 HOH 149 1449 135 HOH HOH A . 
E 4 HOH 150 1450 86  HOH HOH A . 
E 4 HOH 151 1451 133 HOH HOH A . 
E 4 HOH 152 1452 124 HOH HOH A . 
# 
loop_
_pdbx_unobs_or_zero_occ_atoms.id 
_pdbx_unobs_or_zero_occ_atoms.PDB_model_num 
_pdbx_unobs_or_zero_occ_atoms.polymer_flag 
_pdbx_unobs_or_zero_occ_atoms.occupancy_flag 
_pdbx_unobs_or_zero_occ_atoms.auth_asym_id 
_pdbx_unobs_or_zero_occ_atoms.auth_comp_id 
_pdbx_unobs_or_zero_occ_atoms.auth_seq_id 
_pdbx_unobs_or_zero_occ_atoms.PDB_ins_code 
_pdbx_unobs_or_zero_occ_atoms.auth_atom_id 
_pdbx_unobs_or_zero_occ_atoms.label_alt_id 
_pdbx_unobs_or_zero_occ_atoms.label_asym_id 
_pdbx_unobs_or_zero_occ_atoms.label_comp_id 
_pdbx_unobs_or_zero_occ_atoms.label_seq_id 
_pdbx_unobs_or_zero_occ_atoms.label_atom_id 
1  1 Y 1 A MET 980  ? CG  ? A MET 2   CG  
2  1 Y 1 A MET 980  ? SD  ? A MET 2   SD  
3  1 Y 1 A MET 980  ? CE  ? A MET 2   CE  
4  1 Y 1 A GLN 981  ? CD  ? A GLN 3   CD  
5  1 Y 1 A GLN 981  ? OE1 ? A GLN 3   OE1 
6  1 Y 1 A GLN 981  ? NE2 ? A GLN 3   NE2 
7  1 Y 1 A LYS 1004 ? CD  ? A LYS 26  CD  
8  1 Y 1 A LYS 1004 ? CE  ? A LYS 26  CE  
9  1 Y 1 A LYS 1004 ? NZ  ? A LYS 26  NZ  
10 1 Y 1 A ARG 1007 ? NE  ? A ARG 29  NE  
11 1 Y 1 A ARG 1007 ? CZ  ? A ARG 29  CZ  
12 1 Y 1 A ARG 1007 ? NH1 ? A ARG 29  NH1 
13 1 Y 1 A ARG 1007 ? NH2 ? A ARG 29  NH2 
14 1 Y 1 A LYS 1011 ? CE  ? A LYS 33  CE  
15 1 Y 1 A LYS 1011 ? NZ  ? A LYS 33  NZ  
16 1 Y 1 A ASP 1016 ? CG  ? A ASP 38  CG  
17 1 Y 1 A ASP 1016 ? OD1 ? A ASP 38  OD1 
18 1 Y 1 A ASP 1016 ? OD2 ? A ASP 38  OD2 
19 1 Y 1 A GLU 1017 ? CG  ? A GLU 39  CG  
20 1 Y 1 A GLU 1017 ? CD  ? A GLU 39  CD  
21 1 Y 1 A GLU 1017 ? OE1 ? A GLU 39  OE1 
22 1 Y 1 A GLU 1017 ? OE2 ? A GLU 39  OE2 
23 1 Y 1 A THR 1023 ? OG1 ? A THR 45  OG1 
24 1 Y 1 A THR 1023 ? CG2 ? A THR 45  CG2 
25 1 Y 1 A LYS 1047 ? CE  ? A LYS 69  CE  
26 1 Y 1 A LYS 1047 ? NZ  ? A LYS 69  NZ  
27 1 Y 1 A GLU 1095 ? CG  ? A GLU 117 CG  
28 1 Y 1 A GLU 1095 ? CD  ? A GLU 117 CD  
29 1 Y 1 A GLU 1095 ? OE1 ? A GLU 117 OE1 
30 1 Y 1 A GLU 1095 ? OE2 ? A GLU 117 OE2 
# 
loop_
_software.citation_id 
_software.classification 
_software.compiler_name 
_software.compiler_version 
_software.contact_author 
_software.contact_author_email 
_software.date 
_software.description 
_software.dependencies 
_software.hardware 
_software.language 
_software.location 
_software.mods 
_software.name 
_software.os 
_software.os_version 
_software.type 
_software.version 
_software.pdbx_ordinal 
? refinement       ? ? ? ? ? ? ? ? ? ? ? PHENIX ? ? ? '(1.14_3211: ???)' 1 
? 'data reduction' ? ? ? ? ? ? ? ? ? ? ? XDS    ? ? ? .                  2 
? 'data scaling'   ? ? ? ? ? ? ? ? ? ? ? XDS    ? ? ? .                  3 
? phasing          ? ? ? ? ? ? ? ? ? ? ? PHASER ? ? ? .                  4 
# 
_cell.angle_alpha                  90.00 
_cell.angle_alpha_esd              ? 
_cell.angle_beta                   90.00 
_cell.angle_beta_esd               ? 
_cell.angle_gamma                  120.00 
_cell.angle_gamma_esd              ? 
_cell.entry_id                     6HI7 
_cell.details                      ? 
_cell.formula_units_Z              ? 
_cell.length_a                     80.516 
_cell.length_a_esd                 ? 
_cell.length_b                     80.516 
_cell.length_b_esd                 ? 
_cell.length_c                     137.850 
_cell.length_c_esd                 ? 
_cell.volume                       ? 
_cell.volume_esd                   ? 
_cell.Z_PDB                        12 
_cell.reciprocal_angle_alpha       ? 
_cell.reciprocal_angle_beta        ? 
_cell.reciprocal_angle_gamma       ? 
_cell.reciprocal_angle_alpha_esd   ? 
_cell.reciprocal_angle_beta_esd    ? 
_cell.reciprocal_angle_gamma_esd   ? 
_cell.reciprocal_length_a          ? 
_cell.reciprocal_length_b          ? 
_cell.reciprocal_length_c          ? 
_cell.reciprocal_length_a_esd      ? 
_cell.reciprocal_length_b_esd      ? 
_cell.reciprocal_length_c_esd      ? 
_cell.pdbx_unique_axis             ? 
# 
_symmetry.entry_id                         6HI7 
_symmetry.cell_setting                     ? 
_symmetry.Int_Tables_number                179 
_symmetry.space_group_name_Hall            ? 
_symmetry.space_group_name_H-M             'P 65 2 2' 
_symmetry.pdbx_full_space_group_name_H-M   ? 
# 
_exptl.absorpt_coefficient_mu     ? 
_exptl.absorpt_correction_T_max   ? 
_exptl.absorpt_correction_T_min   ? 
_exptl.absorpt_correction_type    ? 
_exptl.absorpt_process_details    ? 
_exptl.entry_id                   6HI7 
_exptl.crystals_number            1 
_exptl.details                    ? 
_exptl.method                     'X-RAY DIFFRACTION' 
_exptl.method_details             ? 
# 
_exptl_crystal.colour                      ? 
_exptl_crystal.density_diffrn              ? 
_exptl_crystal.density_Matthews            ? 
_exptl_crystal.density_method              ? 
_exptl_crystal.density_percent_sol         ? 
_exptl_crystal.description                 ? 
_exptl_crystal.F_000                       ? 
_exptl_crystal.id                          1 
_exptl_crystal.preparation                 ? 
_exptl_crystal.size_max                    ? 
_exptl_crystal.size_mid                    ? 
_exptl_crystal.size_min                    ? 
_exptl_crystal.size_rad                    ? 
_exptl_crystal.colour_lustre               ? 
_exptl_crystal.colour_modifier             ? 
_exptl_crystal.colour_primary              ? 
_exptl_crystal.density_meas                ? 
_exptl_crystal.density_meas_esd            ? 
_exptl_crystal.density_meas_gt             ? 
_exptl_crystal.density_meas_lt             ? 
_exptl_crystal.density_meas_temp           ? 
_exptl_crystal.density_meas_temp_esd       ? 
_exptl_crystal.density_meas_temp_gt        ? 
_exptl_crystal.density_meas_temp_lt        ? 
_exptl_crystal.pdbx_crystal_image_url      ? 
_exptl_crystal.pdbx_crystal_image_format   ? 
_exptl_crystal.pdbx_mosaicity              ? 
_exptl_crystal.pdbx_mosaicity_esd          ? 
# 
_exptl_crystal_grow.apparatus       ? 
_exptl_crystal_grow.atmosphere      ? 
_exptl_crystal_grow.crystal_id      1 
_exptl_crystal_grow.details         ? 
_exptl_crystal_grow.method          'VAPOR DIFFUSION, HANGING DROP' 
_exptl_crystal_grow.method_ref      ? 
_exptl_crystal_grow.pH              5.5 
_exptl_crystal_grow.pressure        ? 
_exptl_crystal_grow.pressure_esd    ? 
_exptl_crystal_grow.seeding         ? 
_exptl_crystal_grow.seeding_ref     ? 
_exptl_crystal_grow.temp            277 
_exptl_crystal_grow.temp_details    ? 
_exptl_crystal_grow.temp_esd        ? 
_exptl_crystal_grow.time            ? 
_exptl_crystal_grow.pdbx_details    '2M (NH4)2SO4, 0.1M Bis-Tris pH 5.5' 
_exptl_crystal_grow.pdbx_pH_range   ? 
# 
_diffrn.ambient_environment              ? 
_diffrn.ambient_temp                     100 
_diffrn.ambient_temp_details             ? 
_diffrn.ambient_temp_esd                 ? 
_diffrn.crystal_id                       1 
_diffrn.crystal_support                  ? 
_diffrn.crystal_treatment                ? 
_diffrn.details                          ? 
_diffrn.id                               1 
_diffrn.ambient_pressure                 ? 
_diffrn.ambient_pressure_esd             ? 
_diffrn.ambient_pressure_gt              ? 
_diffrn.ambient_pressure_lt              ? 
_diffrn.ambient_temp_gt                  ? 
_diffrn.ambient_temp_lt                  ? 
_diffrn.pdbx_serial_crystal_experiment   ? 
# 
_diffrn_detector.details                      ? 
_diffrn_detector.detector                     PIXEL 
_diffrn_detector.diffrn_id                    1 
_diffrn_detector.type                         'DECTRIS EIGER X 16M' 
_diffrn_detector.area_resol_mean              ? 
_diffrn_detector.dtime                        ? 
_diffrn_detector.pdbx_frames_total            ? 
_diffrn_detector.pdbx_collection_time_total   ? 
_diffrn_detector.pdbx_collection_date         2016-11-14 
_diffrn_detector.pdbx_frequency               ? 
# 
_diffrn_radiation.collimation                      ? 
_diffrn_radiation.diffrn_id                        1 
_diffrn_radiation.filter_edge                      ? 
_diffrn_radiation.inhomogeneity                    ? 
_diffrn_radiation.monochromator                    ? 
_diffrn_radiation.polarisn_norm                    ? 
_diffrn_radiation.polarisn_ratio                   ? 
_diffrn_radiation.probe                            ? 
_diffrn_radiation.type                             ? 
_diffrn_radiation.xray_symbol                      ? 
_diffrn_radiation.wavelength_id                    1 
_diffrn_radiation.pdbx_monochromatic_or_laue_m_l   M 
_diffrn_radiation.pdbx_wavelength_list             ? 
_diffrn_radiation.pdbx_wavelength                  ? 
_diffrn_radiation.pdbx_diffrn_protocol             'SINGLE WAVELENGTH' 
_diffrn_radiation.pdbx_analyzer                    ? 
_diffrn_radiation.pdbx_scattering_type             x-ray 
# 
_diffrn_radiation_wavelength.id           1 
_diffrn_radiation_wavelength.wavelength   0.999870 
_diffrn_radiation_wavelength.wt           1.0 
# 
_diffrn_source.current                     ? 
_diffrn_source.details                     ? 
_diffrn_source.diffrn_id                   1 
_diffrn_source.power                       ? 
_diffrn_source.size                        ? 
_diffrn_source.source                      SYNCHROTRON 
_diffrn_source.target                      ? 
_diffrn_source.type                        'SLS BEAMLINE X06SA' 
_diffrn_source.voltage                     ? 
_diffrn_source.take-off_angle              ? 
_diffrn_source.pdbx_wavelength_list        0.999870 
_diffrn_source.pdbx_wavelength             ? 
_diffrn_source.pdbx_synchrotron_beamline   X06SA 
_diffrn_source.pdbx_synchrotron_site       SLS 
# 
_reflns.B_iso_Wilson_estimate            ? 
_reflns.entry_id                         6HI7 
_reflns.data_reduction_details           ? 
_reflns.data_reduction_method            ? 
_reflns.d_resolution_high                1.74 
_reflns.d_resolution_low                 49.019 
_reflns.details                          ? 
_reflns.limit_h_max                      ? 
_reflns.limit_h_min                      ? 
_reflns.limit_k_max                      ? 
_reflns.limit_k_min                      ? 
_reflns.limit_l_max                      ? 
_reflns.limit_l_min                      ? 
_reflns.number_all                       ? 
_reflns.number_obs                       50938 
_reflns.observed_criterion               ? 
_reflns.observed_criterion_F_max         ? 
_reflns.observed_criterion_F_min         ? 
_reflns.observed_criterion_I_max         ? 
_reflns.observed_criterion_I_min         ? 
_reflns.observed_criterion_sigma_F       ? 
_reflns.observed_criterion_sigma_I       ? 
_reflns.percent_possible_obs             99.7 
_reflns.R_free_details                   ? 
_reflns.Rmerge_F_all                     ? 
_reflns.Rmerge_F_obs                     ? 
_reflns.Friedel_coverage                 ? 
_reflns.number_gt                        ? 
_reflns.threshold_expression             ? 
_reflns.pdbx_redundancy                  10.41 
_reflns.pdbx_Rmerge_I_obs                ? 
_reflns.pdbx_Rmerge_I_all                ? 
_reflns.pdbx_Rsym_value                  ? 
_reflns.pdbx_netI_over_av_sigmaI         ? 
_reflns.pdbx_netI_over_sigmaI            21.66 
_reflns.pdbx_res_netI_over_av_sigmaI_2   ? 
_reflns.pdbx_res_netI_over_sigmaI_2      ? 
_reflns.pdbx_chi_squared                 ? 
_reflns.pdbx_scaling_rejects             ? 
_reflns.pdbx_d_res_high_opt              ? 
_reflns.pdbx_d_res_low_opt               ? 
_reflns.pdbx_d_res_opt_method            ? 
_reflns.phase_calculation_details        ? 
_reflns.pdbx_Rrim_I_all                  0.059 
_reflns.pdbx_Rpim_I_all                  ? 
_reflns.pdbx_d_opt                       ? 
_reflns.pdbx_number_measured_all         ? 
_reflns.pdbx_diffrn_id                   1 
_reflns.pdbx_ordinal                     1 
_reflns.pdbx_CC_half                     1 
_reflns.pdbx_R_split                     ? 
# 
_reflns_shell.d_res_high                  1.74 
_reflns_shell.d_res_low                   1.85 
_reflns_shell.meanI_over_sigI_all         ? 
_reflns_shell.meanI_over_sigI_obs         1.31 
_reflns_shell.number_measured_all         ? 
_reflns_shell.number_measured_obs         ? 
_reflns_shell.number_possible             ? 
_reflns_shell.number_unique_all           ? 
_reflns_shell.number_unique_obs           8125 
_reflns_shell.percent_possible_all        98.5 
_reflns_shell.percent_possible_obs        ? 
_reflns_shell.Rmerge_F_all                ? 
_reflns_shell.Rmerge_F_obs                ? 
_reflns_shell.Rmerge_I_all                ? 
_reflns_shell.Rmerge_I_obs                ? 
_reflns_shell.meanI_over_sigI_gt          ? 
_reflns_shell.meanI_over_uI_all           ? 
_reflns_shell.meanI_over_uI_gt            ? 
_reflns_shell.number_measured_gt          ? 
_reflns_shell.number_unique_gt            ? 
_reflns_shell.percent_possible_gt         ? 
_reflns_shell.Rmerge_F_gt                 ? 
_reflns_shell.Rmerge_I_gt                 ? 
_reflns_shell.pdbx_redundancy             10.31 
_reflns_shell.pdbx_Rsym_value             ? 
_reflns_shell.pdbx_chi_squared            ? 
_reflns_shell.pdbx_netI_over_sigmaI_all   ? 
_reflns_shell.pdbx_netI_over_sigmaI_obs   ? 
_reflns_shell.pdbx_Rrim_I_all             1.78 
_reflns_shell.pdbx_Rpim_I_all             ? 
_reflns_shell.pdbx_rejects                ? 
_reflns_shell.pdbx_ordinal                1 
_reflns_shell.pdbx_diffrn_id              1 
_reflns_shell.pdbx_CC_half                0.606 
_reflns_shell.pdbx_R_split                ? 
# 
_refine.aniso_B[1][1]                            ? 
_refine.aniso_B[1][2]                            ? 
_refine.aniso_B[1][3]                            ? 
_refine.aniso_B[2][2]                            ? 
_refine.aniso_B[2][3]                            ? 
_refine.aniso_B[3][3]                            ? 
_refine.B_iso_max                                ? 
_refine.B_iso_mean                               ? 
_refine.B_iso_min                                ? 
_refine.correlation_coeff_Fo_to_Fc               ? 
_refine.correlation_coeff_Fo_to_Fc_free          ? 
_refine.details                                  ? 
_refine.diff_density_max                         ? 
_refine.diff_density_max_esd                     ? 
_refine.diff_density_min                         ? 
_refine.diff_density_min_esd                     ? 
_refine.diff_density_rms                         ? 
_refine.diff_density_rms_esd                     ? 
_refine.entry_id                                 6HI7 
_refine.pdbx_refine_id                           'X-RAY DIFFRACTION' 
_refine.ls_abs_structure_details                 ? 
_refine.ls_abs_structure_Flack                   ? 
_refine.ls_abs_structure_Flack_esd               ? 
_refine.ls_abs_structure_Rogers                  ? 
_refine.ls_abs_structure_Rogers_esd              ? 
_refine.ls_d_res_high                            1.743 
_refine.ls_d_res_low                             49.019 
_refine.ls_extinction_coef                       ? 
_refine.ls_extinction_coef_esd                   ? 
_refine.ls_extinction_expression                 ? 
_refine.ls_extinction_method                     ? 
_refine.ls_goodness_of_fit_all                   ? 
_refine.ls_goodness_of_fit_all_esd               ? 
_refine.ls_goodness_of_fit_obs                   ? 
_refine.ls_goodness_of_fit_obs_esd               ? 
_refine.ls_hydrogen_treatment                    ? 
_refine.ls_matrix_type                           ? 
_refine.ls_number_constraints                    ? 
_refine.ls_number_parameters                     ? 
_refine.ls_number_reflns_all                     ? 
_refine.ls_number_reflns_obs                     50880 
_refine.ls_number_reflns_R_free                  2528 
_refine.ls_number_reflns_R_work                  ? 
_refine.ls_number_restraints                     ? 
_refine.ls_percent_reflns_obs                    99.75 
_refine.ls_percent_reflns_R_free                 4.97 
_refine.ls_R_factor_all                          ? 
_refine.ls_R_factor_obs                          0.1948 
_refine.ls_R_factor_R_free                       0.2152 
_refine.ls_R_factor_R_free_error                 ? 
_refine.ls_R_factor_R_free_error_details         ? 
_refine.ls_R_factor_R_work                       0.1937 
_refine.ls_R_Fsqd_factor_obs                     ? 
_refine.ls_R_I_factor_obs                        ? 
_refine.ls_redundancy_reflns_all                 ? 
_refine.ls_redundancy_reflns_obs                 ? 
_refine.ls_restrained_S_all                      ? 
_refine.ls_restrained_S_obs                      ? 
_refine.ls_shift_over_esd_max                    ? 
_refine.ls_shift_over_esd_mean                   ? 
_refine.ls_structure_factor_coef                 ? 
_refine.ls_weighting_details                     ? 
_refine.ls_weighting_scheme                      ? 
_refine.ls_wR_factor_all                         ? 
_refine.ls_wR_factor_obs                         ? 
_refine.ls_wR_factor_R_free                      ? 
_refine.ls_wR_factor_R_work                      ? 
_refine.occupancy_max                            ? 
_refine.occupancy_min                            ? 
_refine.solvent_model_details                    ? 
_refine.solvent_model_param_bsol                 ? 
_refine.solvent_model_param_ksol                 ? 
_refine.ls_R_factor_gt                           ? 
_refine.ls_goodness_of_fit_gt                    ? 
_refine.ls_goodness_of_fit_ref                   ? 
_refine.ls_shift_over_su_max                     ? 
_refine.ls_shift_over_su_max_lt                  ? 
_refine.ls_shift_over_su_mean                    ? 
_refine.ls_shift_over_su_mean_lt                 ? 
_refine.pdbx_ls_sigma_I                          ? 
_refine.pdbx_ls_sigma_F                          1.35 
_refine.pdbx_ls_sigma_Fsqd                       ? 
_refine.pdbx_data_cutoff_high_absF               ? 
_refine.pdbx_data_cutoff_high_rms_absF           ? 
_refine.pdbx_data_cutoff_low_absF                ? 
_refine.pdbx_isotropic_thermal_model             ? 
_refine.pdbx_ls_cross_valid_method               'FREE R-VALUE' 
_refine.pdbx_method_to_determine_struct          'MOLECULAR REPLACEMENT' 
_refine.pdbx_starting_model                      5F36 
_refine.pdbx_stereochemistry_target_values       ? 
_refine.pdbx_R_Free_selection_details            ? 
_refine.pdbx_stereochem_target_val_spec_case     ? 
_refine.pdbx_overall_ESU_R                       ? 
_refine.pdbx_overall_ESU_R_Free                  ? 
_refine.pdbx_solvent_vdw_probe_radii             1.11 
_refine.pdbx_solvent_ion_probe_radii             ? 
_refine.pdbx_solvent_shrinkage_radii             0.90 
_refine.pdbx_real_space_R                        ? 
_refine.pdbx_density_correlation                 ? 
_refine.pdbx_pd_number_of_powder_patterns        ? 
_refine.pdbx_pd_number_of_points                 ? 
_refine.pdbx_pd_meas_number_of_points            ? 
_refine.pdbx_pd_proc_ls_prof_R_factor            ? 
_refine.pdbx_pd_proc_ls_prof_wR_factor           ? 
_refine.pdbx_pd_Marquardt_correlation_coeff      ? 
_refine.pdbx_pd_Fsqrd_R_factor                   ? 
_refine.pdbx_pd_ls_matrix_band_width             ? 
_refine.pdbx_overall_phase_error                 21.53 
_refine.pdbx_overall_SU_R_free_Cruickshank_DPI   ? 
_refine.pdbx_overall_SU_R_free_Blow_DPI          ? 
_refine.pdbx_overall_SU_R_Blow_DPI               ? 
_refine.pdbx_TLS_residual_ADP_flag               ? 
_refine.pdbx_diffrn_id                           1 
_refine.overall_SU_B                             ? 
_refine.overall_SU_ML                            0.26 
_refine.overall_SU_R_Cruickshank_DPI             ? 
_refine.overall_SU_R_free                        ? 
_refine.overall_FOM_free_R_set                   ? 
_refine.overall_FOM_work_R_set                   ? 
_refine.pdbx_average_fsc_overall                 ? 
_refine.pdbx_average_fsc_work                    ? 
_refine.pdbx_average_fsc_free                    ? 
# 
_refine_hist.pdbx_refine_id                   'X-RAY DIFFRACTION' 
_refine_hist.cycle_id                         LAST 
_refine_hist.pdbx_number_atoms_protein        1054 
_refine_hist.pdbx_number_atoms_nucleic_acid   0 
_refine_hist.pdbx_number_atoms_ligand         31 
_refine_hist.number_atoms_solvent             152 
_refine_hist.number_atoms_total               1237 
_refine_hist.d_res_high                       1.743 
_refine_hist.d_res_low                        49.019 
# 
loop_
_refine_ls_restr.pdbx_refine_id 
_refine_ls_restr.criterion 
_refine_ls_restr.dev_ideal 
_refine_ls_restr.dev_ideal_target 
_refine_ls_restr.number 
_refine_ls_restr.rejects 
_refine_ls_restr.type 
_refine_ls_restr.weight 
_refine_ls_restr.pdbx_restraint_function 
'X-RAY DIFFRACTION' ? 0.007 ? 1119 ? f_bond_d           ? ? 
'X-RAY DIFFRACTION' ? 1.020 ? 1523 ? f_angle_d          ? ? 
'X-RAY DIFFRACTION' ? 6.865 ? 959  ? f_dihedral_angle_d ? ? 
'X-RAY DIFFRACTION' ? 0.045 ? 172  ? f_chiral_restr     ? ? 
'X-RAY DIFFRACTION' ? 0.004 ? 199  ? f_plane_restr      ? ? 
# 
loop_
_refine_ls_shell.pdbx_refine_id 
_refine_ls_shell.d_res_high 
_refine_ls_shell.d_res_low 
_refine_ls_shell.number_reflns_all 
_refine_ls_shell.number_reflns_obs 
_refine_ls_shell.number_reflns_R_free 
_refine_ls_shell.number_reflns_R_work 
_refine_ls_shell.percent_reflns_obs 
_refine_ls_shell.percent_reflns_R_free 
_refine_ls_shell.R_factor_all 
_refine_ls_shell.R_factor_obs 
_refine_ls_shell.R_factor_R_free 
_refine_ls_shell.R_factor_R_free_error 
_refine_ls_shell.R_factor_R_work 
_refine_ls_shell.redundancy_reflns_all 
_refine_ls_shell.redundancy_reflns_obs 
_refine_ls_shell.wR_factor_all 
_refine_ls_shell.wR_factor_obs 
_refine_ls_shell.wR_factor_R_free 
_refine_ls_shell.wR_factor_R_work 
_refine_ls_shell.pdbx_total_number_of_bins_used 
_refine_ls_shell.pdbx_phase_error 
_refine_ls_shell.pdbx_fsc_work 
_refine_ls_shell.pdbx_fsc_free 
'X-RAY DIFFRACTION' 1.7434 1.7770  . . 133 2573 96.00  . . . 0.4051 . 0.3650 . . . . . . . . . . 
'X-RAY DIFFRACTION' 1.7770 1.8132  . . 142 2704 100.00 . . . 0.3450 . 0.3462 . . . . . . . . . . 
'X-RAY DIFFRACTION' 1.8132 1.8527  . . 138 2686 100.00 . . . 0.3345 . 0.3178 . . . . . . . . . . 
'X-RAY DIFFRACTION' 1.8527 1.8958  . . 137 2686 100.00 . . . 0.2935 . 0.2975 . . . . . . . . . . 
'X-RAY DIFFRACTION' 1.8958 1.9432  . . 150 2694 100.00 . . . 0.2927 . 0.3005 . . . . . . . . . . 
'X-RAY DIFFRACTION' 1.9432 1.9957  . . 143 2697 100.00 . . . 0.2729 . 0.2487 . . . . . . . . . . 
'X-RAY DIFFRACTION' 1.9957 2.0545  . . 138 2676 100.00 . . . 0.2354 . 0.2299 . . . . . . . . . . 
'X-RAY DIFFRACTION' 2.0545 2.1208  . . 138 2715 100.00 . . . 0.2726 . 0.2137 . . . . . . . . . . 
'X-RAY DIFFRACTION' 2.1208 2.1966  . . 139 2665 100.00 . . . 0.2351 . 0.2137 . . . . . . . . . . 
'X-RAY DIFFRACTION' 2.1966 2.2845  . . 144 2713 100.00 . . . 0.2278 . 0.2061 . . . . . . . . . . 
'X-RAY DIFFRACTION' 2.2845 2.3885  . . 142 2670 100.00 . . . 0.2927 . 0.2046 . . . . . . . . . . 
'X-RAY DIFFRACTION' 2.3885 2.5144  . . 135 2713 100.00 . . . 0.2052 . 0.2053 . . . . . . . . . . 
'X-RAY DIFFRACTION' 2.5144 2.6719  . . 142 2698 100.00 . . . 0.2163 . 0.1996 . . . . . . . . . . 
'X-RAY DIFFRACTION' 2.6719 2.8782  . . 139 2696 100.00 . . . 0.2445 . 0.1954 . . . . . . . . . . 
'X-RAY DIFFRACTION' 2.8782 3.1678  . . 146 2676 100.00 . . . 0.2255 . 0.1935 . . . . . . . . . . 
'X-RAY DIFFRACTION' 3.1678 3.6261  . . 146 2694 100.00 . . . 0.1554 . 0.1728 . . . . . . . . . . 
'X-RAY DIFFRACTION' 3.6261 4.5679  . . 136 2690 100.00 . . . 0.1804 . 0.1562 . . . . . . . . . . 
'X-RAY DIFFRACTION' 4.5679 49.0384 . . 140 2706 100.00 . . . 0.2047 . 0.1809 . . . . . . . . . . 
# 
_struct.entry_id                     6HI7 
_struct.title                        'The ATAD2 bromodomain in complex with compound 10' 
_struct.pdbx_model_details           ? 
_struct.pdbx_formula_weight          ? 
_struct.pdbx_formula_weight_method   ? 
_struct.pdbx_model_type_details      ? 
_struct.pdbx_CASP_flag               N 
# 
_struct_keywords.entry_id        6HI7 
_struct_keywords.text            'Bromodomain, ATAD2, inhibitor, complex, CYTOSOLIC PROTEIN' 
_struct_keywords.pdbx_keywords   'CYTOSOLIC PROTEIN' 
# 
loop_
_struct_asym.id 
_struct_asym.pdbx_blank_PDB_chainid_flag 
_struct_asym.pdbx_modified 
_struct_asym.entity_id 
_struct_asym.details 
A N N 1 ? 
B N N 2 ? 
C N N 2 ? 
D N N 3 ? 
E N N 4 ? 
# 
_struct_ref.entity_id                  1 
_struct_ref.pdbx_db_accession          Q6PL18 
_struct_ref.pdbx_db_isoform            ? 
_struct_ref.pdbx_seq_one_letter_code   
;QEEDTFRELRIFLRNVTHRLAIDKRFRVFTKPVDPDEVPDYVTVIKQPMDLSSVISKIDLHKYLTVKDYLRDIDLICSNA
LEYNPDRDPGDRLIRHRACALRDTAYAIIKEELDEDFEQLCEEIQESR
;
_struct_ref.id                         1 
_struct_ref.pdbx_align_begin           981 
_struct_ref.db_name                    UNP 
_struct_ref.db_code                    ATAD2_HUMAN 
# 
_struct_ref_seq.align_id                      1 
_struct_ref_seq.ref_id                        1 
_struct_ref_seq.pdbx_PDB_id_code              6HI7 
_struct_ref_seq.pdbx_strand_id                A 
_struct_ref_seq.seq_align_beg                 3 
_struct_ref_seq.pdbx_seq_align_beg_ins_code   ? 
_struct_ref_seq.seq_align_end                 130 
_struct_ref_seq.pdbx_seq_align_end_ins_code   ? 
_struct_ref_seq.pdbx_db_accession             Q6PL18 
_struct_ref_seq.db_align_beg                  981 
_struct_ref_seq.pdbx_db_align_beg_ins_code    ? 
_struct_ref_seq.db_align_end                  1108 
_struct_ref_seq.pdbx_db_align_end_ins_code    ? 
_struct_ref_seq.pdbx_auth_seq_align_beg       981 
_struct_ref_seq.pdbx_auth_seq_align_end       1108 
# 
loop_
_struct_ref_seq_dif.align_id 
_struct_ref_seq_dif.pdbx_pdb_id_code 
_struct_ref_seq_dif.mon_id 
_struct_ref_seq_dif.pdbx_pdb_strand_id 
_struct_ref_seq_dif.seq_num 
_struct_ref_seq_dif.pdbx_pdb_ins_code 
_struct_ref_seq_dif.pdbx_seq_db_name 
_struct_ref_seq_dif.pdbx_seq_db_accession_code 
_struct_ref_seq_dif.db_mon_id 
_struct_ref_seq_dif.pdbx_seq_db_seq_num 
_struct_ref_seq_dif.details 
_struct_ref_seq_dif.pdbx_auth_seq_num 
_struct_ref_seq_dif.pdbx_ordinal 
1 6HDN SER A 1 ? UNP Q6PL18 ? ? 'expression tag' 979 1 
1 6HDN MET A 2 ? UNP Q6PL18 ? ? 'expression tag' 980 2 
# 
_pdbx_struct_assembly.id                   1 
_pdbx_struct_assembly.details              author_and_software_defined_assembly 
_pdbx_struct_assembly.method_details       PISA 
_pdbx_struct_assembly.oligomeric_details   monomeric 
_pdbx_struct_assembly.oligomeric_count     1 
# 
loop_
_pdbx_struct_assembly_prop.biol_id 
_pdbx_struct_assembly_prop.type 
_pdbx_struct_assembly_prop.value 
_pdbx_struct_assembly_prop.details 
1 'ABSA (A^2)' 260  ? 
1 MORE         -18  ? 
1 'SSA (A^2)'  7900 ? 
# 
_pdbx_struct_assembly_gen.assembly_id       1 
_pdbx_struct_assembly_gen.oper_expression   1 
_pdbx_struct_assembly_gen.asym_id_list      A,B,C,D,E 
# 
_pdbx_struct_assembly_auth_evidence.id                     1 
_pdbx_struct_assembly_auth_evidence.assembly_id            1 
_pdbx_struct_assembly_auth_evidence.experimental_support   'gel filtration' 
_pdbx_struct_assembly_auth_evidence.details                ? 
# 
_pdbx_struct_oper_list.id                   1 
_pdbx_struct_oper_list.type                 'identity operation' 
_pdbx_struct_oper_list.name                 1_555 
_pdbx_struct_oper_list.symmetry_operation   x,y,z 
_pdbx_struct_oper_list.matrix[1][1]         1.0000000000 
_pdbx_struct_oper_list.matrix[1][2]         0.0000000000 
_pdbx_struct_oper_list.matrix[1][3]         0.0000000000 
_pdbx_struct_oper_list.vector[1]            0.0000000000 
_pdbx_struct_oper_list.matrix[2][1]         0.0000000000 
_pdbx_struct_oper_list.matrix[2][2]         1.0000000000 
_pdbx_struct_oper_list.matrix[2][3]         0.0000000000 
_pdbx_struct_oper_list.vector[2]            0.0000000000 
_pdbx_struct_oper_list.matrix[3][1]         0.0000000000 
_pdbx_struct_oper_list.matrix[3][2]         0.0000000000 
_pdbx_struct_oper_list.matrix[3][3]         1.0000000000 
_pdbx_struct_oper_list.vector[3]            0.0000000000 
# 
loop_
_struct_conf.conf_type_id 
_struct_conf.id 
_struct_conf.pdbx_PDB_helix_id 
_struct_conf.beg_label_comp_id 
_struct_conf.beg_label_asym_id 
_struct_conf.beg_label_seq_id 
_struct_conf.pdbx_beg_PDB_ins_code 
_struct_conf.end_label_comp_id 
_struct_conf.end_label_asym_id 
_struct_conf.end_label_seq_id 
_struct_conf.pdbx_end_PDB_ins_code 
_struct_conf.beg_auth_comp_id 
_struct_conf.beg_auth_asym_id 
_struct_conf.beg_auth_seq_id 
_struct_conf.end_auth_comp_id 
_struct_conf.end_auth_asym_id 
_struct_conf.end_auth_seq_id 
_struct_conf.pdbx_PDB_helix_class 
_struct_conf.details 
_struct_conf.pdbx_PDB_helix_length 
HELX_P HELX_P1 AA1 SER A 1   ? ILE A 24  ? SER A 979  ILE A 1002 1 ? 24 
HELX_P HELX_P2 AA2 ASP A 25  ? THR A 32  ? ASP A 1003 THR A 1010 5 ? 8  
HELX_P HELX_P3 AA3 ASP A 42  ? ILE A 47  ? ASP A 1020 ILE A 1025 1 ? 6  
HELX_P HELX_P4 AA4 ASP A 52  ? LEU A 62  ? ASP A 1030 LEU A 1040 1 ? 11 
HELX_P HELX_P5 AA5 THR A 67  ? ASN A 86  ? THR A 1045 ASN A 1064 1 ? 20 
HELX_P HELX_P6 AA6 ASP A 90  ? LEU A 115 ? ASP A 1068 LEU A 1093 1 ? 26 
HELX_P HELX_P7 AA7 ASP A 116 ? SER A 129 ? ASP A 1094 SER A 1107 1 ? 14 
# 
_struct_conf_type.id          HELX_P 
_struct_conf_type.criteria    ? 
_struct_conf_type.reference   ? 
# 
loop_
_struct_site.id 
_struct_site.pdbx_evidence_code 
_struct_site.pdbx_auth_asym_id 
_struct_site.pdbx_auth_comp_id 
_struct_site.pdbx_auth_seq_id 
_struct_site.pdbx_auth_ins_code 
_struct_site.pdbx_num_residues 
_struct_site.details 
AC1 Software A SO4 1201 ? 6 'binding site for residue SO4 A 1201' 
AC2 Software A SO4 1202 ? 1 'binding site for residue SO4 A 1202' 
AC3 Software A G6B 1203 ? 5 'binding site for residue G6B A 1203' 
# 
loop_
_struct_site_gen.id 
_struct_site_gen.site_id 
_struct_site_gen.pdbx_num_res 
_struct_site_gen.label_comp_id 
_struct_site_gen.label_asym_id 
_struct_site_gen.label_seq_id 
_struct_site_gen.pdbx_auth_ins_code 
_struct_site_gen.auth_comp_id 
_struct_site_gen.auth_asym_id 
_struct_site_gen.auth_seq_id 
_struct_site_gen.label_atom_id 
_struct_site_gen.label_alt_id 
_struct_site_gen.symmetry 
_struct_site_gen.details 
1  AC1 6 ARG A 9  ? ARG A 987  . ? 5_455 ? 
2  AC1 6 ARG A 12 ? ARG A 990  . ? 5_455 ? 
3  AC1 6 ARG A 16 ? ARG A 994  . ? 5_455 ? 
4  AC1 6 ARG A 89 ? ARG A 1067 . ? 1_555 ? 
5  AC1 6 ARG A 94 ? ARG A 1072 . ? 1_555 ? 
6  AC1 6 HOH E .  ? HOH A 1388 . ? 1_555 ? 
7  AC2 1 HOH E .  ? HOH A 1328 . ? 1_555 ? 
8  AC3 5 VAL A 30 ? VAL A 1008 . ? 1_555 ? 
9  AC3 5 TYR A 85 ? TYR A 1063 . ? 1_555 ? 
10 AC3 5 ASN A 86 ? ASN A 1064 . ? 1_555 ? 
11 AC3 5 ASP A 93 ? ASP A 1071 . ? 1_555 ? 
12 AC3 5 HOH E .  ? HOH A 1313 . ? 1_555 ? 
# 
loop_
_pdbx_validate_close_contact.id 
_pdbx_validate_close_contact.PDB_model_num 
_pdbx_validate_close_contact.auth_atom_id_1 
_pdbx_validate_close_contact.auth_asym_id_1 
_pdbx_validate_close_contact.auth_comp_id_1 
_pdbx_validate_close_contact.auth_seq_id_1 
_pdbx_validate_close_contact.PDB_ins_code_1 
_pdbx_validate_close_contact.label_alt_id_1 
_pdbx_validate_close_contact.auth_atom_id_2 
_pdbx_validate_close_contact.auth_asym_id_2 
_pdbx_validate_close_contact.auth_comp_id_2 
_pdbx_validate_close_contact.auth_seq_id_2 
_pdbx_validate_close_contact.PDB_ins_code_2 
_pdbx_validate_close_contact.label_alt_id_2 
_pdbx_validate_close_contact.dist 
1 1 NZ  A LYS 1042 ? ? O A HOH 1301 ? ? 2.14 
2 1 O   A HOH 1314 ? ? O A HOH 1411 ? ? 2.14 
3 1 OD2 A ASP 1048 ? ? O A HOH 1302 ? ? 2.15 
4 1 O   A HOH 1408 ? ? O A HOH 1450 ? ? 2.19 
# 
_pdbx_struct_special_symmetry.id              1 
_pdbx_struct_special_symmetry.PDB_model_num   1 
_pdbx_struct_special_symmetry.auth_asym_id    A 
_pdbx_struct_special_symmetry.auth_comp_id    HOH 
_pdbx_struct_special_symmetry.auth_seq_id     1360 
_pdbx_struct_special_symmetry.PDB_ins_code    ? 
_pdbx_struct_special_symmetry.label_asym_id   E 
_pdbx_struct_special_symmetry.label_comp_id   HOH 
_pdbx_struct_special_symmetry.label_seq_id    . 
# 
loop_
_chem_comp_atom.comp_id 
_chem_comp_atom.atom_id 
_chem_comp_atom.type_symbol 
_chem_comp_atom.pdbx_aromatic_flag 
_chem_comp_atom.pdbx_stereo_config 
_chem_comp_atom.pdbx_ordinal 
ALA N    N N N 1   
ALA CA   C N S 2   
ALA C    C N N 3   
ALA O    O N N 4   
ALA CB   C N N 5   
ALA OXT  O N N 6   
ALA H    H N N 7   
ALA H2   H N N 8   
ALA HA   H N N 9   
ALA HB1  H N N 10  
ALA HB2  H N N 11  
ALA HB3  H N N 12  
ALA HXT  H N N 13  
ARG N    N N N 14  
ARG CA   C N S 15  
ARG C    C N N 16  
ARG O    O N N 17  
ARG CB   C N N 18  
ARG CG   C N N 19  
ARG CD   C N N 20  
ARG NE   N N N 21  
ARG CZ   C N N 22  
ARG NH1  N N N 23  
ARG NH2  N N N 24  
ARG OXT  O N N 25  
ARG H    H N N 26  
ARG H2   H N N 27  
ARG HA   H N N 28  
ARG HB2  H N N 29  
ARG HB3  H N N 30  
ARG HG2  H N N 31  
ARG HG3  H N N 32  
ARG HD2  H N N 33  
ARG HD3  H N N 34  
ARG HE   H N N 35  
ARG HH11 H N N 36  
ARG HH12 H N N 37  
ARG HH21 H N N 38  
ARG HH22 H N N 39  
ARG HXT  H N N 40  
ASN N    N N N 41  
ASN CA   C N S 42  
ASN C    C N N 43  
ASN O    O N N 44  
ASN CB   C N N 45  
ASN CG   C N N 46  
ASN OD1  O N N 47  
ASN ND2  N N N 48  
ASN OXT  O N N 49  
ASN H    H N N 50  
ASN H2   H N N 51  
ASN HA   H N N 52  
ASN HB2  H N N 53  
ASN HB3  H N N 54  
ASN HD21 H N N 55  
ASN HD22 H N N 56  
ASN HXT  H N N 57  
ASP N    N N N 58  
ASP CA   C N S 59  
ASP C    C N N 60  
ASP O    O N N 61  
ASP CB   C N N 62  
ASP CG   C N N 63  
ASP OD1  O N N 64  
ASP OD2  O N N 65  
ASP OXT  O N N 66  
ASP H    H N N 67  
ASP H2   H N N 68  
ASP HA   H N N 69  
ASP HB2  H N N 70  
ASP HB3  H N N 71  
ASP HD2  H N N 72  
ASP HXT  H N N 73  
CYS N    N N N 74  
CYS CA   C N R 75  
CYS C    C N N 76  
CYS O    O N N 77  
CYS CB   C N N 78  
CYS SG   S N N 79  
CYS OXT  O N N 80  
CYS H    H N N 81  
CYS H2   H N N 82  
CYS HA   H N N 83  
CYS HB2  H N N 84  
CYS HB3  H N N 85  
CYS HG   H N N 86  
CYS HXT  H N N 87  
G6B N    N N N 88  
G6B CA   C N R 89  
G6B C    C N N 90  
G6B O    O N N 91  
G6B CB   C N N 92  
G6B CAA  C N N 93  
G6B CAG  C Y N 94  
G6B CAH  C Y N 95  
G6B CAI  C Y N 96  
G6B CAJ  C Y N 97  
G6B CAN  C N N 98  
G6B CAP  C Y N 99  
G6B CAQ  C Y N 100 
G6B CAR  C Y N 101 
G6B CAS  C Y N 102 
G6B CAT  C Y N 103 
G6B NAC  N N N 104 
G6B NAK  N Y N 105 
G6B NAL  N N N 106 
G6B OAE  O N N 107 
G6B SAM  S Y N 108 
G6B H1   H N N 109 
G6B H2   H N N 110 
G6B H4   H N N 111 
G6B H5   H N N 112 
G6B H6   H N N 113 
G6B H7   H N N 114 
G6B H8   H N N 115 
G6B H9   H N N 116 
G6B H10  H N N 117 
G6B H11  H N N 118 
G6B H12  H N N 119 
G6B H13  H N N 120 
G6B H14  H N N 121 
G6B H15  H N N 122 
G6B H16  H N N 123 
G6B H17  H N N 124 
GLN N    N N N 125 
GLN CA   C N S 126 
GLN C    C N N 127 
GLN O    O N N 128 
GLN CB   C N N 129 
GLN CG   C N N 130 
GLN CD   C N N 131 
GLN OE1  O N N 132 
GLN NE2  N N N 133 
GLN OXT  O N N 134 
GLN H    H N N 135 
GLN H2   H N N 136 
GLN HA   H N N 137 
GLN HB2  H N N 138 
GLN HB3  H N N 139 
GLN HG2  H N N 140 
GLN HG3  H N N 141 
GLN HE21 H N N 142 
GLN HE22 H N N 143 
GLN HXT  H N N 144 
GLU N    N N N 145 
GLU CA   C N S 146 
GLU C    C N N 147 
GLU O    O N N 148 
GLU CB   C N N 149 
GLU CG   C N N 150 
GLU CD   C N N 151 
GLU OE1  O N N 152 
GLU OE2  O N N 153 
GLU OXT  O N N 154 
GLU H    H N N 155 
GLU H2   H N N 156 
GLU HA   H N N 157 
GLU HB2  H N N 158 
GLU HB3  H N N 159 
GLU HG2  H N N 160 
GLU HG3  H N N 161 
GLU HE2  H N N 162 
GLU HXT  H N N 163 
GLY N    N N N 164 
GLY CA   C N N 165 
GLY C    C N N 166 
GLY O    O N N 167 
GLY OXT  O N N 168 
GLY H    H N N 169 
GLY H2   H N N 170 
GLY HA2  H N N 171 
GLY HA3  H N N 172 
GLY HXT  H N N 173 
HIS N    N N N 174 
HIS CA   C N S 175 
HIS C    C N N 176 
HIS O    O N N 177 
HIS CB   C N N 178 
HIS CG   C Y N 179 
HIS ND1  N Y N 180 
HIS CD2  C Y N 181 
HIS CE1  C Y N 182 
HIS NE2  N Y N 183 
HIS OXT  O N N 184 
HIS H    H N N 185 
HIS H2   H N N 186 
HIS HA   H N N 187 
HIS HB2  H N N 188 
HIS HB3  H N N 189 
HIS HD1  H N N 190 
HIS HD2  H N N 191 
HIS HE1  H N N 192 
HIS HE2  H N N 193 
HIS HXT  H N N 194 
HOH O    O N N 195 
HOH H1   H N N 196 
HOH H2   H N N 197 
ILE N    N N N 198 
ILE CA   C N S 199 
ILE C    C N N 200 
ILE O    O N N 201 
ILE CB   C N S 202 
ILE CG1  C N N 203 
ILE CG2  C N N 204 
ILE CD1  C N N 205 
ILE OXT  O N N 206 
ILE H    H N N 207 
ILE H2   H N N 208 
ILE HA   H N N 209 
ILE HB   H N N 210 
ILE HG12 H N N 211 
ILE HG13 H N N 212 
ILE HG21 H N N 213 
ILE HG22 H N N 214 
ILE HG23 H N N 215 
ILE HD11 H N N 216 
ILE HD12 H N N 217 
ILE HD13 H N N 218 
ILE HXT  H N N 219 
LEU N    N N N 220 
LEU CA   C N S 221 
LEU C    C N N 222 
LEU O    O N N 223 
LEU CB   C N N 224 
LEU CG   C N N 225 
LEU CD1  C N N 226 
LEU CD2  C N N 227 
LEU OXT  O N N 228 
LEU H    H N N 229 
LEU H2   H N N 230 
LEU HA   H N N 231 
LEU HB2  H N N 232 
LEU HB3  H N N 233 
LEU HG   H N N 234 
LEU HD11 H N N 235 
LEU HD12 H N N 236 
LEU HD13 H N N 237 
LEU HD21 H N N 238 
LEU HD22 H N N 239 
LEU HD23 H N N 240 
LEU HXT  H N N 241 
LYS N    N N N 242 
LYS CA   C N S 243 
LYS C    C N N 244 
LYS O    O N N 245 
LYS CB   C N N 246 
LYS CG   C N N 247 
LYS CD   C N N 248 
LYS CE   C N N 249 
LYS NZ   N N N 250 
LYS OXT  O N N 251 
LYS H    H N N 252 
LYS H2   H N N 253 
LYS HA   H N N 254 
LYS HB2  H N N 255 
LYS HB3  H N N 256 
LYS HG2  H N N 257 
LYS HG3  H N N 258 
LYS HD2  H N N 259 
LYS HD3  H N N 260 
LYS HE2  H N N 261 
LYS HE3  H N N 262 
LYS HZ1  H N N 263 
LYS HZ2  H N N 264 
LYS HZ3  H N N 265 
LYS HXT  H N N 266 
MET N    N N N 267 
MET CA   C N S 268 
MET C    C N N 269 
MET O    O N N 270 
MET CB   C N N 271 
MET CG   C N N 272 
MET SD   S N N 273 
MET CE   C N N 274 
MET OXT  O N N 275 
MET H    H N N 276 
MET H2   H N N 277 
MET HA   H N N 278 
MET HB2  H N N 279 
MET HB3  H N N 280 
MET HG2  H N N 281 
MET HG3  H N N 282 
MET HE1  H N N 283 
MET HE2  H N N 284 
MET HE3  H N N 285 
MET HXT  H N N 286 
PHE N    N N N 287 
PHE CA   C N S 288 
PHE C    C N N 289 
PHE O    O N N 290 
PHE CB   C N N 291 
PHE CG   C Y N 292 
PHE CD1  C Y N 293 
PHE CD2  C Y N 294 
PHE CE1  C Y N 295 
PHE CE2  C Y N 296 
PHE CZ   C Y N 297 
PHE OXT  O N N 298 
PHE H    H N N 299 
PHE H2   H N N 300 
PHE HA   H N N 301 
PHE HB2  H N N 302 
PHE HB3  H N N 303 
PHE HD1  H N N 304 
PHE HD2  H N N 305 
PHE HE1  H N N 306 
PHE HE2  H N N 307 
PHE HZ   H N N 308 
PHE HXT  H N N 309 
PRO N    N N N 310 
PRO CA   C N S 311 
PRO C    C N N 312 
PRO O    O N N 313 
PRO CB   C N N 314 
PRO CG   C N N 315 
PRO CD   C N N 316 
PRO OXT  O N N 317 
PRO H    H N N 318 
PRO HA   H N N 319 
PRO HB2  H N N 320 
PRO HB3  H N N 321 
PRO HG2  H N N 322 
PRO HG3  H N N 323 
PRO HD2  H N N 324 
PRO HD3  H N N 325 
PRO HXT  H N N 326 
SER N    N N N 327 
SER CA   C N S 328 
SER C    C N N 329 
SER O    O N N 330 
SER CB   C N N 331 
SER OG   O N N 332 
SER OXT  O N N 333 
SER H    H N N 334 
SER H2   H N N 335 
SER HA   H N N 336 
SER HB2  H N N 337 
SER HB3  H N N 338 
SER HG   H N N 339 
SER HXT  H N N 340 
SO4 S    S N N 341 
SO4 O1   O N N 342 
SO4 O2   O N N 343 
SO4 O3   O N N 344 
SO4 O4   O N N 345 
THR N    N N N 346 
THR CA   C N S 347 
THR C    C N N 348 
THR O    O N N 349 
THR CB   C N R 350 
THR OG1  O N N 351 
THR CG2  C N N 352 
THR OXT  O N N 353 
THR H    H N N 354 
THR H2   H N N 355 
THR HA   H N N 356 
THR HB   H N N 357 
THR HG1  H N N 358 
THR HG21 H N N 359 
THR HG22 H N N 360 
THR HG23 H N N 361 
THR HXT  H N N 362 
TYR N    N N N 363 
TYR CA   C N S 364 
TYR C    C N N 365 
TYR O    O N N 366 
TYR CB   C N N 367 
TYR CG   C Y N 368 
TYR CD1  C Y N 369 
TYR CD2  C Y N 370 
TYR CE1  C Y N 371 
TYR CE2  C Y N 372 
TYR CZ   C Y N 373 
TYR OH   O N N 374 
TYR OXT  O N N 375 
TYR H    H N N 376 
TYR H2   H N N 377 
TYR HA   H N N 378 
TYR HB2  H N N 379 
TYR HB3  H N N 380 
TYR HD1  H N N 381 
TYR HD2  H N N 382 
TYR HE1  H N N 383 
TYR HE2  H N N 384 
TYR HH   H N N 385 
TYR HXT  H N N 386 
VAL N    N N N 387 
VAL CA   C N S 388 
VAL C    C N N 389 
VAL O    O N N 390 
VAL CB   C N N 391 
VAL CG1  C N N 392 
VAL CG2  C N N 393 
VAL OXT  O N N 394 
VAL H    H N N 395 
VAL H2   H N N 396 
VAL HA   H N N 397 
VAL HB   H N N 398 
VAL HG11 H N N 399 
VAL HG12 H N N 400 
VAL HG13 H N N 401 
VAL HG21 H N N 402 
VAL HG22 H N N 403 
VAL HG23 H N N 404 
VAL HXT  H N N 405 
# 
loop_
_chem_comp_bond.comp_id 
_chem_comp_bond.atom_id_1 
_chem_comp_bond.atom_id_2 
_chem_comp_bond.value_order 
_chem_comp_bond.pdbx_aromatic_flag 
_chem_comp_bond.pdbx_stereo_config 
_chem_comp_bond.pdbx_ordinal 
ALA N   CA   sing N N 1   
ALA N   H    sing N N 2   
ALA N   H2   sing N N 3   
ALA CA  C    sing N N 4   
ALA CA  CB   sing N N 5   
ALA CA  HA   sing N N 6   
ALA C   O    doub N N 7   
ALA C   OXT  sing N N 8   
ALA CB  HB1  sing N N 9   
ALA CB  HB2  sing N N 10  
ALA CB  HB3  sing N N 11  
ALA OXT HXT  sing N N 12  
ARG N   CA   sing N N 13  
ARG N   H    sing N N 14  
ARG N   H2   sing N N 15  
ARG CA  C    sing N N 16  
ARG CA  CB   sing N N 17  
ARG CA  HA   sing N N 18  
ARG C   O    doub N N 19  
ARG C   OXT  sing N N 20  
ARG CB  CG   sing N N 21  
ARG CB  HB2  sing N N 22  
ARG CB  HB3  sing N N 23  
ARG CG  CD   sing N N 24  
ARG CG  HG2  sing N N 25  
ARG CG  HG3  sing N N 26  
ARG CD  NE   sing N N 27  
ARG CD  HD2  sing N N 28  
ARG CD  HD3  sing N N 29  
ARG NE  CZ   sing N N 30  
ARG NE  HE   sing N N 31  
ARG CZ  NH1  sing N N 32  
ARG CZ  NH2  doub N N 33  
ARG NH1 HH11 sing N N 34  
ARG NH1 HH12 sing N N 35  
ARG NH2 HH21 sing N N 36  
ARG NH2 HH22 sing N N 37  
ARG OXT HXT  sing N N 38  
ASN N   CA   sing N N 39  
ASN N   H    sing N N 40  
ASN N   H2   sing N N 41  
ASN CA  C    sing N N 42  
ASN CA  CB   sing N N 43  
ASN CA  HA   sing N N 44  
ASN C   O    doub N N 45  
ASN C   OXT  sing N N 46  
ASN CB  CG   sing N N 47  
ASN CB  HB2  sing N N 48  
ASN CB  HB3  sing N N 49  
ASN CG  OD1  doub N N 50  
ASN CG  ND2  sing N N 51  
ASN ND2 HD21 sing N N 52  
ASN ND2 HD22 sing N N 53  
ASN OXT HXT  sing N N 54  
ASP N   CA   sing N N 55  
ASP N   H    sing N N 56  
ASP N   H2   sing N N 57  
ASP CA  C    sing N N 58  
ASP CA  CB   sing N N 59  
ASP CA  HA   sing N N 60  
ASP C   O    doub N N 61  
ASP C   OXT  sing N N 62  
ASP CB  CG   sing N N 63  
ASP CB  HB2  sing N N 64  
ASP CB  HB3  sing N N 65  
ASP CG  OD1  doub N N 66  
ASP CG  OD2  sing N N 67  
ASP OD2 HD2  sing N N 68  
ASP OXT HXT  sing N N 69  
CYS N   CA   sing N N 70  
CYS N   H    sing N N 71  
CYS N   H2   sing N N 72  
CYS CA  C    sing N N 73  
CYS CA  CB   sing N N 74  
CYS CA  HA   sing N N 75  
CYS C   O    doub N N 76  
CYS C   OXT  sing N N 77  
CYS CB  SG   sing N N 78  
CYS CB  HB2  sing N N 79  
CYS CB  HB3  sing N N 80  
CYS SG  HG   sing N N 81  
CYS OXT HXT  sing N N 82  
G6B NAC CAP  sing N N 83  
G6B CAP CAH  doub Y N 84  
G6B CAP CAJ  sing Y N 85  
G6B CAH CAG  sing Y N 86  
G6B CAJ CAQ  doub Y N 87  
G6B CAG CAI  doub Y N 88  
G6B CAA CAN  sing N N 89  
G6B CAQ CAI  sing Y N 90  
G6B CAQ CAT  sing N N 91  
G6B CAT SAM  sing Y N 92  
G6B CAT CAS  doub Y N 93  
G6B CAN CAS  sing N N 94  
G6B CAN OAE  doub N N 95  
G6B SAM CAR  sing Y N 96  
G6B CAS NAK  sing Y N 97  
G6B NAK CAR  doub Y N 98  
G6B CAR NAL  sing N N 99  
G6B O   C    doub N N 100 
G6B NAL C    sing N N 101 
G6B C   CA   sing N N 102 
G6B CB  CA   sing N N 103 
G6B CA  N    sing N N 104 
G6B N   H1   sing N N 105 
G6B N   H2   sing N N 106 
G6B CA  H4   sing N N 107 
G6B CB  H5   sing N N 108 
G6B CB  H6   sing N N 109 
G6B CB  H7   sing N N 110 
G6B CAA H8   sing N N 111 
G6B CAA H9   sing N N 112 
G6B CAA H10  sing N N 113 
G6B CAG H11  sing N N 114 
G6B CAH H12  sing N N 115 
G6B CAI H13  sing N N 116 
G6B CAJ H14  sing N N 117 
G6B NAC H15  sing N N 118 
G6B NAC H16  sing N N 119 
G6B NAL H17  sing N N 120 
GLN N   CA   sing N N 121 
GLN N   H    sing N N 122 
GLN N   H2   sing N N 123 
GLN CA  C    sing N N 124 
GLN CA  CB   sing N N 125 
GLN CA  HA   sing N N 126 
GLN C   O    doub N N 127 
GLN C   OXT  sing N N 128 
GLN CB  CG   sing N N 129 
GLN CB  HB2  sing N N 130 
GLN CB  HB3  sing N N 131 
GLN CG  CD   sing N N 132 
GLN CG  HG2  sing N N 133 
GLN CG  HG3  sing N N 134 
GLN CD  OE1  doub N N 135 
GLN CD  NE2  sing N N 136 
GLN NE2 HE21 sing N N 137 
GLN NE2 HE22 sing N N 138 
GLN OXT HXT  sing N N 139 
GLU N   CA   sing N N 140 
GLU N   H    sing N N 141 
GLU N   H2   sing N N 142 
GLU CA  C    sing N N 143 
GLU CA  CB   sing N N 144 
GLU CA  HA   sing N N 145 
GLU C   O    doub N N 146 
GLU C   OXT  sing N N 147 
GLU CB  CG   sing N N 148 
GLU CB  HB2  sing N N 149 
GLU CB  HB3  sing N N 150 
GLU CG  CD   sing N N 151 
GLU CG  HG2  sing N N 152 
GLU CG  HG3  sing N N 153 
GLU CD  OE1  doub N N 154 
GLU CD  OE2  sing N N 155 
GLU OE2 HE2  sing N N 156 
GLU OXT HXT  sing N N 157 
GLY N   CA   sing N N 158 
GLY N   H    sing N N 159 
GLY N   H2   sing N N 160 
GLY CA  C    sing N N 161 
GLY CA  HA2  sing N N 162 
GLY CA  HA3  sing N N 163 
GLY C   O    doub N N 164 
GLY C   OXT  sing N N 165 
GLY OXT HXT  sing N N 166 
HIS N   CA   sing N N 167 
HIS N   H    sing N N 168 
HIS N   H2   sing N N 169 
HIS CA  C    sing N N 170 
HIS CA  CB   sing N N 171 
HIS CA  HA   sing N N 172 
HIS C   O    doub N N 173 
HIS C   OXT  sing N N 174 
HIS CB  CG   sing N N 175 
HIS CB  HB2  sing N N 176 
HIS CB  HB3  sing N N 177 
HIS CG  ND1  sing Y N 178 
HIS CG  CD2  doub Y N 179 
HIS ND1 CE1  doub Y N 180 
HIS ND1 HD1  sing N N 181 
HIS CD2 NE2  sing Y N 182 
HIS CD2 HD2  sing N N 183 
HIS CE1 NE2  sing Y N 184 
HIS CE1 HE1  sing N N 185 
HIS NE2 HE2  sing N N 186 
HIS OXT HXT  sing N N 187 
HOH O   H1   sing N N 188 
HOH O   H2   sing N N 189 
ILE N   CA   sing N N 190 
ILE N   H    sing N N 191 
ILE N   H2   sing N N 192 
ILE CA  C    sing N N 193 
ILE CA  CB   sing N N 194 
ILE CA  HA   sing N N 195 
ILE C   O    doub N N 196 
ILE C   OXT  sing N N 197 
ILE CB  CG1  sing N N 198 
ILE CB  CG2  sing N N 199 
ILE CB  HB   sing N N 200 
ILE CG1 CD1  sing N N 201 
ILE CG1 HG12 sing N N 202 
ILE CG1 HG13 sing N N 203 
ILE CG2 HG21 sing N N 204 
ILE CG2 HG22 sing N N 205 
ILE CG2 HG23 sing N N 206 
ILE CD1 HD11 sing N N 207 
ILE CD1 HD12 sing N N 208 
ILE CD1 HD13 sing N N 209 
ILE OXT HXT  sing N N 210 
LEU N   CA   sing N N 211 
LEU N   H    sing N N 212 
LEU N   H2   sing N N 213 
LEU CA  C    sing N N 214 
LEU CA  CB   sing N N 215 
LEU CA  HA   sing N N 216 
LEU C   O    doub N N 217 
LEU C   OXT  sing N N 218 
LEU CB  CG   sing N N 219 
LEU CB  HB2  sing N N 220 
LEU CB  HB3  sing N N 221 
LEU CG  CD1  sing N N 222 
LEU CG  CD2  sing N N 223 
LEU CG  HG   sing N N 224 
LEU CD1 HD11 sing N N 225 
LEU CD1 HD12 sing N N 226 
LEU CD1 HD13 sing N N 227 
LEU CD2 HD21 sing N N 228 
LEU CD2 HD22 sing N N 229 
LEU CD2 HD23 sing N N 230 
LEU OXT HXT  sing N N 231 
LYS N   CA   sing N N 232 
LYS N   H    sing N N 233 
LYS N   H2   sing N N 234 
LYS CA  C    sing N N 235 
LYS CA  CB   sing N N 236 
LYS CA  HA   sing N N 237 
LYS C   O    doub N N 238 
LYS C   OXT  sing N N 239 
LYS CB  CG   sing N N 240 
LYS CB  HB2  sing N N 241 
LYS CB  HB3  sing N N 242 
LYS CG  CD   sing N N 243 
LYS CG  HG2  sing N N 244 
LYS CG  HG3  sing N N 245 
LYS CD  CE   sing N N 246 
LYS CD  HD2  sing N N 247 
LYS CD  HD3  sing N N 248 
LYS CE  NZ   sing N N 249 
LYS CE  HE2  sing N N 250 
LYS CE  HE3  sing N N 251 
LYS NZ  HZ1  sing N N 252 
LYS NZ  HZ2  sing N N 253 
LYS NZ  HZ3  sing N N 254 
LYS OXT HXT  sing N N 255 
MET N   CA   sing N N 256 
MET N   H    sing N N 257 
MET N   H2   sing N N 258 
MET CA  C    sing N N 259 
MET CA  CB   sing N N 260 
MET CA  HA   sing N N 261 
MET C   O    doub N N 262 
MET C   OXT  sing N N 263 
MET CB  CG   sing N N 264 
MET CB  HB2  sing N N 265 
MET CB  HB3  sing N N 266 
MET CG  SD   sing N N 267 
MET CG  HG2  sing N N 268 
MET CG  HG3  sing N N 269 
MET SD  CE   sing N N 270 
MET CE  HE1  sing N N 271 
MET CE  HE2  sing N N 272 
MET CE  HE3  sing N N 273 
MET OXT HXT  sing N N 274 
PHE N   CA   sing N N 275 
PHE N   H    sing N N 276 
PHE N   H2   sing N N 277 
PHE CA  C    sing N N 278 
PHE CA  CB   sing N N 279 
PHE CA  HA   sing N N 280 
PHE C   O    doub N N 281 
PHE C   OXT  sing N N 282 
PHE CB  CG   sing N N 283 
PHE CB  HB2  sing N N 284 
PHE CB  HB3  sing N N 285 
PHE CG  CD1  doub Y N 286 
PHE CG  CD2  sing Y N 287 
PHE CD1 CE1  sing Y N 288 
PHE CD1 HD1  sing N N 289 
PHE CD2 CE2  doub Y N 290 
PHE CD2 HD2  sing N N 291 
PHE CE1 CZ   doub Y N 292 
PHE CE1 HE1  sing N N 293 
PHE CE2 CZ   sing Y N 294 
PHE CE2 HE2  sing N N 295 
PHE CZ  HZ   sing N N 296 
PHE OXT HXT  sing N N 297 
PRO N   CA   sing N N 298 
PRO N   CD   sing N N 299 
PRO N   H    sing N N 300 
PRO CA  C    sing N N 301 
PRO CA  CB   sing N N 302 
PRO CA  HA   sing N N 303 
PRO C   O    doub N N 304 
PRO C   OXT  sing N N 305 
PRO CB  CG   sing N N 306 
PRO CB  HB2  sing N N 307 
PRO CB  HB3  sing N N 308 
PRO CG  CD   sing N N 309 
PRO CG  HG2  sing N N 310 
PRO CG  HG3  sing N N 311 
PRO CD  HD2  sing N N 312 
PRO CD  HD3  sing N N 313 
PRO OXT HXT  sing N N 314 
SER N   CA   sing N N 315 
SER N   H    sing N N 316 
SER N   H2   sing N N 317 
SER CA  C    sing N N 318 
SER CA  CB   sing N N 319 
SER CA  HA   sing N N 320 
SER C   O    doub N N 321 
SER C   OXT  sing N N 322 
SER CB  OG   sing N N 323 
SER CB  HB2  sing N N 324 
SER CB  HB3  sing N N 325 
SER OG  HG   sing N N 326 
SER OXT HXT  sing N N 327 
SO4 S   O1   doub N N 328 
SO4 S   O2   doub N N 329 
SO4 S   O3   sing N N 330 
SO4 S   O4   sing N N 331 
THR N   CA   sing N N 332 
THR N   H    sing N N 333 
THR N   H2   sing N N 334 
THR CA  C    sing N N 335 
THR CA  CB   sing N N 336 
THR CA  HA   sing N N 337 
THR C   O    doub N N 338 
THR C   OXT  sing N N 339 
THR CB  OG1  sing N N 340 
THR CB  CG2  sing N N 341 
THR CB  HB   sing N N 342 
THR OG1 HG1  sing N N 343 
THR CG2 HG21 sing N N 344 
THR CG2 HG22 sing N N 345 
THR CG2 HG23 sing N N 346 
THR OXT HXT  sing N N 347 
TYR N   CA   sing N N 348 
TYR N   H    sing N N 349 
TYR N   H2   sing N N 350 
TYR CA  C    sing N N 351 
TYR CA  CB   sing N N 352 
TYR CA  HA   sing N N 353 
TYR C   O    doub N N 354 
TYR C   OXT  sing N N 355 
TYR CB  CG   sing N N 356 
TYR CB  HB2  sing N N 357 
TYR CB  HB3  sing N N 358 
TYR CG  CD1  doub Y N 359 
TYR CG  CD2  sing Y N 360 
TYR CD1 CE1  sing Y N 361 
TYR CD1 HD1  sing N N 362 
TYR CD2 CE2  doub Y N 363 
TYR CD2 HD2  sing N N 364 
TYR CE1 CZ   doub Y N 365 
TYR CE1 HE1  sing N N 366 
TYR CE2 CZ   sing Y N 367 
TYR CE2 HE2  sing N N 368 
TYR CZ  OH   sing N N 369 
TYR OH  HH   sing N N 370 
TYR OXT HXT  sing N N 371 
VAL N   CA   sing N N 372 
VAL N   H    sing N N 373 
VAL N   H2   sing N N 374 
VAL CA  C    sing N N 375 
VAL CA  CB   sing N N 376 
VAL CA  HA   sing N N 377 
VAL C   O    doub N N 378 
VAL C   OXT  sing N N 379 
VAL CB  CG1  sing N N 380 
VAL CB  CG2  sing N N 381 
VAL CB  HB   sing N N 382 
VAL CG1 HG11 sing N N 383 
VAL CG1 HG12 sing N N 384 
VAL CG1 HG13 sing N N 385 
VAL CG2 HG21 sing N N 386 
VAL CG2 HG22 sing N N 387 
VAL CG2 HG23 sing N N 388 
VAL OXT HXT  sing N N 389 
# 
_pdbx_entity_instance_feature.ordinal        1 
_pdbx_entity_instance_feature.comp_id        G6B 
_pdbx_entity_instance_feature.asym_id        ? 
_pdbx_entity_instance_feature.seq_num        ? 
_pdbx_entity_instance_feature.auth_comp_id   G6B 
_pdbx_entity_instance_feature.auth_asym_id   ? 
_pdbx_entity_instance_feature.auth_seq_num   ? 
_pdbx_entity_instance_feature.feature_type   'SUBJECT OF INVESTIGATION' 
_pdbx_entity_instance_feature.details        ? 
# 
_pdbx_initial_refinement_model.id               1 
_pdbx_initial_refinement_model.entity_id_list   ? 
_pdbx_initial_refinement_model.type             'experimental model' 
_pdbx_initial_refinement_model.source_name      PDB 
_pdbx_initial_refinement_model.accession_code   5F36 
_pdbx_initial_refinement_model.details          ? 
# 
_atom_sites.entry_id                    6HI7 
_atom_sites.fract_transf_matrix[1][1]   -0.00328730 
_atom_sites.fract_transf_matrix[1][2]   -0.01308735 
_atom_sites.fract_transf_matrix[1][3]   0.00485741 
_atom_sites.fract_transf_matrix[2][1]   0.00302301 
_atom_sites.fract_transf_matrix[2][2]   -0.01156042 
_atom_sites.fract_transf_matrix[2][3]   -0.00792984 
_atom_sites.fract_transf_matrix[3][1]   0.00651356 
_atom_sites.fract_transf_matrix[3][2]   -0.00046362 
_atom_sites.fract_transf_matrix[3][3]   0.00315898 
_atom_sites.fract_transf_vector[1]      0.135859 
_atom_sites.fract_transf_vector[2]      0.596750 
_atom_sites.fract_transf_vector[3]      0.027280 
# 
loop_
_atom_type.symbol 
C 
N 
O 
S 
# 
loop_
_atom_site.group_PDB 
_atom_site.id 
_atom_site.type_symbol 
_atom_site.label_atom_id 
_atom_site.label_alt_id 
_atom_site.label_comp_id 
_atom_site.label_asym_id 
_atom_site.label_entity_id 
_atom_site.label_seq_id 
_atom_site.pdbx_PDB_ins_code 
_atom_site.Cartn_x 
_atom_site.Cartn_y 
_atom_site.Cartn_z 
_atom_site.occupancy 
_atom_site.B_iso_or_equiv 
_atom_site.pdbx_formal_charge 
_atom_site.auth_seq_id 
_atom_site.auth_comp_id 
_atom_site.auth_asym_id 
_atom_site.auth_atom_id 
_atom_site.pdbx_PDB_model_num 
ATOM   1    N N   . SER A 1 1   ? -14.994 -18.617 12.688  1.00 56.33  ? 979  SER A N   1 
ATOM   2    C CA  . SER A 1 1   ? -16.337 -18.994 12.259  1.00 56.87  ? 979  SER A CA  1 
ATOM   3    C C   . SER A 1 1   ? -16.618 -18.559 10.819  1.00 60.24  ? 979  SER A C   1 
ATOM   4    O O   . SER A 1 1   ? -15.838 -17.809 10.223  1.00 58.11  ? 979  SER A O   1 
ATOM   5    C CB  . SER A 1 1   ? -17.379 -18.384 13.194  1.00 65.10  ? 979  SER A CB  1 
ATOM   6    O OG  . SER A 1 1   ? -17.283 -16.969 13.204  1.00 60.46  ? 979  SER A OG  1 
ATOM   7    N N   . MET A 1 2   ? -17.737 -19.032 10.264  1.00 56.49  ? 980  MET A N   1 
ATOM   8    C CA  . MET A 1 2   ? -18.146 -18.575 8.941   1.00 58.31  ? 980  MET A CA  1 
ATOM   9    C C   . MET A 1 2   ? -18.460 -17.082 8.938   1.00 56.26  ? 980  MET A C   1 
ATOM   10   O O   . MET A 1 2   ? -18.182 -16.397 7.946   1.00 56.34  ? 980  MET A O   1 
ATOM   11   C CB  . MET A 1 2   ? -19.353 -19.375 8.450   1.00 62.73  ? 980  MET A CB  1 
ATOM   12   N N   . GLN A 1 3   ? -19.035 -16.560 10.031  1.00 52.91  ? 981  GLN A N   1 
ATOM   13   C CA  . GLN A 1 3   ? -19.277 -15.122 10.125  1.00 55.68  ? 981  GLN A CA  1 
ATOM   14   C C   . GLN A 1 3   ? -17.973 -14.335 10.075  1.00 50.42  ? 981  GLN A C   1 
ATOM   15   O O   . GLN A 1 3   ? -17.936 -13.222 9.536   1.00 47.03  ? 981  GLN A O   1 
ATOM   16   C CB  . GLN A 1 3   ? -20.039 -14.787 11.412  1.00 54.73  ? 981  GLN A CB  1 
ATOM   17   C CG  . GLN A 1 3   ? -21.433 -15.398 11.504  1.00 61.09  ? 981  GLN A CG  1 
ATOM   18   N N   . GLU A 1 4   ? -16.896 -14.891 10.634  1.00 48.61  ? 982  GLU A N   1 
ATOM   19   C CA  . GLU A 1 4   ? -15.612 -14.200 10.625  1.00 46.57  ? 982  GLU A CA  1 
ATOM   20   C C   . GLU A 1 4   ? -14.936 -14.290 9.263   1.00 43.69  ? 982  GLU A C   1 
ATOM   21   O O   . GLU A 1 4   ? -14.333 -13.311 8.805   1.00 36.54  ? 982  GLU A O   1 
ATOM   22   C CB  . GLU A 1 4   ? -14.715 -14.768 11.723  1.00 45.07  ? 982  GLU A CB  1 
ATOM   23   C CG  . GLU A 1 4   ? -15.196 -14.392 13.118  1.00 48.81  ? 982  GLU A CG  1 
ATOM   24   C CD  . GLU A 1 4   ? -14.375 -15.036 14.215  1.00 55.94  ? 982  GLU A CD  1 
ATOM   25   O OE1 . GLU A 1 4   ? -13.643 -16.003 13.907  1.00 54.40  ? 982  GLU A OE1 1 
ATOM   26   O OE2 . GLU A 1 4   ? -14.467 -14.577 15.378  1.00 52.56  ? 982  GLU A OE2 1 
ATOM   27   N N   . GLU A 1 5   ? -15.028 -15.443 8.596   1.00 39.38  ? 983  GLU A N   1 
ATOM   28   C CA  . GLU A 1 5   ? -14.441 -15.549 7.267   1.00 40.03  ? 983  GLU A CA  1 
ATOM   29   C C   . GLU A 1 5   ? -15.163 -14.649 6.274   1.00 40.44  ? 983  GLU A C   1 
ATOM   30   O O   . GLU A 1 5   ? -14.536 -14.125 5.349   1.00 32.71  ? 983  GLU A O   1 
ATOM   31   C CB  . GLU A 1 5   ? -14.449 -17.003 6.789   1.00 45.24  ? 983  GLU A CB  1 
ATOM   32   C CG  . GLU A 1 5   ? -13.528 -17.923 7.594   1.00 50.83  ? 983  GLU A CG  1 
ATOM   33   C CD  . GLU A 1 5   ? -12.163 -17.300 7.898   1.00 56.25  ? 983  GLU A CD  1 
ATOM   34   O OE1 . GLU A 1 5   ? -11.502 -16.800 6.960   1.00 54.54  ? 983  GLU A OE1 1 
ATOM   35   O OE2 . GLU A 1 5   ? -11.748 -17.308 9.080   1.00 59.15  ? 983  GLU A OE2 1 
ATOM   36   N N   . ASP A 1 6   ? -16.472 -14.448 6.453   1.00 37.74  ? 984  ASP A N   1 
ATOM   37   C CA  . ASP A 1 6   ? -17.192 -13.496 5.615   1.00 41.06  ? 984  ASP A CA  1 
ATOM   38   C C   . ASP A 1 6   ? -16.689 -12.069 5.833   1.00 34.71  ? 984  ASP A C   1 
ATOM   39   O O   . ASP A 1 6   ? -16.619 -11.275 4.883   1.00 32.72  ? 984  ASP A O   1 
ATOM   40   C CB  . ASP A 1 6   ? -18.692 -13.580 5.900   1.00 44.10  ? 984  ASP A CB  1 
ATOM   41   C CG  . ASP A 1 6   ? -19.355 -14.773 5.219   1.00 52.47  ? 984  ASP A CG  1 
ATOM   42   O OD1 . ASP A 1 6   ? -18.720 -15.411 4.349   1.00 57.46  ? 984  ASP A OD1 1 
ATOM   43   O OD2 . ASP A 1 6   ? -20.517 -15.072 5.568   1.00 59.40  ? 984  ASP A OD2 1 
ATOM   44   N N   . THR A 1 7   ? -16.351 -11.722 7.077   1.00 32.70  ? 985  THR A N   1 
ATOM   45   C CA  . THR A 1 7   ? -15.829 -10.390 7.359   1.00 32.21  ? 985  THR A CA  1 
ATOM   46   C C   . THR A 1 7   ? -14.505 -10.171 6.639   1.00 31.86  ? 985  THR A C   1 
ATOM   47   O O   . THR A 1 7   ? -14.299 -9.139  5.993   1.00 28.70  ? 985  THR A O   1 
ATOM   48   C CB  . THR A 1 7   ? -15.662 -10.181 8.867   1.00 36.68  ? 985  THR A CB  1 
ATOM   49   O OG1 . THR A 1 7   ? -16.931 -10.332 9.525   1.00 37.98  ? 985  THR A OG1 1 
ATOM   50   C CG2 . THR A 1 7   ? -15.112 -8.789  9.154   1.00 33.84  ? 985  THR A CG2 1 
ATOM   51   N N   . PHE A 1 8   ? -13.594 -11.147 6.730   1.00 29.78  ? 986  PHE A N   1 
ATOM   52   C CA  . PHE A 1 8   ? -12.302 -10.986 6.074   1.00 29.59  ? 986  PHE A CA  1 
ATOM   53   C C   . PHE A 1 8   ? -12.426 -11.016 4.556   1.00 29.04  ? 986  PHE A C   1 
ATOM   54   O O   . PHE A 1 8   ? -11.644 -10.356 3.863   1.00 28.24  ? 986  PHE A O   1 
ATOM   55   C CB  . PHE A 1 8   ? -11.335 -12.059 6.572   1.00 30.36  ? 986  PHE A CB  1 
ATOM   56   C CG  . PHE A 1 8   ? -10.915 -11.858 7.996   1.00 37.29  ? 986  PHE A CG  1 
ATOM   57   C CD1 . PHE A 1 8   ? -10.609 -10.584 8.464   1.00 38.98  ? 986  PHE A CD1 1 
ATOM   58   C CD2 . PHE A 1 8   ? -10.865 -12.922 8.878   1.00 41.61  ? 986  PHE A CD2 1 
ATOM   59   C CE1 . PHE A 1 8   ? -10.222 -10.378 9.782   1.00 43.14  ? 986  PHE A CE1 1 
ATOM   60   C CE2 . PHE A 1 8   ? -10.480 -12.725 10.198  1.00 38.49  ? 986  PHE A CE2 1 
ATOM   61   C CZ  . PHE A 1 8   ? -10.160 -11.453 10.647  1.00 41.94  ? 986  PHE A CZ  1 
ATOM   62   N N   . ARG A 1 9   ? -13.402 -11.752 4.013   1.00 26.77  ? 987  ARG A N   1 
ATOM   63   C CA  . ARG A 1 9   ? -13.592 -11.709 2.573   1.00 27.43  ? 987  ARG A CA  1 
ATOM   64   C C   . ARG A 1 9   ? -14.071 -10.334 2.118   1.00 27.47  ? 987  ARG A C   1 
ATOM   65   O O   . ARG A 1 9   ? -13.644 -9.848  1.065   1.00 26.82  ? 987  ARG A O   1 
ATOM   66   C CB  . ARG A 1 9   ? -14.569 -12.786 2.112   1.00 30.27  ? 987  ARG A CB  1 
ATOM   67   C CG  . ARG A 1 9   ? -14.626 -12.848 0.594   1.00 33.88  ? 987  ARG A CG  1 
ATOM   68   C CD  . ARG A 1 9   ? -15.394 -14.044 0.083   1.00 42.47  ? 987  ARG A CD  1 
ATOM   69   N NE  . ARG A 1 9   ? -15.382 -14.066 -1.377  1.00 49.93  ? 987  ARG A NE  1 
ATOM   70   C CZ  . ARG A 1 9   ? -16.420 -13.737 -2.144  1.00 52.13  ? 987  ARG A CZ  1 
ATOM   71   N NH1 . ARG A 1 9   ? -17.580 -13.356 -1.597  1.00 40.76  ? 987  ARG A NH1 1 
ATOM   72   N NH2 . ARG A 1 9   ? -16.296 -13.791 -3.464  1.00 48.19  ? 987  ARG A NH2 1 
ATOM   73   N N   . GLU A 1 10  ? -14.971 -9.704  2.883   1.00 26.78  ? 988  GLU A N   1 
ATOM   74   C CA  . GLU A 1 10  ? -15.378 -8.342  2.548   1.00 27.47  ? 988  GLU A CA  1 
ATOM   75   C C   . GLU A 1 10  ? -14.193 -7.383  2.634   1.00 27.65  ? 988  GLU A C   1 
ATOM   76   O O   . GLU A 1 10  ? -14.043 -6.490  1.787   1.00 26.16  ? 988  GLU A O   1 
ATOM   77   C CB  . GLU A 1 10  ? -16.513 -7.867  3.460   1.00 30.52  ? 988  GLU A CB  1 
ATOM   78   C CG  . GLU A 1 10  ? -16.863 -6.391  3.197   1.00 32.00  ? 988  GLU A CG  1 
ATOM   79   C CD  . GLU A 1 10  ? -18.195 -5.943  3.792   1.00 41.72  ? 988  GLU A CD  1 
ATOM   80   O OE1 . GLU A 1 10  ? -18.479 -4.727  3.727   1.00 38.89  ? 988  GLU A OE1 1 
ATOM   81   O OE2 . GLU A 1 10  ? -18.948 -6.783  4.328   1.00 39.52  ? 988  GLU A OE2 1 
ATOM   82   N N   . LEU A 1 11  ? -13.317 -7.578  3.624   1.00 26.73  ? 989  LEU A N   1 
ATOM   83   C CA  . LEU A 1 11  ? -12.133 -6.731  3.716   1.00 27.29  ? 989  LEU A CA  1 
ATOM   84   C C   . LEU A 1 11  ? -11.257 -6.882  2.475   1.00 25.08  ? 989  LEU A C   1 
ATOM   85   O O   . LEU A 1 11  ? -10.794 -5.884  1.912   1.00 25.84  ? 989  LEU A O   1 
ATOM   86   C CB  . LEU A 1 11  ? -11.344 -7.047  4.997   1.00 27.01  ? 989  LEU A CB  1 
ATOM   87   C CG  . LEU A 1 11  ? -9.983  -6.334  5.087   1.00 28.69  ? 989  LEU A CG  1 
ATOM   88   C CD1 . LEU A 1 11  ? -10.169 -4.831  5.200   1.00 28.30  ? 989  LEU A CD1 1 
ATOM   89   C CD2 . LEU A 1 11  ? -9.139  -6.861  6.248   1.00 30.98  ? 989  LEU A CD2 1 
ATOM   90   N N   . ARG A 1 12  ? -11.040 -8.120  2.013   1.00 24.63  ? 990  ARG A N   1 
ATOM   91   C CA  . ARG A 1 12  ? -10.216 -8.333  0.820   1.00 25.95  ? 990  ARG A CA  1 
ATOM   92   C C   . ARG A 1 12  ? -10.823 -7.688  -0.419  1.00 26.22  ? 990  ARG A C   1 
ATOM   93   O O   . ARG A 1 12  ? -10.098 -7.110  -1.240  1.00 25.50  ? 990  ARG A O   1 
ATOM   94   C CB  . ARG A 1 12  ? -9.995  -9.834  0.586   1.00 25.77  ? 990  ARG A CB  1 
ATOM   95   C CG  . ARG A 1 12  ? -9.171  -10.474 1.691   1.00 25.69  ? 990  ARG A CG  1 
ATOM   96   C CD  . ARG A 1 12  ? -8.677  -11.864 1.277   1.00 30.48  ? 990  ARG A CD  1 
ATOM   97   N NE  . ARG A 1 12  ? -9.776  -12.810 1.032   1.00 31.35  ? 990  ARG A NE  1 
ATOM   98   C CZ  . ARG A 1 12  ? -10.358 -13.543 1.982   1.00 31.04  ? 990  ARG A CZ  1 
ATOM   99   N NH1 . ARG A 1 12  ? -9.971  -13.430 3.244   1.00 30.88  ? 990  ARG A NH1 1 
ATOM   100  N NH2 . ARG A 1 12  ? -11.338 -14.384 1.671   1.00 35.16  ? 990  ARG A NH2 1 
ATOM   101  N N   . ILE A 1 13  ? -12.147 -7.792  -0.589  1.00 23.89  ? 991  ILE A N   1 
ATOM   102  C CA  . ILE A 1 13  ? -12.817 -7.139  -1.712  1.00 23.41  ? 991  ILE A CA  1 
ATOM   103  C C   . ILE A 1 13  ? -12.599 -5.629  -1.658  1.00 24.48  ? 991  ILE A C   1 
ATOM   104  O O   . ILE A 1 13  ? -12.288 -4.993  -2.676  1.00 26.66  ? 991  ILE A O   1 
ATOM   105  C CB  . ILE A 1 13  ? -14.315 -7.500  -1.714  1.00 26.73  ? 991  ILE A CB  1 
ATOM   106  C CG1 . ILE A 1 13  ? -14.486 -8.991  -2.017  1.00 31.15  ? 991  ILE A CG1 1 
ATOM   107  C CG2 . ILE A 1 13  ? -15.070 -6.661  -2.730  1.00 27.19  ? 991  ILE A CG2 1 
ATOM   108  C CD1 . ILE A 1 13  ? -15.869 -9.520  -1.649  1.00 32.99  ? 991  ILE A CD1 1 
ATOM   109  N N   . PHE A 1 14  ? -12.750 -5.042  -0.473  1.00 23.34  ? 992  PHE A N   1 
ATOM   110  C CA  . PHE A 1 14  ? -12.539 -3.608  -0.306  1.00 26.99  ? 992  PHE A CA  1 
ATOM   111  C C   . PHE A 1 14  ? -11.102 -3.224  -0.656  1.00 26.18  ? 992  PHE A C   1 
ATOM   112  O O   . PHE A 1 14  ? -10.870 -2.254  -1.391  1.00 25.93  ? 992  PHE A O   1 
ATOM   113  C CB  . PHE A 1 14  ? -12.872 -3.195  1.126   1.00 27.20  ? 992  PHE A CB  1 
ATOM   114  C CG  . PHE A 1 14  ? -12.546 -1.763  1.429   1.00 31.01  ? 992  PHE A CG  1 
ATOM   115  C CD1 . PHE A 1 14  ? -13.367 -0.749  0.966   1.00 32.17  ? 992  PHE A CD1 1 
ATOM   116  C CD2 . PHE A 1 14  ? -11.420 -1.434  2.168   1.00 34.05  ? 992  PHE A CD2 1 
ATOM   117  C CE1 . PHE A 1 14  ? -13.070 0.588   1.232   1.00 36.19  ? 992  PHE A CE1 1 
ATOM   118  C CE2 . PHE A 1 14  ? -11.118 -0.102  2.439   1.00 34.94  ? 992  PHE A CE2 1 
ATOM   119  C CZ  . PHE A 1 14  ? -11.945 0.905   1.970   1.00 31.27  ? 992  PHE A CZ  1 
ATOM   120  N N   . LEU A 1 15  ? -10.127 -3.992  -0.156  1.00 25.98  ? 993  LEU A N   1 
ATOM   121  C CA  . LEU A 1 15  ? -8.721  -3.650  -0.370  1.00 24.88  ? 993  LEU A CA  1 
ATOM   122  C C   . LEU A 1 15  ? -8.312  -3.822  -1.828  1.00 23.92  ? 993  LEU A C   1 
ATOM   123  O O   . LEU A 1 15  ? -7.470  -3.059  -2.316  1.00 26.26  ? 993  LEU A O   1 
ATOM   124  C CB  . LEU A 1 15  ? -7.812  -4.490  0.543   1.00 24.92  ? 993  LEU A CB  1 
ATOM   125  C CG  . LEU A 1 15  ? -7.912  -4.292  2.061   1.00 25.86  ? 993  LEU A CG  1 
ATOM   126  C CD1 . LEU A 1 15  ? -6.944  -5.218  2.834   1.00 27.89  ? 993  LEU A CD1 1 
ATOM   127  C CD2 . LEU A 1 15  ? -7.691  -2.814  2.435   1.00 26.23  ? 993  LEU A CD2 1 
ATOM   128  N N   . ARG A 1 16  ? -8.861  -4.821  -2.533  1.00 22.18  ? 994  ARG A N   1 
ATOM   129  C CA  . ARG A 1 16  ? -8.566  -4.966  -3.955  1.00 25.24  ? 994  ARG A CA  1 
ATOM   130  C C   . ARG A 1 16  ? -9.094  -3.770  -4.728  1.00 26.32  ? 994  ARG A C   1 
ATOM   131  O O   . ARG A 1 16  ? -8.461  -3.297  -5.677  1.00 26.54  ? 994  ARG A O   1 
ATOM   132  C CB  . ARG A 1 16  ? -9.187  -6.249  -4.526  1.00 26.69  ? 994  ARG A CB  1 
ATOM   133  C CG  . ARG A 1 16  ? -8.480  -7.536  -4.139  1.00 29.30  ? 994  ARG A CG  1 
ATOM   134  C CD  . ARG A 1 16  ? -9.042  -8.727  -4.941  1.00 30.85  ? 994  ARG A CD  1 
ATOM   135  N NE  . ARG A 1 16  ? -8.707  -9.950  -4.222  1.00 31.80  ? 994  ARG A NE  1 
ATOM   136  C CZ  . ARG A 1 16  ? -9.518  -10.576 -3.380  1.00 35.40  ? 994  ARG A CZ  1 
ATOM   137  N NH1 . ARG A 1 16  ? -10.760 -10.142 -3.182  1.00 30.58  ? 994  ARG A NH1 1 
ATOM   138  N NH2 . ARG A 1 16  ? -9.085  -11.657 -2.746  1.00 35.16  ? 994  ARG A NH2 1 
ATOM   139  N N   . ASN A 1 17  ? -10.263 -3.276  -4.337  1.00 23.06  ? 995  ASN A N   1 
ATOM   140  C CA  . ASN A 1 17  ? -10.836 -2.143  -5.048  1.00 24.52  ? 995  ASN A CA  1 
ATOM   141  C C   . ASN A 1 17  ? -10.024 -0.867  -4.815  1.00 25.25  ? 995  ASN A C   1 
ATOM   142  O O   . ASN A 1 17  ? -9.742  -0.127  -5.772  1.00 27.41  ? 995  ASN A O   1 
ATOM   143  C CB  . ASN A 1 17  ? -12.292 -1.968  -4.631  1.00 24.79  ? 995  ASN A CB  1 
ATOM   144  C CG  . ASN A 1 17  ? -12.904 -0.704  -5.222  1.00 30.26  ? 995  ASN A CG  1 
ATOM   145  O OD1 . ASN A 1 17  ? -13.000 0.306   -4.546  1.00 32.86  ? 995  ASN A OD1 1 
ATOM   146  N ND2 . ASN A 1 17  ? -13.290 -0.757  -6.489  1.00 36.39  ? 995  ASN A ND2 1 
ATOM   147  N N   . VAL A 1 18  ? -9.616  -0.601  -3.570  1.00 24.44  ? 996  VAL A N   1 
ATOM   148  C CA  . VAL A 1 18  ? -8.747  0.553   -3.305  1.00 26.66  ? 996  VAL A CA  1 
ATOM   149  C C   . VAL A 1 18  ? -7.449  0.431   -4.095  1.00 26.13  ? 996  VAL A C   1 
ATOM   150  O O   . VAL A 1 18  ? -7.016  1.381   -4.763  1.00 24.47  ? 996  VAL A O   1 
ATOM   151  C CB  . VAL A 1 18  ? -8.451  0.706   -1.799  1.00 25.38  ? 996  VAL A CB  1 
ATOM   152  C CG1 . VAL A 1 18  ? -7.424  1.838   -1.556  1.00 26.93  ? 996  VAL A CG1 1 
ATOM   153  C CG2 . VAL A 1 18  ? -9.743  0.948   -1.004  1.00 27.16  ? 996  VAL A CG2 1 
ATOM   154  N N   . THR A 1 19  ? -6.807  -0.741  -4.032  1.00 24.81  ? 997  THR A N   1 
ATOM   155  C CA  . THR A 1 19  ? -5.507  -0.903  -4.684  1.00 24.32  ? 997  THR A CA  1 
ATOM   156  C C   . THR A 1 19  ? -5.632  -0.740  -6.189  1.00 25.41  ? 997  THR A C   1 
ATOM   157  O O   . THR A 1 19  ? -4.770  -0.128  -6.827  1.00 25.60  ? 997  THR A O   1 
ATOM   158  C CB  . THR A 1 19  ? -4.908  -2.269  -4.335  1.00 25.01  ? 997  THR A CB  1 
ATOM   159  O OG1 . THR A 1 19  ? -4.965  -2.438  -2.915  1.00 26.07  ? 997  THR A OG1 1 
ATOM   160  C CG2 . THR A 1 19  ? -3.429  -2.352  -4.800  1.00 28.12  ? 997  THR A CG2 1 
ATOM   161  N N   . HIS A 1 20  ? -6.719  -1.254  -6.771  1.00 24.67  ? 998  HIS A N   1 
ATOM   162  C CA  . HIS A 1 20  ? -6.939  -1.086  -8.202  1.00 25.65  ? 998  HIS A CA  1 
ATOM   163  C C   . HIS A 1 20  ? -7.052  0.386   -8.579  1.00 26.66  ? 998  HIS A C   1 
ATOM   164  O O   . HIS A 1 20  ? -6.515  0.814   -9.609  1.00 27.59  ? 998  HIS A O   1 
ATOM   165  C CB  . HIS A 1 20  ? -8.208  -1.829  -8.640  1.00 27.91  ? 998  HIS A CB  1 
ATOM   166  C CG  . HIS A 1 20  ? -8.464  -1.748  -10.113 1.00 30.67  ? 998  HIS A CG  1 
ATOM   167  N ND1 . HIS A 1 20  ? -9.513  -1.031  -10.651 1.00 38.09  ? 998  HIS A ND1 1 
ATOM   168  C CD2 . HIS A 1 20  ? -7.787  -2.272  -11.163 1.00 28.30  ? 998  HIS A CD2 1 
ATOM   169  C CE1 . HIS A 1 20  ? -9.481  -1.131  -11.970 1.00 35.12  ? 998  HIS A CE1 1 
ATOM   170  N NE2 . HIS A 1 20  ? -8.441  -1.875  -12.306 1.00 40.02  ? 998  HIS A NE2 1 
ATOM   171  N N   . ARG A 1 21  ? -7.784  1.166   -7.777  1.00 25.04  ? 999  ARG A N   1 
ATOM   172  C CA  . ARG A 1 21  ? -7.948  2.584   -8.069  1.00 26.83  ? 999  ARG A CA  1 
ATOM   173  C C   . ARG A 1 21  ? -6.628  3.341   -7.969  1.00 28.53  ? 999  ARG A C   1 
ATOM   174  O O   . ARG A 1 21  ? -6.408  4.301   -8.722  1.00 28.90  ? 999  ARG A O   1 
ATOM   175  C CB  . ARG A 1 21  ? -8.997  3.182   -7.141  1.00 27.90  ? 999  ARG A CB  1 
ATOM   176  C CG  . ARG A 1 21  ? -10.417 2.822   -7.605  1.00 28.16  ? 999  ARG A CG  1 
ATOM   177  C CD  . ARG A 1 21  ? -11.386 2.705   -6.426  1.00 28.94  ? 999  ARG A CD  1 
ATOM   178  N NE  . ARG A 1 21  ? -11.691 4.022   -5.887  1.00 32.92  ? 999  ARG A NE  1 
ATOM   179  C CZ  . ARG A 1 21  ? -12.361 4.229   -4.762  1.00 31.22  ? 999  ARG A CZ  1 
ATOM   180  N NH1 . ARG A 1 21  ? -12.812 3.197   -4.051  1.00 29.43  ? 999  ARG A NH1 1 
ATOM   181  N NH2 . ARG A 1 21  ? -12.595 5.470   -4.361  1.00 31.78  ? 999  ARG A NH2 1 
ATOM   182  N N   . LEU A 1 22  ? -5.745  2.929   -7.060  1.00 25.95  ? 1000 LEU A N   1 
ATOM   183  C CA  . LEU A 1 22  ? -4.418  3.534   -7.007  1.00 27.06  ? 1000 LEU A CA  1 
ATOM   184  C C   . LEU A 1 22  ? -3.580  3.124   -8.212  1.00 27.81  ? 1000 LEU A C   1 
ATOM   185  O O   . LEU A 1 22  ? -2.899  3.965   -8.816  1.00 29.59  ? 1000 LEU A O   1 
ATOM   186  C CB  . LEU A 1 22  ? -3.715  3.142   -5.702  1.00 27.05  ? 1000 LEU A CB  1 
ATOM   187  C CG  . LEU A 1 22  ? -4.379  3.535   -4.389  1.00 25.38  ? 1000 LEU A CG  1 
ATOM   188  C CD1 . LEU A 1 22  ? -3.607  2.905   -3.220  1.00 26.25  ? 1000 LEU A CD1 1 
ATOM   189  C CD2 . LEU A 1 22  ? -4.407  5.041   -4.222  1.00 29.83  ? 1000 LEU A CD2 1 
ATOM   190  N N   . ALA A 1 23  ? -3.662  1.850   -8.610  1.00 26.84  ? 1001 ALA A N   1 
ATOM   191  C CA  . ALA A 1 23  ? -2.791  1.312   -9.649  1.00 28.48  ? 1001 ALA A CA  1 
ATOM   192  C C   . ALA A 1 23  ? -3.133  1.831   -11.040 1.00 34.65  ? 1001 ALA A C   1 
ATOM   193  O O   . ALA A 1 23  ? -2.261  1.836   -11.915 1.00 33.51  ? 1001 ALA A O   1 
ATOM   194  C CB  . ALA A 1 23  ? -2.838  -0.215  -9.650  1.00 31.10  ? 1001 ALA A CB  1 
ATOM   195  N N   . ILE A 1 24  ? -4.382  2.241   -11.286 1.00 30.85  ? 1002 ILE A N   1 
ATOM   196  C CA  . ILE A 1 24  ? -4.722  2.782   -12.601 1.00 34.15  ? 1002 ILE A CA  1 
ATOM   197  C C   . ILE A 1 24  ? -4.497  4.288   -12.684 1.00 38.02  ? 1002 ILE A C   1 
ATOM   198  O O   . ILE A 1 24  ? -4.679  4.878   -13.761 1.00 37.68  ? 1002 ILE A O   1 
ATOM   199  C CB  . ILE A 1 24  ? -6.176  2.454   -13.002 1.00 33.12  ? 1002 ILE A CB  1 
ATOM   200  C CG1 . ILE A 1 24  ? -7.169  3.151   -12.066 1.00 30.01  ? 1002 ILE A CG1 1 
ATOM   201  C CG2 . ILE A 1 24  ? -6.385  0.944   -13.018 1.00 34.73  ? 1002 ILE A CG2 1 
ATOM   202  C CD1 . ILE A 1 24  ? -8.633  2.946   -12.444 1.00 39.53  ? 1002 ILE A CD1 1 
ATOM   203  N N   . ASP A 1 25  ? -4.113  4.929   -11.585 1.00 31.71  ? 1003 ASP A N   1 
ATOM   204  C CA  . ASP A 1 25  ? -3.846  6.362   -11.584 1.00 34.82  ? 1003 ASP A CA  1 
ATOM   205  C C   . ASP A 1 25  ? -2.485  6.616   -12.234 1.00 34.05  ? 1003 ASP A C   1 
ATOM   206  O O   . ASP A 1 25  ? -1.473  6.053   -11.800 1.00 34.46  ? 1003 ASP A O   1 
ATOM   207  C CB  . ASP A 1 25  ? -3.907  6.879   -10.144 1.00 34.09  ? 1003 ASP A CB  1 
ATOM   208  C CG  . ASP A 1 25  ? -3.962  8.393   -10.051 1.00 38.43  ? 1003 ASP A CG  1 
ATOM   209  O OD1 . ASP A 1 25  ? -3.191  9.079   -10.761 1.00 37.37  ? 1003 ASP A OD1 1 
ATOM   210  O OD2 . ASP A 1 25  ? -4.772  8.896   -9.234  1.00 38.03  ? 1003 ASP A OD2 1 
ATOM   211  N N   . LYS A 1 26  ? -2.463  7.457   -13.283 1.00 36.47  ? 1004 LYS A N   1 
ATOM   212  C CA  . LYS A 1 26  ? -1.224  7.696   -14.029 1.00 38.39  ? 1004 LYS A CA  1 
ATOM   213  C C   . LYS A 1 26  ? -0.106  8.238   -13.145 1.00 33.37  ? 1004 LYS A C   1 
ATOM   214  O O   . LYS A 1 26  ? 1.072   7.962   -13.402 1.00 36.92  ? 1004 LYS A O   1 
ATOM   215  C CB  . LYS A 1 26  ? -1.481  8.666   -15.191 1.00 44.40  ? 1004 LYS A CB  1 
ATOM   216  C CG  . LYS A 1 26  ? -2.099  8.011   -16.418 1.00 56.16  ? 1004 LYS A CG  1 
ATOM   217  N N   . ARG A 1 27  ? -0.446  8.994   -12.103 1.00 33.78  ? 1005 ARG A N   1 
ATOM   218  C CA  . ARG A 1 27  ? 0.571   9.533   -11.203 1.00 33.98  ? 1005 ARG A CA  1 
ATOM   219  C C   . ARG A 1 27  ? 1.356   8.440   -10.497 1.00 36.41  ? 1005 ARG A C   1 
ATOM   220  O O   . ARG A 1 27  ? 2.496   8.669   -10.080 1.00 34.11  ? 1005 ARG A O   1 
ATOM   221  C CB  . ARG A 1 27  ? -0.069  10.420  -10.140 1.00 38.65  ? 1005 ARG A CB  1 
ATOM   222  C CG  . ARG A 1 27  ? -0.584  11.756  -10.617 1.00 42.48  ? 1005 ARG A CG  1 
ATOM   223  C CD  . ARG A 1 27  ? -1.285  12.441  -9.460  1.00 39.33  ? 1005 ARG A CD  1 
ATOM   224  N NE  . ARG A 1 27  ? -2.453  11.686  -9.019  1.00 40.90  ? 1005 ARG A NE  1 
ATOM   225  C CZ  . ARG A 1 27  ? -3.129  11.939  -7.904  1.00 37.79  ? 1005 ARG A CZ  1 
ATOM   226  N NH1 . ARG A 1 27  ? -2.739  12.922  -7.094  1.00 40.78  ? 1005 ARG A NH1 1 
ATOM   227  N NH2 . ARG A 1 27  ? -4.190  11.201  -7.591  1.00 38.45  ? 1005 ARG A NH2 1 
ATOM   228  N N   . PHE A 1 28  ? 0.763   7.261   -10.328 1.00 30.89  ? 1006 PHE A N   1 
ATOM   229  C CA  . PHE A 1 28  ? 1.325   6.233   -9.458  1.00 29.37  ? 1006 PHE A CA  1 
ATOM   230  C C   . PHE A 1 28  ? 1.932   5.084   -10.241 1.00 33.24  ? 1006 PHE A C   1 
ATOM   231  O O   . PHE A 1 28  ? 2.238   4.037   -9.657  1.00 31.84  ? 1006 PHE A O   1 
ATOM   232  C CB  . PHE A 1 28  ? 0.243   5.738   -8.491  1.00 27.72  ? 1006 PHE A CB  1 
ATOM   233  C CG  . PHE A 1 28  ? -0.395  6.845   -7.694  1.00 31.77  ? 1006 PHE A CG  1 
ATOM   234  C CD1 . PHE A 1 28  ? 0.351   7.946   -7.290  1.00 29.42  ? 1006 PHE A CD1 1 
ATOM   235  C CD2 . PHE A 1 28  ? -1.736  6.791   -7.349  1.00 27.62  ? 1006 PHE A CD2 1 
ATOM   236  C CE1 . PHE A 1 28  ? -0.242  8.976   -6.573  1.00 26.49  ? 1006 PHE A CE1 1 
ATOM   237  C CE2 . PHE A 1 28  ? -2.329  7.802   -6.614  1.00 29.61  ? 1006 PHE A CE2 1 
ATOM   238  C CZ  . PHE A 1 28  ? -1.586  8.901   -6.227  1.00 29.67  ? 1006 PHE A CZ  1 
ATOM   239  N N   . ARG A 1 29  ? 2.152   5.274   -11.545 1.00 33.17  ? 1007 ARG A N   1 
ATOM   240  C CA  . ARG A 1 29  ? 2.672   4.193   -12.374 1.00 34.14  ? 1007 ARG A CA  1 
ATOM   241  C C   . ARG A 1 29  ? 4.015   3.678   -11.862 1.00 33.07  ? 1007 ARG A C   1 
ATOM   242  O O   . ARG A 1 29  ? 4.276   2.471   -11.912 1.00 33.82  ? 1007 ARG A O   1 
ATOM   243  C CB  . ARG A 1 29  ? 2.784   4.660   -13.831 1.00 37.96  ? 1007 ARG A CB  1 
ATOM   244  C CG  . ARG A 1 29  ? 3.279   3.581   -14.793 1.00 42.86  ? 1007 ARG A CG  1 
ATOM   245  C CD  . ARG A 1 29  ? 3.282   4.072   -16.246 1.00 46.04  ? 1007 ARG A CD  1 
ATOM   246  N N   . VAL A 1 30  ? 4.876   4.562   -11.345 1.00 32.50  ? 1008 VAL A N   1 
ATOM   247  C CA  . VAL A 1 30  ? 6.192   4.108   -10.889 1.00 34.56  ? 1008 VAL A CA  1 
ATOM   248  C C   . VAL A 1 30  ? 6.083   3.184   -9.684  1.00 35.75  ? 1008 VAL A C   1 
ATOM   249  O O   . VAL A 1 30  ? 7.034   2.456   -9.379  1.00 36.32  ? 1008 VAL A O   1 
ATOM   250  C CB  . VAL A 1 30  ? 7.135   5.283   -10.554 1.00 39.40  ? 1008 VAL A CB  1 
ATOM   251  C CG1 . VAL A 1 30  ? 7.453   6.082   -11.813 1.00 43.51  ? 1008 VAL A CG1 1 
ATOM   252  C CG2 . VAL A 1 30  ? 6.546   6.174   -9.465  1.00 37.17  ? 1008 VAL A CG2 1 
ATOM   253  N N   . PHE A 1 31  ? 4.935   3.167   -9.010  1.00 31.39  ? 1009 PHE A N   1 
ATOM   254  C CA  . PHE A 1 31  ? 4.739   2.335   -7.832  1.00 33.38  ? 1009 PHE A CA  1 
ATOM   255  C C   . PHE A 1 31  ? 4.012   1.036   -8.139  1.00 32.02  ? 1009 PHE A C   1 
ATOM   256  O O   . PHE A 1 31  ? 3.698   0.290   -7.207  1.00 30.10  ? 1009 PHE A O   1 
ATOM   257  C CB  . PHE A 1 31  ? 3.974   3.113   -6.758  1.00 27.22  ? 1009 PHE A CB  1 
ATOM   258  C CG  . PHE A 1 31  ? 4.584   4.450   -6.425  1.00 28.41  ? 1009 PHE A CG  1 
ATOM   259  C CD1 . PHE A 1 31  ? 5.889   4.529   -5.957  1.00 29.14  ? 1009 PHE A CD1 1 
ATOM   260  C CD2 . PHE A 1 31  ? 3.854   5.619   -6.584  1.00 31.16  ? 1009 PHE A CD2 1 
ATOM   261  C CE1 . PHE A 1 31  ? 6.466   5.759   -5.645  1.00 32.17  ? 1009 PHE A CE1 1 
ATOM   262  C CE2 . PHE A 1 31  ? 4.417   6.861   -6.280  1.00 31.93  ? 1009 PHE A CE2 1 
ATOM   263  C CZ  . PHE A 1 31  ? 5.727   6.933   -5.808  1.00 30.97  ? 1009 PHE A CZ  1 
ATOM   264  N N   . THR A 1 32  ? 3.742   0.737   -9.409  1.00 31.28  ? 1010 THR A N   1 
ATOM   265  C CA  . THR A 1 32  ? 2.881   -0.400  -9.727  1.00 36.43  ? 1010 THR A CA  1 
ATOM   266  C C   . THR A 1 32  ? 3.616   -1.731  -9.790  1.00 38.18  ? 1010 THR A C   1 
ATOM   267  O O   . THR A 1 32  ? 2.972   -2.771  -9.643  1.00 39.24  ? 1010 THR A O   1 
ATOM   268  C CB  . THR A 1 32  ? 2.153   -0.203  -11.064 1.00 38.94  ? 1010 THR A CB  1 
ATOM   269  O OG1 . THR A 1 32  ? 3.105   0.080   -12.100 1.00 37.00  ? 1010 THR A OG1 1 
ATOM   270  C CG2 . THR A 1 32  ? 1.103   0.913   -10.974 1.00 33.05  ? 1010 THR A CG2 1 
ATOM   271  N N   . LYS A 1 33  ? 4.927   -1.732  -9.988  1.00 35.04  ? 1011 LYS A N   1 
ATOM   272  C CA  . LYS A 1 33  ? 5.688   -2.960  -10.162 1.00 40.22  ? 1011 LYS A CA  1 
ATOM   273  C C   . LYS A 1 33  ? 6.950   -2.891  -9.324  1.00 35.94  ? 1011 LYS A C   1 
ATOM   274  O O   . LYS A 1 33  ? 7.408   -1.798  -8.967  1.00 36.63  ? 1011 LYS A O   1 
ATOM   275  C CB  . LYS A 1 33  ? 6.050   -3.181  -11.639 1.00 42.16  ? 1011 LYS A CB  1 
ATOM   276  C CG  . LYS A 1 33  ? 4.894   -3.692  -12.489 1.00 49.22  ? 1011 LYS A CG  1 
ATOM   277  C CD  . LYS A 1 33  ? 5.281   -3.731  -13.963 1.00 58.74  ? 1011 LYS A CD  1 
ATOM   278  N N   . PRO A 1 34  ? 7.540   -4.041  -8.982  1.00 40.58  ? 1012 PRO A N   1 
ATOM   279  C CA  . PRO A 1 34  ? 8.825   -4.021  -8.270  1.00 44.57  ? 1012 PRO A CA  1 
ATOM   280  C C   . PRO A 1 34  ? 9.887   -3.279  -9.071  1.00 44.60  ? 1012 PRO A C   1 
ATOM   281  O O   . PRO A 1 34  ? 9.902   -3.306  -10.305 1.00 45.03  ? 1012 PRO A O   1 
ATOM   282  C CB  . PRO A 1 34  ? 9.176   -5.509  -8.120  1.00 44.91  ? 1012 PRO A CB  1 
ATOM   283  C CG  . PRO A 1 34  ? 7.875   -6.224  -8.248  1.00 42.26  ? 1012 PRO A CG  1 
ATOM   284  C CD  . PRO A 1 34  ? 7.074   -5.417  -9.236  1.00 39.02  ? 1012 PRO A CD  1 
ATOM   285  N N   . VAL A 1 35  ? 10.771  -2.590  -8.351  1.00 47.75  ? 1013 VAL A N   1 
ATOM   286  C CA  . VAL A 1 35  ? 11.891  -1.915  -8.996  1.00 50.27  ? 1013 VAL A CA  1 
ATOM   287  C C   . VAL A 1 35  ? 12.829  -2.957  -9.591  1.00 56.34  ? 1013 VAL A C   1 
ATOM   288  O O   . VAL A 1 35  ? 13.210  -3.927  -8.922  1.00 56.02  ? 1013 VAL A O   1 
ATOM   289  C CB  . VAL A 1 35  ? 12.620  -1.004  -7.995  1.00 47.10  ? 1013 VAL A CB  1 
ATOM   290  C CG1 . VAL A 1 35  ? 13.804  -0.314  -8.662  1.00 48.88  ? 1013 VAL A CG1 1 
ATOM   291  C CG2 . VAL A 1 35  ? 11.656  0.020   -7.410  1.00 46.00  ? 1013 VAL A CG2 1 
ATOM   292  N N   . ASP A 1 36  ? 13.195  -2.767  -10.861 1.00 59.60  ? 1014 ASP A N   1 
ATOM   293  C CA  . ASP A 1 36  ? 14.024  -3.725  -11.586 1.00 66.49  ? 1014 ASP A CA  1 
ATOM   294  C C   . ASP A 1 36  ? 15.497  -3.418  -11.345 1.00 72.21  ? 1014 ASP A C   1 
ATOM   295  O O   . ASP A 1 36  ? 15.951  -2.317  -11.690 1.00 68.32  ? 1014 ASP A O   1 
ATOM   296  C CB  . ASP A 1 36  ? 13.714  -3.671  -13.076 1.00 68.24  ? 1014 ASP A CB  1 
ATOM   297  C CG  . ASP A 1 36  ? 14.459  -4.725  -13.878 1.00 73.82  ? 1014 ASP A CG  1 
ATOM   298  O OD1 . ASP A 1 36  ? 14.974  -5.692  -13.281 1.00 72.95  ? 1014 ASP A OD1 1 
ATOM   299  O OD2 . ASP A 1 36  ? 14.525  -4.581  -15.118 1.00 80.35  ? 1014 ASP A OD2 1 
ATOM   300  N N   . PRO A 1 37  ? 16.274  -4.339  -10.765 1.00 75.48  ? 1015 PRO A N   1 
ATOM   301  C CA  . PRO A 1 37  ? 17.706  -4.055  -10.557 1.00 75.85  ? 1015 PRO A CA  1 
ATOM   302  C C   . PRO A 1 37  ? 18.461  -3.803  -11.850 1.00 78.41  ? 1015 PRO A C   1 
ATOM   303  O O   . PRO A 1 37  ? 19.448  -3.057  -11.842 1.00 80.34  ? 1015 PRO A O   1 
ATOM   304  C CB  . PRO A 1 37  ? 18.214  -5.311  -9.833  1.00 75.81  ? 1015 PRO A CB  1 
ATOM   305  C CG  . PRO A 1 37  ? 17.209  -6.378  -10.157 1.00 79.60  ? 1015 PRO A CG  1 
ATOM   306  C CD  . PRO A 1 37  ? 15.891  -5.671  -10.265 1.00 71.52  ? 1015 PRO A CD  1 
ATOM   307  N N   . ASP A 1 38  ? 18.027  -4.403  -12.961 1.00 77.05  ? 1016 ASP A N   1 
ATOM   308  C CA  . ASP A 1 38  ? 18.649  -4.106  -14.246 1.00 79.17  ? 1016 ASP A CA  1 
ATOM   309  C C   . ASP A 1 38  ? 18.469  -2.638  -14.614 1.00 80.17  ? 1016 ASP A C   1 
ATOM   310  O O   . ASP A 1 38  ? 19.406  -1.989  -15.091 1.00 79.46  ? 1016 ASP A O   1 
ATOM   311  C CB  . ASP A 1 38  ? 18.070  -5.012  -15.334 1.00 77.98  ? 1016 ASP A CB  1 
ATOM   312  N N   . GLU A 1 39  ? 17.272  -2.092  -14.385 1.00 76.61  ? 1017 GLU A N   1 
ATOM   313  C CA  . GLU A 1 39  ? 17.030  -0.688  -14.695 1.00 76.94  ? 1017 GLU A CA  1 
ATOM   314  C C   . GLU A 1 39  ? 17.519  0.237   -13.587 1.00 80.64  ? 1017 GLU A C   1 
ATOM   315  O O   . GLU A 1 39  ? 17.824  1.406   -13.854 1.00 82.80  ? 1017 GLU A O   1 
ATOM   316  C CB  . GLU A 1 39  ? 15.539  -0.456  -14.958 1.00 76.02  ? 1017 GLU A CB  1 
ATOM   317  N N   . VAL A 1 40  ? 17.588  -0.250  -12.350 1.00 78.91  ? 1018 VAL A N   1 
ATOM   318  C CA  . VAL A 1 40  ? 18.055  0.541   -11.211 1.00 76.73  ? 1018 VAL A CA  1 
ATOM   319  C C   . VAL A 1 40  ? 18.943  -0.327  -10.326 1.00 76.38  ? 1018 VAL A C   1 
ATOM   320  O O   . VAL A 1 40  ? 18.436  -0.999  -9.415  1.00 75.53  ? 1018 VAL A O   1 
ATOM   321  C CB  . VAL A 1 40  ? 16.883  1.114   -10.396 1.00 74.51  ? 1018 VAL A CB  1 
ATOM   322  C CG1 . VAL A 1 40  ? 17.410  1.953   -9.252  1.00 71.95  ? 1018 VAL A CG1 1 
ATOM   323  C CG2 . VAL A 1 40  ? 15.957  1.943   -11.269 1.00 73.34  ? 1018 VAL A CG2 1 
ATOM   324  N N   . PRO A 1 41  ? 20.262  -0.350  -10.546 1.00 81.89  ? 1019 PRO A N   1 
ATOM   325  C CA  . PRO A 1 41  ? 21.105  -1.253  -9.742  1.00 75.73  ? 1019 PRO A CA  1 
ATOM   326  C C   . PRO A 1 41  ? 21.280  -0.782  -8.313  1.00 71.39  ? 1019 PRO A C   1 
ATOM   327  O O   . PRO A 1 41  ? 21.435  -1.611  -7.405  1.00 70.17  ? 1019 PRO A O   1 
ATOM   328  C CB  . PRO A 1 41  ? 22.439  -1.261  -10.509 1.00 79.18  ? 1019 PRO A CB  1 
ATOM   329  C CG  . PRO A 1 41  ? 22.131  -0.644  -11.863 1.00 81.74  ? 1019 PRO A CG  1 
ATOM   330  C CD  . PRO A 1 41  ? 21.035  0.336   -11.591 1.00 80.37  ? 1019 PRO A CD  1 
ATOM   331  N N   . ASP A 1 42  ? 21.252  0.531   -8.087  1.00 70.82  ? 1020 ASP A N   1 
ATOM   332  C CA  . ASP A 1 42  ? 21.539  1.088   -6.773  1.00 67.11  ? 1020 ASP A CA  1 
ATOM   333  C C   . ASP A 1 42  ? 20.397  0.895   -5.785  1.00 66.91  ? 1020 ASP A C   1 
ATOM   334  O O   . ASP A 1 42  ? 20.570  1.214   -4.603  1.00 62.28  ? 1020 ASP A O   1 
ATOM   335  C CB  . ASP A 1 42  ? 21.854  2.578   -6.885  1.00 72.09  ? 1020 ASP A CB  1 
ATOM   336  C CG  . ASP A 1 42  ? 23.294  2.842   -7.294  1.00 82.78  ? 1020 ASP A CG  1 
ATOM   337  O OD1 . ASP A 1 42  ? 23.775  3.964   -7.019  1.00 80.43  ? 1020 ASP A OD1 1 
ATOM   338  O OD2 . ASP A 1 42  ? 23.934  1.976   -7.930  1.00 86.12  ? 1020 ASP A OD2 1 
ATOM   339  N N   . TYR A 1 43  ? 19.249  0.371   -6.228  1.00 58.01  ? 1021 TYR A N   1 
ATOM   340  C CA  . TYR A 1 43  ? 18.051  0.417   -5.396  1.00 61.01  ? 1021 TYR A CA  1 
ATOM   341  C C   . TYR A 1 43  ? 18.152  -0.556  -4.225  1.00 59.05  ? 1021 TYR A C   1 
ATOM   342  O O   . TYR A 1 43  ? 17.888  -0.186  -3.074  1.00 51.56  ? 1021 TYR A O   1 
ATOM   343  C CB  . TYR A 1 43  ? 16.813  0.134   -6.246  1.00 49.17  ? 1021 TYR A CB  1 
ATOM   344  C CG  . TYR A 1 43  ? 15.517  0.392   -5.515  1.00 47.33  ? 1021 TYR A CG  1 
ATOM   345  C CD1 . TYR A 1 43  ? 15.069  1.690   -5.298  1.00 47.75  ? 1021 TYR A CD1 1 
ATOM   346  C CD2 . TYR A 1 43  ? 14.739  -0.661  -5.043  1.00 47.37  ? 1021 TYR A CD2 1 
ATOM   347  C CE1 . TYR A 1 43  ? 13.878  1.933   -4.630  1.00 45.68  ? 1021 TYR A CE1 1 
ATOM   348  C CE2 . TYR A 1 43  ? 13.546  -0.430  -4.373  1.00 41.85  ? 1021 TYR A CE2 1 
ATOM   349  C CZ  . TYR A 1 43  ? 13.123  0.865   -4.170  1.00 39.66  ? 1021 TYR A CZ  1 
ATOM   350  O OH  . TYR A 1 43  ? 11.944  1.098   -3.507  1.00 39.00  ? 1021 TYR A OH  1 
ATOM   351  N N   . VAL A 1 44  ? 18.555  -1.798  -4.495  1.00 62.45  ? 1022 VAL A N   1 
ATOM   352  C CA  . VAL A 1 44  ? 18.648  -2.785  -3.424  1.00 66.92  ? 1022 VAL A CA  1 
ATOM   353  C C   . VAL A 1 44  ? 19.696  -2.402  -2.385  1.00 64.94  ? 1022 VAL A C   1 
ATOM   354  O O   . VAL A 1 44  ? 19.658  -2.904  -1.257  1.00 63.49  ? 1022 VAL A O   1 
ATOM   355  C CB  . VAL A 1 44  ? 18.929  -4.185  -4.007  1.00 67.13  ? 1022 VAL A CB  1 
ATOM   356  C CG1 . VAL A 1 44  ? 18.050  -4.434  -5.226  1.00 65.03  ? 1022 VAL A CG1 1 
ATOM   357  C CG2 . VAL A 1 44  ? 20.395  -4.324  -4.368  1.00 67.04  ? 1022 VAL A CG2 1 
ATOM   358  N N   . THR A 1 45  ? 20.627  -1.509  -2.728  1.00 61.19  ? 1023 THR A N   1 
ATOM   359  C CA  . THR A 1 45  ? 21.618  -1.060  -1.755  1.00 62.85  ? 1023 THR A CA  1 
ATOM   360  C C   . THR A 1 45  ? 21.077  0.023   -0.833  1.00 62.87  ? 1023 THR A C   1 
ATOM   361  O O   . THR A 1 45  ? 21.668  0.274   0.222   1.00 60.03  ? 1023 THR A O   1 
ATOM   362  C CB  . THR A 1 45  ? 22.876  -0.547  -2.464  1.00 65.78  ? 1023 THR A CB  1 
ATOM   363  N N   . VAL A 1 46  ? 19.967  0.661   -1.199  1.00 57.59  ? 1024 VAL A N   1 
ATOM   364  C CA  . VAL A 1 46  ? 19.358  1.674   -0.356  1.00 50.17  ? 1024 VAL A CA  1 
ATOM   365  C C   . VAL A 1 46  ? 18.100  1.170   0.351   1.00 53.22  ? 1024 VAL A C   1 
ATOM   366  O O   . VAL A 1 46  ? 17.860  1.549   1.506   1.00 50.16  ? 1024 VAL A O   1 
ATOM   367  C CB  . VAL A 1 46  ? 19.053  2.945   -1.181  1.00 54.57  ? 1024 VAL A CB  1 
ATOM   368  C CG1 . VAL A 1 46  ? 18.494  4.053   -0.300  1.00 51.64  ? 1024 VAL A CG1 1 
ATOM   369  C CG2 . VAL A 1 46  ? 20.305  3.423   -1.910  1.00 55.54  ? 1024 VAL A CG2 1 
ATOM   370  N N   . ILE A 1 47  ? 17.317  0.300   -0.288  1.00 48.40  ? 1025 ILE A N   1 
ATOM   371  C CA  . ILE A 1 47  ? 15.985  -0.076  0.182   1.00 48.41  ? 1025 ILE A CA  1 
ATOM   372  C C   . ILE A 1 47  ? 16.010  -1.533  0.621   1.00 39.35  ? 1025 ILE A C   1 
ATOM   373  O O   . ILE A 1 47  ? 16.113  -2.441  -0.214  1.00 45.41  ? 1025 ILE A O   1 
ATOM   374  C CB  . ILE A 1 47  ? 14.916  0.137   -0.899  1.00 41.80  ? 1025 ILE A CB  1 
ATOM   375  C CG1 . ILE A 1 47  ? 14.877  1.609   -1.329  1.00 36.85  ? 1025 ILE A CG1 1 
ATOM   376  C CG2 . ILE A 1 47  ? 13.566  -0.366  -0.396  1.00 35.45  ? 1025 ILE A CG2 1 
ATOM   377  C CD1 . ILE A 1 47  ? 14.663  2.596   -0.190  1.00 37.04  ? 1025 ILE A CD1 1 
ATOM   378  N N   . LYS A 1 48  ? 15.856  -1.765  1.922   1.00 46.03  ? 1026 LYS A N   1 
ATOM   379  C CA  . LYS A 1 48  ? 15.965  -3.115  2.454   1.00 50.12  ? 1026 LYS A CA  1 
ATOM   380  C C   . LYS A 1 48  ? 14.653  -3.885  2.420   1.00 53.46  ? 1026 LYS A C   1 
ATOM   381  O O   . LYS A 1 48  ? 14.677  -5.121  2.465   1.00 51.91  ? 1026 LYS A O   1 
ATOM   382  C CB  . LYS A 1 48  ? 16.500  -3.072  3.890   1.00 55.47  ? 1026 LYS A CB  1 
ATOM   383  C CG  . LYS A 1 48  ? 17.930  -2.552  3.982   1.00 61.26  ? 1026 LYS A CG  1 
ATOM   384  C CD  . LYS A 1 48  ? 18.908  -3.501  3.292   1.00 63.30  ? 1026 LYS A CD  1 
ATOM   385  C CE  . LYS A 1 48  ? 20.231  -2.805  2.970   1.00 62.26  ? 1026 LYS A CE  1 
ATOM   386  N NZ  . LYS A 1 48  ? 20.515  -2.723  1.503   1.00 64.90  ? 1026 LYS A NZ  1 
ATOM   387  N N   . GLN A 1 49  ? 13.513  -3.199  2.318   1.00 44.76  ? 1027 GLN A N   1 
ATOM   388  C CA  . GLN A 1 49  ? 12.205  -3.852  2.311   1.00 40.51  ? 1027 GLN A CA  1 
ATOM   389  C C   . GLN A 1 49  ? 11.358  -3.282  1.182   1.00 37.95  ? 1027 GLN A C   1 
ATOM   390  O O   . GLN A 1 49  ? 10.489  -2.430  1.412   1.00 35.61  ? 1027 GLN A O   1 
ATOM   391  C CB  . GLN A 1 49  ? 11.516  -3.695  3.665   1.00 42.51  ? 1027 GLN A CB  1 
ATOM   392  C CG  . GLN A 1 49  ? 10.358  -4.642  3.846   1.00 44.91  ? 1027 GLN A CG  1 
ATOM   393  C CD  . GLN A 1 49  ? 9.729   -4.570  5.230   1.00 41.88  ? 1027 GLN A CD  1 
ATOM   394  O OE1 . GLN A 1 49  ? 10.097  -3.739  6.065   1.00 46.83  ? 1027 GLN A OE1 1 
ATOM   395  N NE2 . GLN A 1 49  ? 8.766   -5.448  5.473   1.00 53.04  ? 1027 GLN A NE2 1 
ATOM   396  N N   . PRO A 1 50  ? 11.553  -3.764  -0.045  1.00 35.52  ? 1028 PRO A N   1 
ATOM   397  C CA  . PRO A 1 50  ? 10.807  -3.235  -1.193  1.00 35.28  ? 1028 PRO A CA  1 
ATOM   398  C C   . PRO A 1 50  ? 9.315   -3.536  -1.106  1.00 39.21  ? 1028 PRO A C   1 
ATOM   399  O O   . PRO A 1 50  ? 8.889   -4.582  -0.608  1.00 32.22  ? 1028 PRO A O   1 
ATOM   400  C CB  . PRO A 1 50  ? 11.428  -3.965  -2.392  1.00 36.89  ? 1028 PRO A CB  1 
ATOM   401  C CG  . PRO A 1 50  ? 12.689  -4.605  -1.871  1.00 44.19  ? 1028 PRO A CG  1 
ATOM   402  C CD  . PRO A 1 50  ? 12.468  -4.855  -0.425  1.00 40.47  ? 1028 PRO A CD  1 
ATOM   403  N N   . MET A 1 51  ? 8.513   -2.615  -1.637  1.00 30.72  ? 1029 MET A N   1 
ATOM   404  C CA  . MET A 1 51  ? 7.071   -2.813  -1.671  1.00 30.33  ? 1029 MET A CA  1 
ATOM   405  C C   . MET A 1 51  ? 6.522   -2.062  -2.879  1.00 33.72  ? 1029 MET A C   1 
ATOM   406  O O   . MET A 1 51  ? 7.049   -1.015  -3.257  1.00 29.87  ? 1029 MET A O   1 
ATOM   407  C CB  . MET A 1 51  ? 6.427   -2.336  -0.358  1.00 31.14  ? 1029 MET A CB  1 
ATOM   408  C CG  . MET A 1 51  ? 4.924   -2.689  -0.201  1.00 32.01  ? 1029 MET A CG  1 
ATOM   409  S SD  . MET A 1 51  ? 4.528   -4.444  -0.449  1.00 37.39  ? 1029 MET A SD  1 
ATOM   410  C CE  . MET A 1 51  ? 5.503   -5.152  0.890   1.00 35.13  ? 1029 MET A CE  1 
ATOM   411  N N   . ASP A 1 52  ? 5.476   -2.613  -3.489  1.00 31.62  ? 1030 ASP A N   1 
ATOM   412  C CA  . ASP A 1 52  ? 4.834   -2.002  -4.651  1.00 33.06  ? 1030 ASP A CA  1 
ATOM   413  C C   . ASP A 1 52  ? 3.392   -2.482  -4.717  1.00 31.94  ? 1030 ASP A C   1 
ATOM   414  O O   . ASP A 1 52  ? 2.988   -3.391  -3.989  1.00 29.74  ? 1030 ASP A O   1 
ATOM   415  C CB  . ASP A 1 52  ? 5.567   -2.344  -5.950  1.00 33.17  ? 1030 ASP A CB  1 
ATOM   416  C CG  . ASP A 1 52  ? 5.457   -3.807  -6.292  1.00 39.11  ? 1030 ASP A CG  1 
ATOM   417  O OD1 . ASP A 1 52  ? 6.204   -4.621  -5.704  1.00 47.08  ? 1030 ASP A OD1 1 
ATOM   418  O OD2 . ASP A 1 52  ? 4.595   -4.153  -7.116  1.00 42.42  ? 1030 ASP A OD2 1 
ATOM   419  N N   . LEU A 1 53  ? 2.608   -1.866  -5.612  1.00 27.86  ? 1031 LEU A N   1 
ATOM   420  C CA  . LEU A 1 53  ? 1.174   -2.157  -5.623  1.00 31.54  ? 1031 LEU A CA  1 
ATOM   421  C C   . LEU A 1 53  ? 0.871   -3.555  -6.147  1.00 30.14  ? 1031 LEU A C   1 
ATOM   422  O O   . LEU A 1 53  ? -0.142  -4.146  -5.757  1.00 30.83  ? 1031 LEU A O   1 
ATOM   423  C CB  . LEU A 1 53  ? 0.420   -1.110  -6.449  1.00 27.60  ? 1031 LEU A CB  1 
ATOM   424  C CG  . LEU A 1 53  ? 0.506   0.306   -5.877  1.00 28.00  ? 1031 LEU A CG  1 
ATOM   425  C CD1 . LEU A 1 53  ? -0.140  1.288   -6.884  1.00 29.88  ? 1031 LEU A CD1 1 
ATOM   426  C CD2 . LEU A 1 53  ? -0.159  0.401   -4.515  1.00 28.72  ? 1031 LEU A CD2 1 
ATOM   427  N N   . SER A 1 54  ? 1.713   -4.103  -7.028  1.00 32.03  ? 1032 SER A N   1 
ATOM   428  C CA  . SER A 1 54  ? 1.495   -5.480  -7.463  1.00 34.68  ? 1032 SER A CA  1 
ATOM   429  C C   . SER A 1 54  ? 1.741   -6.453  -6.319  1.00 31.71  ? 1032 SER A C   1 
ATOM   430  O O   . SER A 1 54  ? 1.007   -7.436  -6.163  1.00 35.66  ? 1032 SER A O   1 
ATOM   431  C CB  A SER A 1 54  ? 2.379   -5.809  -8.671  0.53 37.83  ? 1032 SER A CB  1 
ATOM   432  C CB  B SER A 1 54  ? 2.399   -5.817  -8.653  0.47 37.87  ? 1032 SER A CB  1 
ATOM   433  O OG  A SER A 1 54  ? 3.743   -5.882  -8.305  0.53 35.94  ? 1032 SER A OG  1 
ATOM   434  O OG  B SER A 1 54  ? 1.921   -5.241  -9.850  0.47 37.19  ? 1032 SER A OG  1 
ATOM   435  N N   . SER A 1 55  ? 2.752   -6.179  -5.492  1.00 31.72  ? 1033 SER A N   1 
ATOM   436  C CA  . SER A 1 55  ? 3.018   -7.037  -4.345  1.00 33.82  ? 1033 SER A CA  1 
ATOM   437  C C   . SER A 1 55  ? 1.912   -6.928  -3.307  1.00 34.60  ? 1033 SER A C   1 
ATOM   438  O O   . SER A 1 55  ? 1.588   -7.920  -2.648  1.00 31.46  ? 1033 SER A O   1 
ATOM   439  C CB  . SER A 1 55  ? 4.374   -6.689  -3.737  1.00 38.70  ? 1033 SER A CB  1 
ATOM   440  O OG  . SER A 1 55  ? 5.387   -6.852  -4.720  1.00 42.85  ? 1033 SER A OG  1 
ATOM   441  N N   . VAL A 1 56  ? 1.311   -5.742  -3.168  1.00 29.73  ? 1034 VAL A N   1 
ATOM   442  C CA  . VAL A 1 56  ? 0.170   -5.583  -2.271  1.00 28.44  ? 1034 VAL A CA  1 
ATOM   443  C C   . VAL A 1 56  ? -0.988  -6.471  -2.715  1.00 26.09  ? 1034 VAL A C   1 
ATOM   444  O O   . VAL A 1 56  ? -1.635  -7.126  -1.887  1.00 29.44  ? 1034 VAL A O   1 
ATOM   445  C CB  . VAL A 1 56  ? -0.241  -4.096  -2.192  1.00 27.37  ? 1034 VAL A CB  1 
ATOM   446  C CG1 . VAL A 1 56  ? -1.620  -3.940  -1.517  1.00 27.91  ? 1034 VAL A CG1 1 
ATOM   447  C CG2 . VAL A 1 56  ? 0.824   -3.289  -1.446  1.00 28.43  ? 1034 VAL A CG2 1 
ATOM   448  N N   . ILE A 1 57  ? -1.278  -6.503  -4.020  1.00 25.59  ? 1035 ILE A N   1 
ATOM   449  C CA  . ILE A 1 57  ? -2.373  -7.344  -4.514  1.00 30.28  ? 1035 ILE A CA  1 
ATOM   450  C C   . ILE A 1 57  ? -2.102  -8.813  -4.201  1.00 32.71  ? 1035 ILE A C   1 
ATOM   451  O O   . ILE A 1 57  ? -3.004  -9.546  -3.784  1.00 30.65  ? 1035 ILE A O   1 
ATOM   452  C CB  . ILE A 1 57  ? -2.596  -7.133  -6.027  1.00 36.89  ? 1035 ILE A CB  1 
ATOM   453  C CG1 . ILE A 1 57  ? -3.168  -5.745  -6.323  1.00 36.22  ? 1035 ILE A CG1 1 
ATOM   454  C CG2 . ILE A 1 57  ? -3.523  -8.225  -6.600  1.00 37.14  ? 1035 ILE A CG2 1 
ATOM   455  C CD1 . ILE A 1 57  ? -2.694  -5.170  -7.646  1.00 48.33  ? 1035 ILE A CD1 1 
ATOM   456  N N   . SER A 1 58  ? -0.859  -9.268  -4.406  1.00 33.44  ? 1036 SER A N   1 
ATOM   457  C CA  . SER A 1 58  ? -0.510  -10.657 -4.089  1.00 32.70  ? 1036 SER A CA  1 
ATOM   458  C C   . SER A 1 58  ? -0.733  -10.972 -2.615  1.00 29.74  ? 1036 SER A C   1 
ATOM   459  O O   . SER A 1 58  ? -1.242  -12.046 -2.271  1.00 33.66  ? 1036 SER A O   1 
ATOM   460  C CB  . SER A 1 58  ? 0.945   -10.939 -4.476  1.00 35.70  ? 1036 SER A CB  1 
ATOM   461  O OG  . SER A 1 58  ? 1.137   -10.727 -5.860  1.00 45.02  ? 1036 SER A OG  1 
ATOM   462  N N   . LYS A 1 59  ? -0.382  -10.040 -1.728  1.00 26.30  ? 1037 LYS A N   1 
ATOM   463  C CA  . LYS A 1 59  ? -0.562  -10.265 -0.301  1.00 28.51  ? 1037 LYS A CA  1 
ATOM   464  C C   . LYS A 1 59  ? -2.041  -10.283 0.087   1.00 31.54  ? 1037 LYS A C   1 
ATOM   465  O O   . LYS A 1 59  ? -2.438  -11.035 0.984   1.00 28.53  ? 1037 LYS A O   1 
ATOM   466  C CB  . LYS A 1 59  ? 0.206   -9.205  0.492   1.00 27.41  ? 1037 LYS A CB  1 
ATOM   467  C CG  . LYS A 1 59  ? 1.743   -9.396  0.426   1.00 30.37  ? 1037 LYS A CG  1 
ATOM   468  C CD  . LYS A 1 59  ? 2.499   -8.335  1.221   1.00 31.76  ? 1037 LYS A CD  1 
ATOM   469  C CE  . LYS A 1 59  ? 2.241   -8.466  2.713   1.00 32.41  ? 1037 LYS A CE  1 
ATOM   470  N NZ  . LYS A 1 59  ? 3.189   -7.648  3.529   1.00 37.47  ? 1037 LYS A NZ  1 
ATOM   471  N N   . ILE A 1 60  ? -2.875  -9.464  -0.563  1.00 28.58  ? 1038 ILE A N   1 
ATOM   472  C CA  . ILE A 1 60  ? -4.313  -9.547  -0.299  1.00 25.98  ? 1038 ILE A CA  1 
ATOM   473  C C   . ILE A 1 60  ? -4.808  -10.962 -0.587  1.00 28.04  ? 1038 ILE A C   1 
ATOM   474  O O   . ILE A 1 60  ? -5.527  -11.566 0.221   1.00 31.18  ? 1038 ILE A O   1 
ATOM   475  C CB  . ILE A 1 60  ? -5.093  -8.517  -1.140  1.00 27.72  ? 1038 ILE A CB  1 
ATOM   476  C CG1 . ILE A 1 60  ? -4.738  -7.076  -0.743  1.00 25.19  ? 1038 ILE A CG1 1 
ATOM   477  C CG2 . ILE A 1 60  ? -6.617  -8.781  -1.012  1.00 29.54  ? 1038 ILE A CG2 1 
ATOM   478  C CD1 . ILE A 1 60  ? -5.328  -6.026  -1.711  1.00 27.58  ? 1038 ILE A CD1 1 
ATOM   479  N N   . ASP A 1 61  ? -4.409  -11.515 -1.737  1.00 30.13  ? 1039 ASP A N   1 
ATOM   480  C CA  . ASP A 1 61  ? -4.900  -12.823 -2.161  1.00 34.44  ? 1039 ASP A CA  1 
ATOM   481  C C   . ASP A 1 61  ? -4.302  -13.964 -1.349  1.00 38.30  ? 1039 ASP A C   1 
ATOM   482  O O   . ASP A 1 61  ? -4.867  -15.064 -1.353  1.00 38.71  ? 1039 ASP A O   1 
ATOM   483  C CB  . ASP A 1 61  ? -4.619  -13.045 -3.649  1.00 35.09  ? 1039 ASP A CB  1 
ATOM   484  C CG  . ASP A 1 61  ? -5.421  -12.100 -4.547  1.00 41.68  ? 1039 ASP A CG  1 
ATOM   485  O OD1 . ASP A 1 61  ? -6.412  -11.510 -4.066  1.00 39.89  ? 1039 ASP A OD1 1 
ATOM   486  O OD2 . ASP A 1 61  ? -5.057  -11.948 -5.734  1.00 41.05  ? 1039 ASP A OD2 1 
ATOM   487  N N   . LEU A 1 62  ? -3.181  -13.733 -0.665  1.00 34.04  ? 1040 LEU A N   1 
ATOM   488  C CA  . LEU A 1 62  ? -2.621  -14.676 0.298   1.00 32.39  ? 1040 LEU A CA  1 
ATOM   489  C C   . LEU A 1 62  ? -3.176  -14.483 1.703   1.00 33.62  ? 1040 LEU A C   1 
ATOM   490  O O   . LEU A 1 62  ? -2.642  -15.069 2.652   1.00 36.94  ? 1040 LEU A O   1 
ATOM   491  C CB  . LEU A 1 62  ? -1.089  -14.559 0.329   1.00 33.63  ? 1040 LEU A CB  1 
ATOM   492  C CG  . LEU A 1 62  ? -0.350  -14.954 -0.949  1.00 38.32  ? 1040 LEU A CG  1 
ATOM   493  C CD1 . LEU A 1 62  ? 1.139   -14.638 -0.824  1.00 38.41  ? 1040 LEU A CD1 1 
ATOM   494  C CD2 . LEU A 1 62  ? -0.560  -16.427 -1.262  1.00 42.27  ? 1040 LEU A CD2 1 
ATOM   495  N N   . HIS A 1 63  ? -4.227  -13.671 1.865   1.00 33.63  ? 1041 HIS A N   1 
ATOM   496  C CA  . HIS A 1 63  ? -4.852  -13.431 3.166   1.00 35.35  ? 1041 HIS A CA  1 
ATOM   497  C C   . HIS A 1 63  ? -3.870  -12.840 4.180   1.00 36.31  ? 1041 HIS A C   1 
ATOM   498  O O   . HIS A 1 63  ? -3.978  -13.087 5.384   1.00 37.33  ? 1041 HIS A O   1 
ATOM   499  C CB  . HIS A 1 63  ? -5.483  -14.711 3.742   1.00 36.03  ? 1041 HIS A CB  1 
ATOM   500  C CG  . HIS A 1 63  ? -6.587  -15.293 2.913   1.00 35.69  ? 1041 HIS A CG  1 
ATOM   501  N ND1 . HIS A 1 63  ? -6.757  -15.019 1.573   1.00 38.37  ? 1041 HIS A ND1 1 
ATOM   502  C CD2 . HIS A 1 63  ? -7.574  -16.160 3.242   1.00 35.45  ? 1041 HIS A CD2 1 
ATOM   503  C CE1 . HIS A 1 63  ? -7.799  -15.687 1.113   1.00 37.27  ? 1041 HIS A CE1 1 
ATOM   504  N NE2 . HIS A 1 63  ? -8.311  -16.388 2.108   1.00 36.52  ? 1041 HIS A NE2 1 
ATOM   505  N N   . LYS A 1 64  ? -2.913  -12.030 3.725   1.00 34.15  ? 1042 LYS A N   1 
ATOM   506  C CA  . LYS A 1 64  ? -1.944  -11.442 4.639   1.00 33.83  ? 1042 LYS A CA  1 
ATOM   507  C C   . LYS A 1 64  ? -2.463  -10.222 5.391   1.00 35.66  ? 1042 LYS A C   1 
ATOM   508  O O   . LYS A 1 64  ? -1.862  -9.835  6.396   1.00 36.04  ? 1042 LYS A O   1 
ATOM   509  C CB  . LYS A 1 64  ? -0.668  -11.053 3.884   1.00 34.39  ? 1042 LYS A CB  1 
ATOM   510  C CG  . LYS A 1 64  ? -0.023  -12.217 3.157   1.00 36.14  ? 1042 LYS A CG  1 
ATOM   511  C CD  . LYS A 1 64  ? 0.867   -13.017 4.082   1.00 44.03  ? 1042 LYS A CD  1 
ATOM   512  C CE  . LYS A 1 64  ? 1.791   -13.930 3.281   1.00 50.49  ? 1042 LYS A CE  1 
ATOM   513  N NZ  . LYS A 1 64  ? 2.544   -14.867 4.167   1.00 61.60  ? 1042 LYS A NZ  1 
ATOM   514  N N   . TYR A 1 65  ? -3.543  -9.592  4.941   1.00 32.75  ? 1043 TYR A N   1 
ATOM   515  C CA  . TYR A 1 65  ? -4.076  -8.416  5.620   1.00 30.91  ? 1043 TYR A CA  1 
ATOM   516  C C   . TYR A 1 65  ? -5.365  -8.804  6.329   1.00 34.02  ? 1043 TYR A C   1 
ATOM   517  O O   . TYR A 1 65  ? -6.360  -9.122  5.673   1.00 35.62  ? 1043 TYR A O   1 
ATOM   518  C CB  . TYR A 1 65  ? -4.350  -7.273  4.639   1.00 29.96  ? 1043 TYR A CB  1 
ATOM   519  C CG  . TYR A 1 65  ? -3.147  -6.851  3.818   1.00 31.67  ? 1043 TYR A CG  1 
ATOM   520  C CD1 . TYR A 1 65  ? -1.982  -6.375  4.429   1.00 31.18  ? 1043 TYR A CD1 1 
ATOM   521  C CD2 . TYR A 1 65  ? -3.175  -6.942  2.428   1.00 28.44  ? 1043 TYR A CD2 1 
ATOM   522  C CE1 . TYR A 1 65  ? -0.872  -5.982  3.655   1.00 31.98  ? 1043 TYR A CE1 1 
ATOM   523  C CE2 . TYR A 1 65  ? -2.082  -6.548  1.654   1.00 28.04  ? 1043 TYR A CE2 1 
ATOM   524  C CZ  . TYR A 1 65  ? -0.941  -6.075  2.267   1.00 31.66  ? 1043 TYR A CZ  1 
ATOM   525  O OH  . TYR A 1 65  ? 0.127   -5.706  1.475   1.00 29.27  ? 1043 TYR A OH  1 
ATOM   526  N N   . LEU A 1 66  ? -5.360  -8.739  7.657   1.00 32.29  ? 1044 LEU A N   1 
ATOM   527  C CA  . LEU A 1 66  ? -6.578  -8.978  8.421   1.00 35.25  ? 1044 LEU A CA  1 
ATOM   528  C C   . LEU A 1 66  ? -7.200  -7.701  8.952   1.00 35.30  ? 1044 LEU A C   1 
ATOM   529  O O   . LEU A 1 66  ? -8.306  -7.752  9.496   1.00 32.57  ? 1044 LEU A O   1 
ATOM   530  C CB  . LEU A 1 66  ? -6.309  -9.938  9.597   1.00 40.24  ? 1044 LEU A CB  1 
ATOM   531  C CG  . LEU A 1 66  ? -6.001  -11.408 9.267   1.00 44.98  ? 1044 LEU A CG  1 
ATOM   532  C CD1 . LEU A 1 66  ? -6.873  -11.938 8.147   1.00 40.30  ? 1044 LEU A CD1 1 
ATOM   533  C CD2 . LEU A 1 66  ? -4.531  -11.609 8.929   1.00 51.34  ? 1044 LEU A CD2 1 
ATOM   534  N N   . THR A 1 67  ? -6.525  -6.559  8.815   1.00 32.06  ? 1045 THR A N   1 
ATOM   535  C CA  . THR A 1 67  ? -7.076  -5.275  9.210   1.00 30.02  ? 1045 THR A CA  1 
ATOM   536  C C   . THR A 1 67  ? -6.647  -4.245  8.176   1.00 34.62  ? 1045 THR A C   1 
ATOM   537  O O   . THR A 1 67  ? -5.668  -4.443  7.453   1.00 29.17  ? 1045 THR A O   1 
ATOM   538  C CB  . THR A 1 67  ? -6.597  -4.816  10.597  1.00 37.68  ? 1045 THR A CB  1 
ATOM   539  O OG1 . THR A 1 67  ? -5.180  -4.581  10.558  1.00 37.47  ? 1045 THR A OG1 1 
ATOM   540  C CG2 . THR A 1 67  ? -6.895  -5.862  11.670  1.00 38.07  ? 1045 THR A CG2 1 
ATOM   541  N N   . VAL A 1 68  ? -7.371  -3.126  8.128   1.00 31.07  ? 1046 VAL A N   1 
ATOM   542  C CA  A VAL A 1 68  ? -6.983  -2.051  7.221   0.63 32.27  ? 1046 VAL A CA  1 
ATOM   543  C CA  B VAL A 1 68  ? -6.959  -2.085  7.195   0.37 32.13  ? 1046 VAL A CA  1 
ATOM   544  C C   . VAL A 1 68  ? -5.639  -1.466  7.640   1.00 31.58  ? 1046 VAL A C   1 
ATOM   545  O O   . VAL A 1 68  ? -4.850  -1.029  6.797   1.00 32.65  ? 1046 VAL A O   1 
ATOM   546  C CB  A VAL A 1 68  ? -8.090  -0.980  7.162   0.63 34.30  ? 1046 VAL A CB  1 
ATOM   547  C CB  B VAL A 1 68  ? -8.060  -1.022  7.005   0.37 34.40  ? 1046 VAL A CB  1 
ATOM   548  C CG1 A VAL A 1 68  ? -7.691  0.159   6.243   0.63 32.76  ? 1046 VAL A CG1 1 
ATOM   549  C CG1 B VAL A 1 68  ? -9.434  -1.679  6.947   0.37 36.44  ? 1046 VAL A CG1 1 
ATOM   550  C CG2 A VAL A 1 68  ? -9.390  -1.602  6.665   0.63 36.33  ? 1046 VAL A CG2 1 
ATOM   551  C CG2 B VAL A 1 68  ? -7.997  0.048   8.075   0.37 34.85  ? 1046 VAL A CG2 1 
ATOM   552  N N   . LYS A 1 69  ? -5.346  -1.462  8.949   1.00 34.42  ? 1047 LYS A N   1 
ATOM   553  C CA  . LYS A 1 69  ? -4.071  -0.919  9.419   1.00 37.58  ? 1047 LYS A CA  1 
ATOM   554  C C   . LYS A 1 69  ? -2.885  -1.731  8.908   1.00 35.48  ? 1047 LYS A C   1 
ATOM   555  O O   . LYS A 1 69  ? -1.825  -1.165  8.608   1.00 35.82  ? 1047 LYS A O   1 
ATOM   556  C CB  . LYS A 1 69  ? -4.050  -0.844  10.949  1.00 41.69  ? 1047 LYS A CB  1 
ATOM   557  C CG  . LYS A 1 69  ? -4.695  0.409   11.506  1.00 51.08  ? 1047 LYS A CG  1 
ATOM   558  C CD  . LYS A 1 69  ? -4.703  0.400   13.030  1.00 60.55  ? 1047 LYS A CD  1 
ATOM   559  N N   . ASP A 1 70  ? -3.029  -3.057  8.817   1.00 33.25  ? 1048 ASP A N   1 
ATOM   560  C CA  . ASP A 1 70  ? -1.970  -3.871  8.219   1.00 35.04  ? 1048 ASP A CA  1 
ATOM   561  C C   . ASP A 1 70  ? -1.747  -3.496  6.756   1.00 33.86  ? 1048 ASP A C   1 
ATOM   562  O O   . ASP A 1 70  ? -0.611  -3.504  6.268   1.00 29.07  ? 1048 ASP A O   1 
ATOM   563  C CB  . ASP A 1 70  ? -2.311  -5.363  8.322   1.00 38.02  ? 1048 ASP A CB  1 
ATOM   564  C CG  . ASP A 1 70  ? -2.383  -5.860  9.762   1.00 47.29  ? 1048 ASP A CG  1 
ATOM   565  O OD1 . ASP A 1 70  ? -1.765  -5.235  10.653  1.00 49.44  ? 1048 ASP A OD1 1 
ATOM   566  O OD2 . ASP A 1 70  ? -3.064  -6.884  9.997   1.00 51.14  ? 1048 ASP A OD2 1 
ATOM   567  N N   . TYR A 1 71  ? -2.827  -3.198  6.035   1.00 29.65  ? 1049 TYR A N   1 
ATOM   568  C CA  . TYR A 1 71  ? -2.721  -2.769  4.642   1.00 27.37  ? 1049 TYR A CA  1 
ATOM   569  C C   . TYR A 1 71  ? -2.028  -1.415  4.540   1.00 30.61  ? 1049 TYR A C   1 
ATOM   570  O O   . TYR A 1 71  ? -1.135  -1.216  3.702   1.00 29.44  ? 1049 TYR A O   1 
ATOM   571  C CB  . TYR A 1 71  ? -4.127  -2.704  4.044   1.00 26.56  ? 1049 TYR A CB  1 
ATOM   572  C CG  . TYR A 1 71  ? -4.244  -2.082  2.675   1.00 24.09  ? 1049 TYR A CG  1 
ATOM   573  C CD1 . TYR A 1 71  ? -4.022  -2.840  1.533   1.00 26.27  ? 1049 TYR A CD1 1 
ATOM   574  C CD2 . TYR A 1 71  ? -4.620  -0.739  2.527   1.00 27.99  ? 1049 TYR A CD2 1 
ATOM   575  C CE1 . TYR A 1 71  ? -4.161  -2.279  0.263   1.00 26.55  ? 1049 TYR A CE1 1 
ATOM   576  C CE2 . TYR A 1 71  ? -4.750  -0.170  1.263   1.00 26.95  ? 1049 TYR A CE2 1 
ATOM   577  C CZ  . TYR A 1 71  ? -4.518  -0.938  0.143   1.00 26.70  ? 1049 TYR A CZ  1 
ATOM   578  O OH  . TYR A 1 71  ? -4.657  -0.380  -1.118  1.00 25.36  ? 1049 TYR A OH  1 
ATOM   579  N N   . LEU A 1 72  ? -2.446  -0.461  5.371   1.00 28.66  ? 1050 LEU A N   1 
ATOM   580  C CA  . LEU A 1 72  ? -1.866  0.878   5.296   1.00 29.74  ? 1050 LEU A CA  1 
ATOM   581  C C   . LEU A 1 72  ? -0.389  0.866   5.661   1.00 31.69  ? 1050 LEU A C   1 
ATOM   582  O O   . LEU A 1 72  ? 0.365   1.720   5.184   1.00 30.04  ? 1050 LEU A O   1 
ATOM   583  C CB  . LEU A 1 72  ? -2.632  1.849   6.194   1.00 28.65  ? 1050 LEU A CB  1 
ATOM   584  C CG  . LEU A 1 72  ? -4.007  2.210   5.620   1.00 32.27  ? 1050 LEU A CG  1 
ATOM   585  C CD1 . LEU A 1 72  ? -4.789  3.063   6.587   1.00 37.11  ? 1050 LEU A CD1 1 
ATOM   586  C CD2 . LEU A 1 72  ? -3.838  2.908   4.273   1.00 35.74  ? 1050 LEU A CD2 1 
ATOM   587  N N   . ARG A 1 73  ? 0.051   -0.091  6.486   1.00 29.02  ? 1051 ARG A N   1 
ATOM   588  C CA  . ARG A 1 73  ? 1.483   -0.182  6.764   1.00 31.82  ? 1051 ARG A CA  1 
ATOM   589  C C   . ARG A 1 73  ? 2.278   -0.480  5.491   1.00 32.68  ? 1051 ARG A C   1 
ATOM   590  O O   . ARG A 1 73  ? 3.394   0.030   5.320   1.00 31.24  ? 1051 ARG A O   1 
ATOM   591  C CB  . ARG A 1 73  ? 1.737   -1.239  7.847   1.00 36.30  ? 1051 ARG A CB  1 
ATOM   592  C CG  . ARG A 1 73  ? 3.179   -1.711  7.967   1.00 45.56  ? 1051 ARG A CG  1 
ATOM   593  C CD  . ARG A 1 73  ? 3.342   -2.655  9.169   1.00 55.86  ? 1051 ARG A CD  1 
ATOM   594  N NE  . ARG A 1 73  ? 2.339   -2.377  10.196  1.00 57.14  ? 1051 ARG A NE  1 
ATOM   595  C CZ  . ARG A 1 73  ? 1.405   -3.244  10.578  1.00 57.93  ? 1051 ARG A CZ  1 
ATOM   596  N NH1 . ARG A 1 73  ? 1.353   -4.450  10.019  1.00 57.09  ? 1051 ARG A NH1 1 
ATOM   597  N NH2 . ARG A 1 73  ? 0.522   -2.903  11.514  1.00 51.62  ? 1051 ARG A NH2 1 
ATOM   598  N N   . ASP A 1 74  ? 1.712   -1.258  4.563   1.00 29.34  ? 1052 ASP A N   1 
ATOM   599  C CA  . ASP A 1 74  ? 2.417   -1.487  3.307   1.00 28.21  ? 1052 ASP A CA  1 
ATOM   600  C C   . ASP A 1 74  ? 2.277   -0.304  2.345   1.00 29.21  ? 1052 ASP A C   1 
ATOM   601  O O   . ASP A 1 74  ? 3.218   -0.016  1.597   1.00 27.57  ? 1052 ASP A O   1 
ATOM   602  C CB  . ASP A 1 74  ? 1.937   -2.787  2.660   1.00 28.46  ? 1052 ASP A CB  1 
ATOM   603  C CG  . ASP A 1 74  ? 2.729   -4.014  3.149   1.00 37.95  ? 1052 ASP A CG  1 
ATOM   604  O OD1 . ASP A 1 74  ? 3.747   -3.835  3.861   1.00 36.11  ? 1052 ASP A OD1 1 
ATOM   605  O OD2 . ASP A 1 74  ? 2.332   -5.157  2.832   1.00 32.77  ? 1052 ASP A OD2 1 
ATOM   606  N N   . ILE A 1 75  ? 1.135   0.391   2.339   1.00 27.27  ? 1053 ILE A N   1 
ATOM   607  C CA  . ILE A 1 75  ? 1.060   1.638   1.573   1.00 27.45  ? 1053 ILE A CA  1 
ATOM   608  C C   . ILE A 1 75  ? 2.081   2.636   2.108   1.00 27.85  ? 1053 ILE A C   1 
ATOM   609  O O   . ILE A 1 75  ? 2.790   3.305   1.341   1.00 28.74  ? 1053 ILE A O   1 
ATOM   610  C CB  . ILE A 1 75  ? -0.360  2.237   1.613   1.00 29.12  ? 1053 ILE A CB  1 
ATOM   611  C CG1 . ILE A 1 75  ? -1.398  1.285   1.007   1.00 28.67  ? 1053 ILE A CG1 1 
ATOM   612  C CG2 . ILE A 1 75  ? -0.373  3.597   0.889   1.00 28.19  ? 1053 ILE A CG2 1 
ATOM   613  C CD1 . ILE A 1 75  ? -1.104  0.842   -0.421  1.00 28.31  ? 1053 ILE A CD1 1 
ATOM   614  N N   . ASP A 1 76  ? 2.177   2.744   3.438   1.00 27.37  ? 1054 ASP A N   1 
ATOM   615  C CA  . ASP A 1 76  ? 3.148   3.645   4.047   1.00 27.24  ? 1054 ASP A CA  1 
ATOM   616  C C   . ASP A 1 76  ? 4.580   3.264   3.682   1.00 30.11  ? 1054 ASP A C   1 
ATOM   617  O O   . ASP A 1 76  ? 5.434   4.150   3.540   1.00 29.46  ? 1054 ASP A O   1 
ATOM   618  C CB  . ASP A 1 76  ? 2.966   3.667   5.570   1.00 32.62  ? 1054 ASP A CB  1 
ATOM   619  C CG  . ASP A 1 76  ? 1.827   4.579   6.003   1.00 41.25  ? 1054 ASP A CG  1 
ATOM   620  O OD1 . ASP A 1 76  ? 1.576   5.591   5.314   1.00 46.90  ? 1054 ASP A OD1 1 
ATOM   621  O OD2 . ASP A 1 76  ? 1.186   4.303   7.032   1.00 44.37  ? 1054 ASP A OD2 1 
ATOM   622  N N   . LEU A 1 77  ? 4.855   1.965   3.510   1.00 27.84  ? 1055 LEU A N   1 
ATOM   623  C CA  . LEU A 1 77  ? 6.198   1.512   3.149   1.00 29.37  ? 1055 LEU A CA  1 
ATOM   624  C C   . LEU A 1 77  ? 6.544   1.870   1.704   1.00 30.95  ? 1055 LEU A C   1 
ATOM   625  O O   . LEU A 1 77  ? 7.683   2.264   1.411   1.00 28.58  ? 1055 LEU A O   1 
ATOM   626  C CB  . LEU A 1 77  ? 6.309   0.002   3.378   1.00 29.46  ? 1055 LEU A CB  1 
ATOM   627  C CG  . LEU A 1 77  ? 7.605   -0.710  3.005   1.00 36.60  ? 1055 LEU A CG  1 
ATOM   628  C CD1 . LEU A 1 77  ? 8.764   -0.183  3.840   1.00 34.14  ? 1055 LEU A CD1 1 
ATOM   629  C CD2 . LEU A 1 77  ? 7.433   -2.212  3.192   1.00 35.58  ? 1055 LEU A CD2 1 
ATOM   630  N N   . ILE A 1 78  ? 5.581   1.740   0.784   1.00 29.18  ? 1056 ILE A N   1 
ATOM   631  C CA  . ILE A 1 78  ? 5.797   2.225   -0.579  1.00 28.68  ? 1056 ILE A CA  1 
ATOM   632  C C   . ILE A 1 78  ? 6.235   3.684   -0.546  1.00 28.09  ? 1056 ILE A C   1 
ATOM   633  O O   . ILE A 1 78  ? 7.212   4.072   -1.201  1.00 29.49  ? 1056 ILE A O   1 
ATOM   634  C CB  . ILE A 1 78  ? 4.528   2.052   -1.435  1.00 27.37  ? 1056 ILE A CB  1 
ATOM   635  C CG1 . ILE A 1 78  ? 4.151   0.573   -1.577  1.00 28.08  ? 1056 ILE A CG1 1 
ATOM   636  C CG2 . ILE A 1 78  ? 4.738   2.707   -2.800  1.00 26.87  ? 1056 ILE A CG2 1 
ATOM   637  C CD1 . ILE A 1 78  ? 2.833   0.317   -2.375  1.00 27.19  ? 1056 ILE A CD1 1 
ATOM   638  N N   . CYS A 1 79  ? 5.523   4.507   0.229   1.00 25.93  ? 1057 CYS A N   1 
ATOM   639  C CA  . CYS A 1 79  ? 5.828   5.934   0.283   1.00 29.34  ? 1057 CYS A CA  1 
ATOM   640  C C   . CYS A 1 79  ? 7.191   6.181   0.923   1.00 33.33  ? 1057 CYS A C   1 
ATOM   641  O O   . CYS A 1 79  ? 8.036   6.884   0.355   1.00 31.07  ? 1057 CYS A O   1 
ATOM   642  C CB  . CYS A 1 79  ? 4.743   6.684   1.049   1.00 28.37  ? 1057 CYS A CB  1 
ATOM   643  S SG  . CYS A 1 79  ? 4.989   8.481   1.146   1.00 39.86  ? 1057 CYS A SG  1 
ATOM   644  N N   . SER A 1 80  ? 7.432   5.596   2.100   1.00 30.70  ? 1058 SER A N   1 
ATOM   645  C CA  . SER A 1 80  ? 8.683   5.892   2.797   1.00 29.17  ? 1058 SER A CA  1 
ATOM   646  C C   . SER A 1 80  ? 9.892   5.385   2.017   1.00 31.28  ? 1058 SER A C   1 
ATOM   647  O O   . SER A 1 80  ? 10.942  6.039   2.019   1.00 32.63  ? 1058 SER A O   1 
ATOM   648  C CB  . SER A 1 80  ? 8.645   5.322   4.223   1.00 34.72  ? 1058 SER A CB  1 
ATOM   649  O OG  . SER A 1 80  ? 8.534   3.915   4.236   1.00 38.48  ? 1058 SER A OG  1 
ATOM   650  N N   . ASN A 1 81  ? 9.765   4.256   1.314   1.00 28.10  ? 1059 ASN A N   1 
ATOM   651  C CA  . ASN A 1 81  ? 10.853  3.788   0.459   1.00 28.35  ? 1059 ASN A CA  1 
ATOM   652  C C   . ASN A 1 81  ? 11.182  4.818   -0.619  1.00 33.94  ? 1059 ASN A C   1 
ATOM   653  O O   . ASN A 1 81  ? 12.356  5.087   -0.898  1.00 31.45  ? 1059 ASN A O   1 
ATOM   654  C CB  . ASN A 1 81  ? 10.486  2.459   -0.204  1.00 29.46  ? 1059 ASN A CB  1 
ATOM   655  C CG  . ASN A 1 81  ? 10.644  1.255   0.735   1.00 31.82  ? 1059 ASN A CG  1 
ATOM   656  O OD1 . ASN A 1 81  ? 11.183  1.370   1.840   1.00 34.13  ? 1059 ASN A OD1 1 
ATOM   657  N ND2 . ASN A 1 81  ? 10.186  0.098   0.278   1.00 32.12  ? 1059 ASN A ND2 1 
ATOM   658  N N   . ALA A 1 82  ? 10.148  5.389   -1.251  1.00 29.06  ? 1060 ALA A N   1 
ATOM   659  C CA  . ALA A 1 82  ? 10.378  6.387   -2.296  1.00 28.15  ? 1060 ALA A CA  1 
ATOM   660  C C   . ALA A 1 82  ? 11.038  7.645   -1.735  1.00 30.22  ? 1060 ALA A C   1 
ATOM   661  O O   . ALA A 1 82  ? 11.892  8.255   -2.395  1.00 34.82  ? 1060 ALA A O   1 
ATOM   662  C CB  . ALA A 1 82  ? 9.049   6.730   -2.981  1.00 29.09  ? 1060 ALA A CB  1 
ATOM   663  N N   . LEU A 1 83  ? 10.644  8.069   -0.536  1.00 29.72  ? 1061 LEU A N   1 
ATOM   664  C CA  . LEU A 1 83  ? 11.254  9.255   0.049   1.00 30.29  ? 1061 LEU A CA  1 
ATOM   665  C C   . LEU A 1 83  ? 12.717  9.000   0.393   1.00 37.09  ? 1061 LEU A C   1 
ATOM   666  O O   . LEU A 1 83  ? 13.569  9.879   0.197   1.00 36.02  ? 1061 LEU A O   1 
ATOM   667  C CB  . LEU A 1 83  ? 10.490  9.703   1.291   1.00 31.40  ? 1061 LEU A CB  1 
ATOM   668  C CG  . LEU A 1 83  ? 8.999   10.009  1.150   1.00 36.25  ? 1061 LEU A CG  1 
ATOM   669  C CD1 . LEU A 1 83  ? 8.474   10.620  2.435   1.00 41.96  ? 1061 LEU A CD1 1 
ATOM   670  C CD2 . LEU A 1 83  ? 8.737   10.917  -0.025  1.00 37.87  ? 1061 LEU A CD2 1 
ATOM   671  N N   . GLU A 1 84  ? 13.029  7.800   0.895   1.00 34.01  ? 1062 GLU A N   1 
ATOM   672  C CA  A GLU A 1 84  ? 14.412  7.487   1.259   0.48 35.40  ? 1062 GLU A CA  1 
ATOM   673  C CA  B GLU A 1 84  ? 14.409  7.484   1.260   0.52 35.40  ? 1062 GLU A CA  1 
ATOM   674  C C   . GLU A 1 84  ? 15.295  7.348   0.026   1.00 38.83  ? 1062 GLU A C   1 
ATOM   675  O O   . GLU A 1 84  ? 16.454  7.793   0.030   1.00 37.01  ? 1062 GLU A O   1 
ATOM   676  C CB  A GLU A 1 84  ? 14.481  6.207   2.099   0.48 38.08  ? 1062 GLU A CB  1 
ATOM   677  C CB  B GLU A 1 84  ? 14.442  6.204   2.100   0.52 38.04  ? 1062 GLU A CB  1 
ATOM   678  C CG  A GLU A 1 84  ? 15.919  5.832   2.487   0.48 38.98  ? 1062 GLU A CG  1 
ATOM   679  C CG  B GLU A 1 84  ? 14.037  6.420   3.554   0.52 38.83  ? 1062 GLU A CG  1 
ATOM   680  C CD  A GLU A 1 84  ? 16.056  4.447   3.108   0.48 42.71  ? 1062 GLU A CD  1 
ATOM   681  C CD  B GLU A 1 84  ? 13.603  5.139   4.260   0.52 43.69  ? 1062 GLU A CD  1 
ATOM   682  O OE1 A GLU A 1 84  ? 17.192  4.078   3.481   0.48 46.80  ? 1062 GLU A OE1 1 
ATOM   683  O OE1 B GLU A 1 84  ? 12.733  5.215   5.156   0.52 43.73  ? 1062 GLU A OE1 1 
ATOM   684  O OE2 A GLU A 1 84  ? 15.042  3.725   3.218   0.48 44.36  ? 1062 GLU A OE2 1 
ATOM   685  O OE2 B GLU A 1 84  ? 14.135  4.061   3.928   0.52 43.38  ? 1062 GLU A OE2 1 
ATOM   686  N N   . TYR A 1 85  ? 14.776  6.738   -1.040  1.00 34.85  ? 1063 TYR A N   1 
ATOM   687  C CA  . TYR A 1 85  ? 15.564  6.584   -2.258  1.00 37.62  ? 1063 TYR A CA  1 
ATOM   688  C C   . TYR A 1 85  ? 15.706  7.887   -3.048  1.00 40.74  ? 1063 TYR A C   1 
ATOM   689  O O   . TYR A 1 85  ? 16.623  7.995   -3.870  1.00 40.30  ? 1063 TYR A O   1 
ATOM   690  C CB  . TYR A 1 85  ? 14.962  5.499   -3.153  1.00 35.43  ? 1063 TYR A CB  1 
ATOM   691  C CG  . TYR A 1 85  ? 15.798  5.233   -4.386  1.00 43.71  ? 1063 TYR A CG  1 
ATOM   692  C CD1 . TYR A 1 85  ? 17.064  4.663   -4.279  1.00 47.47  ? 1063 TYR A CD1 1 
ATOM   693  C CD2 . TYR A 1 85  ? 15.337  5.574   -5.651  1.00 45.73  ? 1063 TYR A CD2 1 
ATOM   694  C CE1 . TYR A 1 85  ? 17.841  4.431   -5.402  1.00 47.99  ? 1063 TYR A CE1 1 
ATOM   695  C CE2 . TYR A 1 85  ? 16.107  5.345   -6.781  1.00 49.41  ? 1063 TYR A CE2 1 
ATOM   696  C CZ  . TYR A 1 85  ? 17.357  4.774   -6.649  1.00 56.47  ? 1063 TYR A CZ  1 
ATOM   697  O OH  . TYR A 1 85  ? 18.123  4.548   -7.768  1.00 58.37  ? 1063 TYR A OH  1 
ATOM   698  N N   . ASN A 1 86  ? 14.846  8.880   -2.814  1.00 34.05  ? 1064 ASN A N   1 
ATOM   699  C CA  . ASN A 1 86  ? 14.843  10.134  -3.575  1.00 32.37  ? 1064 ASN A CA  1 
ATOM   700  C C   . ASN A 1 86  ? 14.998  11.347  -2.666  1.00 33.85  ? 1064 ASN A C   1 
ATOM   701  O O   . ASN A 1 86  ? 14.121  12.220  -2.617  1.00 34.56  ? 1064 ASN A O   1 
ATOM   702  C CB  . ASN A 1 86  ? 13.562  10.250  -4.398  1.00 34.71  ? 1064 ASN A CB  1 
ATOM   703  C CG  . ASN A 1 86  ? 13.487  9.224   -5.495  1.00 40.46  ? 1064 ASN A CG  1 
ATOM   704  O OD1 . ASN A 1 86  ? 13.945  9.474   -6.604  1.00 41.57  ? 1064 ASN A OD1 1 
ATOM   705  N ND2 . ASN A 1 86  ? 12.892  8.063   -5.204  1.00 36.45  ? 1064 ASN A ND2 1 
ATOM   706  N N   . PRO A 1 87  ? 16.120  11.466  -1.958  1.00 34.18  ? 1065 PRO A N   1 
ATOM   707  C CA  . PRO A 1 87  ? 16.255  12.543  -0.973  1.00 36.48  ? 1065 PRO A CA  1 
ATOM   708  C C   . PRO A 1 87  ? 16.771  13.871  -1.505  1.00 37.14  ? 1065 PRO A C   1 
ATOM   709  O O   . PRO A 1 87  ? 16.769  14.846  -0.742  1.00 41.60  ? 1065 PRO A O   1 
ATOM   710  C CB  . PRO A 1 87  ? 17.262  11.946  0.019   1.00 36.48  ? 1065 PRO A CB  1 
ATOM   711  C CG  . PRO A 1 87  ? 18.155  11.123  -0.856  1.00 38.66  ? 1065 PRO A CG  1 
ATOM   712  C CD  . PRO A 1 87  ? 17.332  10.624  -2.013  1.00 34.32  ? 1065 PRO A CD  1 
ATOM   713  N N   . ASP A 1 88  ? 17.195  13.943  -2.761  1.00 35.92  ? 1066 ASP A N   1 
ATOM   714  C CA  . ASP A 1 88  ? 17.977  15.070  -3.261  1.00 38.78  ? 1066 ASP A CA  1 
ATOM   715  C C   . ASP A 1 88  ? 17.062  16.206  -3.726  1.00 46.17  ? 1066 ASP A C   1 
ATOM   716  O O   . ASP A 1 88  ? 15.847  16.039  -3.873  1.00 37.38  ? 1066 ASP A O   1 
ATOM   717  C CB  . ASP A 1 88  ? 18.882  14.617  -4.407  1.00 38.87  ? 1066 ASP A CB  1 
ATOM   718  C CG  . ASP A 1 88  ? 19.980  13.656  -3.948  1.00 50.81  ? 1066 ASP A CG  1 
ATOM   719  O OD1 . ASP A 1 88  ? 20.324  13.677  -2.746  1.00 49.30  ? 1066 ASP A OD1 1 
ATOM   720  O OD2 . ASP A 1 88  ? 20.509  12.895  -4.792  1.00 52.10  ? 1066 ASP A OD2 1 
ATOM   721  N N   . ARG A 1 89  ? 17.660  17.383  -3.967  1.00 40.66  ? 1067 ARG A N   1 
ATOM   722  C CA  . ARG A 1 89  ? 16.885  18.519  -4.466  1.00 38.51  ? 1067 ARG A CA  1 
ATOM   723  C C   . ARG A 1 89  ? 16.620  18.457  -5.965  1.00 34.58  ? 1067 ARG A C   1 
ATOM   724  O O   . ARG A 1 89  ? 15.862  19.297  -6.471  1.00 37.53  ? 1067 ARG A O   1 
ATOM   725  C CB  . ARG A 1 89  ? 17.574  19.850  -4.113  1.00 39.61  ? 1067 ARG A CB  1 
ATOM   726  C CG  . ARG A 1 89  ? 18.931  20.143  -4.779  1.00 39.18  ? 1067 ARG A CG  1 
ATOM   727  C CD  . ARG A 1 89  ? 18.798  21.025  -6.035  1.00 42.47  ? 1067 ARG A CD  1 
ATOM   728  N NE  . ARG A 1 89  ? 17.975  22.219  -5.803  1.00 40.80  ? 1067 ARG A NE  1 
ATOM   729  C CZ  . ARG A 1 89  ? 17.194  22.772  -6.733  1.00 46.57  ? 1067 ARG A CZ  1 
ATOM   730  N NH1 . ARG A 1 89  ? 17.172  22.271  -7.965  1.00 40.24  ? 1067 ARG A NH1 1 
ATOM   731  N NH2 . ARG A 1 89  ? 16.453  23.838  -6.445  1.00 46.76  ? 1067 ARG A NH2 1 
ATOM   732  N N   . ASP A 1 90  ? 17.180  17.474  -6.670  1.00 33.83  ? 1068 ASP A N   1 
ATOM   733  C CA  . ASP A 1 90  ? 17.021  17.376  -8.113  1.00 37.19  ? 1068 ASP A CA  1 
ATOM   734  C C   . ASP A 1 90  ? 15.544  17.227  -8.489  1.00 38.23  ? 1068 ASP A C   1 
ATOM   735  O O   . ASP A 1 90  ? 14.760  16.632  -7.737  1.00 34.91  ? 1068 ASP A O   1 
ATOM   736  C CB  . ASP A 1 90  ? 17.801  16.181  -8.660  1.00 39.09  ? 1068 ASP A CB  1 
ATOM   737  C CG  . ASP A 1 90  ? 19.278  16.188  -8.247  1.00 59.06  ? 1068 ASP A CG  1 
ATOM   738  O OD1 . ASP A 1 90  ? 19.653  16.912  -7.294  1.00 55.66  ? 1068 ASP A OD1 1 
ATOM   739  O OD2 . ASP A 1 90  ? 20.072  15.469  -8.894  1.00 65.76  ? 1068 ASP A OD2 1 
ATOM   740  N N   . PRO A 1 91  ? 15.143  17.736  -9.662  1.00 35.58  ? 1069 PRO A N   1 
ATOM   741  C CA  . PRO A 1 91  ? 13.725  17.643  -10.055 1.00 37.53  ? 1069 PRO A CA  1 
ATOM   742  C C   . PRO A 1 91  ? 13.214  16.219  -10.179 1.00 32.43  ? 1069 PRO A C   1 
ATOM   743  O O   . PRO A 1 91  ? 12.031  15.977  -9.892  1.00 32.73  ? 1069 PRO A O   1 
ATOM   744  C CB  . PRO A 1 91  ? 13.681  18.358  -11.414 1.00 38.28  ? 1069 PRO A CB  1 
ATOM   745  C CG  . PRO A 1 91  ? 14.916  19.195  -11.454 1.00 40.67  ? 1069 PRO A CG  1 
ATOM   746  C CD  . PRO A 1 91  ? 15.949  18.459  -10.667 1.00 39.71  ? 1069 PRO A CD  1 
ATOM   747  N N   . GLY A 1 92  ? 14.053  15.279  -10.622 1.00 33.33  ? 1070 GLY A N   1 
ATOM   748  C CA  . GLY A 1 92  ? 13.633  13.883  -10.670 1.00 36.52  ? 1070 GLY A CA  1 
ATOM   749  C C   . GLY A 1 92  ? 13.256  13.339  -9.301  1.00 35.83  ? 1070 GLY A C   1 
ATOM   750  O O   . GLY A 1 92  ? 12.231  12.664  -9.151  1.00 35.04  ? 1070 GLY A O   1 
ATOM   751  N N   . ASP A 1 93  ? 14.079  13.629  -8.287  1.00 32.65  ? 1071 ASP A N   1 
ATOM   752  C CA  . ASP A 1 93  ? 13.774  13.233  -6.911  1.00 36.28  ? 1071 ASP A CA  1 
ATOM   753  C C   . ASP A 1 93  ? 12.509  13.915  -6.406  1.00 34.52  ? 1071 ASP A C   1 
ATOM   754  O O   . ASP A 1 93  ? 11.666  13.289  -5.752  1.00 29.79  ? 1071 ASP A O   1 
ATOM   755  C CB  . ASP A 1 93  ? 14.940  13.586  -5.977  1.00 34.44  ? 1071 ASP A CB  1 
ATOM   756  C CG  . ASP A 1 93  ? 16.191  12.764  -6.245  1.00 43.33  ? 1071 ASP A CG  1 
ATOM   757  O OD1 . ASP A 1 93  ? 16.589  12.648  -7.426  1.00 45.55  ? 1071 ASP A OD1 1 
ATOM   758  O OD2 . ASP A 1 93  ? 16.779  12.232  -5.271  1.00 38.35  ? 1071 ASP A OD2 1 
ATOM   759  N N   . ARG A 1 94  ? 12.382  15.221  -6.652  1.00 30.42  ? 1072 ARG A N   1 
ATOM   760  C CA  . ARG A 1 94  ? 11.238  15.944  -6.115  1.00 28.74  ? 1072 ARG A CA  1 
ATOM   761  C C   . ARG A 1 94  ? 9.936   15.455  -6.734  1.00 28.69  ? 1072 ARG A C   1 
ATOM   762  O O   . ARG A 1 94  ? 8.899   15.448  -6.060  1.00 29.97  ? 1072 ARG A O   1 
ATOM   763  C CB  . ARG A 1 94  ? 11.422  17.451  -6.325  1.00 32.92  ? 1072 ARG A CB  1 
ATOM   764  C CG  . ARG A 1 94  ? 12.546  18.024  -5.464  1.00 37.04  ? 1072 ARG A CG  1 
ATOM   765  C CD  . ARG A 1 94  ? 12.497  19.539  -5.346  1.00 47.30  ? 1072 ARG A CD  1 
ATOM   766  N NE  . ARG A 1 94  ? 13.414  20.030  -4.314  1.00 47.49  ? 1072 ARG A NE  1 
ATOM   767  C CZ  . ARG A 1 94  ? 13.919  21.263  -4.282  1.00 55.29  ? 1072 ARG A CZ  1 
ATOM   768  N NH1 . ARG A 1 94  ? 13.599  22.137  -5.228  1.00 55.61  ? 1072 ARG A NH1 1 
ATOM   769  N NH2 . ARG A 1 94  ? 14.741  21.629  -3.303  1.00 54.69  ? 1072 ARG A NH2 1 
ATOM   770  N N   . LEU A 1 95  ? 9.977   15.049  -8.007  1.00 29.96  ? 1073 LEU A N   1 
ATOM   771  C CA  . LEU A 1 95  ? 8.780   14.552  -8.674  1.00 28.56  ? 1073 LEU A CA  1 
ATOM   772  C C   . LEU A 1 95  ? 8.332   13.227  -8.065  1.00 31.56  ? 1073 LEU A C   1 
ATOM   773  O O   . LEU A 1 95  ? 7.143   13.036  -7.786  1.00 27.99  ? 1073 LEU A O   1 
ATOM   774  C CB  . LEU A 1 95  ? 9.039   14.401  -10.173 1.00 29.06  ? 1073 LEU A CB  1 
ATOM   775  C CG  . LEU A 1 95  ? 7.928   13.821  -11.065 1.00 30.65  ? 1073 LEU A CG  1 
ATOM   776  C CD1 . LEU A 1 95  ? 6.640   14.634  -10.969 1.00 31.66  ? 1073 LEU A CD1 1 
ATOM   777  C CD2 . LEU A 1 95  ? 8.392   13.721  -12.504 1.00 34.81  ? 1073 LEU A CD2 1 
ATOM   778  N N   . ILE A 1 96  ? 9.271   12.314  -7.821  1.00 29.82  ? 1074 ILE A N   1 
ATOM   779  C CA  . ILE A 1 96  ? 8.886   11.037  -7.216  1.00 28.99  ? 1074 ILE A CA  1 
ATOM   780  C C   . ILE A 1 96  ? 8.359   11.248  -5.800  1.00 30.02  ? 1074 ILE A C   1 
ATOM   781  O O   . ILE A 1 96  ? 7.372   10.616  -5.393  1.00 30.43  ? 1074 ILE A O   1 
ATOM   782  C CB  . ILE A 1 96  ? 10.062  10.040  -7.241  1.00 30.73  ? 1074 ILE A CB  1 
ATOM   783  C CG1 . ILE A 1 96  ? 10.490  9.749   -8.677  1.00 38.94  ? 1074 ILE A CG1 1 
ATOM   784  C CG2 . ILE A 1 96  ? 9.640   8.713   -6.587  1.00 33.79  ? 1074 ILE A CG2 1 
ATOM   785  C CD1 . ILE A 1 96  ? 9.332   9.384   -9.589  1.00 43.47  ? 1074 ILE A CD1 1 
ATOM   786  N N   . ARG A 1 97  ? 9.002   12.130  -5.021  1.00 28.09  ? 1075 ARG A N   1 
ATOM   787  C CA  . ARG A 1 97  ? 8.534   12.396  -3.661  1.00 29.02  ? 1075 ARG A CA  1 
ATOM   788  C C   . ARG A 1 97  ? 7.128   12.985  -3.661  1.00 34.94  ? 1075 ARG A C   1 
ATOM   789  O O   . ARG A 1 97  ? 6.310   12.653  -2.794  1.00 29.58  ? 1075 ARG A O   1 
ATOM   790  C CB  . ARG A 1 97  ? 9.487   13.337  -2.922  1.00 31.88  ? 1075 ARG A CB  1 
ATOM   791  C CG  . ARG A 1 97  ? 10.854  12.734  -2.629  1.00 31.43  ? 1075 ARG A CG  1 
ATOM   792  C CD  . ARG A 1 97  ? 11.487  13.350  -1.385  1.00 33.04  ? 1075 ARG A CD  1 
ATOM   793  N NE  . ARG A 1 97  ? 11.614  14.807  -1.435  1.00 41.49  ? 1075 ARG A NE  1 
ATOM   794  C CZ  . ARG A 1 97  ? 12.617  15.457  -2.027  1.00 38.76  ? 1075 ARG A CZ  1 
ATOM   795  N NH1 . ARG A 1 97  ? 13.570  14.784  -2.653  1.00 37.34  ? 1075 ARG A NH1 1 
ATOM   796  N NH2 . ARG A 1 97  ? 12.655  16.785  -2.012  1.00 41.52  ? 1075 ARG A NH2 1 
ATOM   797  N N   . HIS A 1 98  ? 6.837   13.885  -4.609  1.00 26.16  ? 1076 HIS A N   1 
ATOM   798  C CA  . HIS A 1 98  ? 5.487   14.436  -4.698  1.00 29.84  ? 1076 HIS A CA  1 
ATOM   799  C C   . HIS A 1 98  ? 4.462   13.340  -4.987  1.00 28.75  ? 1076 HIS A C   1 
ATOM   800  O O   . HIS A 1 98  ? 3.383   13.299  -4.369  1.00 29.17  ? 1076 HIS A O   1 
ATOM   801  C CB  . HIS A 1 98  ? 5.434   15.513  -5.786  1.00 27.05  ? 1076 HIS A CB  1 
ATOM   802  C CG  . HIS A 1 98  ? 4.185   16.335  -5.748  1.00 33.31  ? 1076 HIS A CG  1 
ATOM   803  N ND1 . HIS A 1 98  ? 3.102   16.081  -6.561  1.00 38.45  ? 1076 HIS A ND1 1 
ATOM   804  C CD2 . HIS A 1 98  ? 3.837   17.392  -4.974  1.00 38.54  ? 1076 HIS A CD2 1 
ATOM   805  C CE1 . HIS A 1 98  ? 2.147   16.959  -6.302  1.00 38.18  ? 1076 HIS A CE1 1 
ATOM   806  N NE2 . HIS A 1 98  ? 2.570   17.764  -5.343  1.00 38.92  ? 1076 HIS A NE2 1 
ATOM   807  N N   . ARG A 1 99  ? 4.790   12.439  -5.910  1.00 26.14  ? 1077 ARG A N   1 
ATOM   808  C CA  . ARG A 1 99  ? 3.869   11.362  -6.267  1.00 28.11  ? 1077 ARG A CA  1 
ATOM   809  C C   . ARG A 1 99  ? 3.692   10.384  -5.111  1.00 29.29  ? 1077 ARG A C   1 
ATOM   810  O O   . ARG A 1 99  ? 2.597   9.847   -4.903  1.00 27.22  ? 1077 ARG A O   1 
ATOM   811  C CB  . ARG A 1 99  ? 4.373   10.625  -7.501  1.00 29.61  ? 1077 ARG A CB  1 
ATOM   812  C CG  . ARG A 1 99  ? 4.307   11.443  -8.790  1.00 29.37  ? 1077 ARG A CG  1 
ATOM   813  C CD  . ARG A 1 99  ? 5.093   10.785  -9.886  1.00 31.04  ? 1077 ARG A CD  1 
ATOM   814  N NE  . ARG A 1 99  ? 4.814   11.393  -11.185 1.00 32.18  ? 1077 ARG A NE  1 
ATOM   815  C CZ  . ARG A 1 99  ? 5.468   11.094  -12.302 1.00 35.93  ? 1077 ARG A CZ  1 
ATOM   816  N NH1 . ARG A 1 99  ? 6.442   10.191  -12.282 1.00 36.11  ? 1077 ARG A NH1 1 
ATOM   817  N NH2 . ARG A 1 99  ? 5.146   11.699  -13.439 1.00 39.37  ? 1077 ARG A NH2 1 
ATOM   818  N N   . ALA A 1 100 ? 4.769   10.126  -4.371  1.00 26.33  ? 1078 ALA A N   1 
ATOM   819  C CA  . ALA A 1 100 ? 4.697   9.220   -3.232  1.00 28.24  ? 1078 ALA A CA  1 
ATOM   820  C C   . ALA A 1 100 ? 3.808   9.776   -2.135  1.00 30.19  ? 1078 ALA A C   1 
ATOM   821  O O   . ALA A 1 100 ? 3.021   9.034   -1.532  1.00 32.30  ? 1078 ALA A O   1 
ATOM   822  C CB  . ALA A 1 100 ? 6.102   8.956   -2.693  1.00 30.84  ? 1078 ALA A CB  1 
ATOM   823  N N   . CYS A 1 101 ? 3.928   11.074  -1.845  1.00 29.37  ? 1079 CYS A N   1 
ATOM   824  C CA  . CYS A 1 101 ? 3.060   11.674  -0.848  1.00 29.93  ? 1079 CYS A CA  1 
ATOM   825  C C   . CYS A 1 101 ? 1.616   11.690  -1.325  1.00 32.13  ? 1079 CYS A C   1 
ATOM   826  O O   . CYS A 1 101 ? 0.702   11.521  -0.513  1.00 31.35  ? 1079 CYS A O   1 
ATOM   827  C CB  . CYS A 1 101 ? 3.535   13.081  -0.504  1.00 35.31  ? 1079 CYS A CB  1 
ATOM   828  S SG  . CYS A 1 101 ? 5.106   13.043  0.412   1.00 44.89  ? 1079 CYS A SG  1 
ATOM   829  N N   . ALA A 1 102 ? 1.400   11.866  -2.631  1.00 29.02  ? 1080 ALA A N   1 
ATOM   830  C CA  . ALA A 1 102 ? 0.036   11.823  -3.161  1.00 29.61  ? 1080 ALA A CA  1 
ATOM   831  C C   . ALA A 1 102 ? -0.557  10.414  -3.091  1.00 28.06  ? 1080 ALA A C   1 
ATOM   832  O O   . ALA A 1 102 ? -1.764  10.258  -2.860  1.00 30.72  ? 1080 ALA A O   1 
ATOM   833  C CB  . ALA A 1 102 ? 0.007   12.348  -4.597  1.00 28.95  ? 1080 ALA A CB  1 
ATOM   834  N N   . LEU A 1 103 ? 0.258   9.381   -3.319  1.00 28.09  ? 1081 LEU A N   1 
ATOM   835  C CA  . LEU A 1 103 ? -0.219  8.003   -3.194  1.00 30.25  ? 1081 LEU A CA  1 
ATOM   836  C C   . LEU A 1 103 ? -0.710  7.719   -1.780  1.00 31.68  ? 1081 LEU A C   1 
ATOM   837  O O   . LEU A 1 103 ? -1.805  7.171   -1.584  1.00 29.70  ? 1081 LEU A O   1 
ATOM   838  C CB  . LEU A 1 103 ? 0.894   7.024   -3.572  1.00 27.17  ? 1081 LEU A CB  1 
ATOM   839  C CG  . LEU A 1 103 ? 0.582   5.548   -3.304  1.00 30.92  ? 1081 LEU A CG  1 
ATOM   840  C CD1 . LEU A 1 103 ? -0.414  5.044   -4.310  1.00 32.51  ? 1081 LEU A CD1 1 
ATOM   841  C CD2 . LEU A 1 103 ? 1.861   4.725   -3.372  1.00 36.23  ? 1081 LEU A CD2 1 
ATOM   842  N N   . ARG A 1 104 ? 0.101   8.085   -0.789  1.00 29.59  ? 1082 ARG A N   1 
ATOM   843  C CA  . ARG A 1 104 ? -0.251  7.911   0.619   1.00 32.86  ? 1082 ARG A CA  1 
ATOM   844  C C   . ARG A 1 104 ? -1.500  8.704   0.992   1.00 35.50  ? 1082 ARG A C   1 
ATOM   845  O O   . ARG A 1 104 ? -2.429  8.169   1.609   1.00 31.48  ? 1082 ARG A O   1 
ATOM   846  C CB  . ARG A 1 104 ? 0.941   8.334   1.486   1.00 31.51  ? 1082 ARG A CB  1 
ATOM   847  C CG  . ARG A 1 104 ? 0.766   8.133   2.995   1.00 39.50  ? 1082 ARG A CG  1 
ATOM   848  C CD  . ARG A 1 104 ? 1.718   9.055   3.768   1.00 47.98  ? 1082 ARG A CD  1 
ATOM   849  N NE  . ARG A 1 104 ? 1.492   10.457  3.397   1.00 51.24  ? 1082 ARG A NE  1 
ATOM   850  C CZ  . ARG A 1 104 ? 2.441   11.385  3.302   1.00 56.72  ? 1082 ARG A CZ  1 
ATOM   851  N NH1 . ARG A 1 104 ? 3.713   11.080  3.550   1.00 57.07  ? 1082 ARG A NH1 1 
ATOM   852  N NH2 . ARG A 1 104 ? 2.117   12.627  2.960   1.00 55.75  ? 1082 ARG A NH2 1 
ATOM   853  N N   . ASP A 1 105 ? -1.538  9.992   0.634   1.00 31.50  ? 1083 ASP A N   1 
ATOM   854  C CA  . ASP A 1 105 ? -2.702  10.815  0.952   1.00 31.92  ? 1083 ASP A CA  1 
ATOM   855  C C   . ASP A 1 105 ? -3.969  10.287  0.281   1.00 30.49  ? 1083 ASP A C   1 
ATOM   856  O O   . ASP A 1 105 ? -5.050  10.304  0.889   1.00 30.01  ? 1083 ASP A O   1 
ATOM   857  C CB  . ASP A 1 105 ? -2.452  12.261  0.534   1.00 34.78  ? 1083 ASP A CB  1 
ATOM   858  C CG  . ASP A 1 105 ? -1.343  12.917  1.345   1.00 44.15  ? 1083 ASP A CG  1 
ATOM   859  O OD1 . ASP A 1 105 ? -0.876  12.312  2.339   1.00 44.72  ? 1083 ASP A OD1 1 
ATOM   860  O OD2 . ASP A 1 105 ? -0.941  14.045  0.987   1.00 51.52  ? 1083 ASP A OD2 1 
ATOM   861  N N   . THR A 1 106 ? -3.852  9.816   -0.960  1.00 27.39  ? 1084 THR A N   1 
ATOM   862  C CA  . THR A 1 106 ? -5.021  9.312   -1.685  1.00 27.39  ? 1084 THR A CA  1 
ATOM   863  C C   . THR A 1 106 ? -5.572  8.043   -1.038  1.00 29.07  ? 1084 THR A C   1 
ATOM   864  O O   . THR A 1 106 ? -6.791  7.900   -0.862  1.00 27.78  ? 1084 THR A O   1 
ATOM   865  C CB  . THR A 1 106 ? -4.667  9.054   -3.152  1.00 29.93  ? 1084 THR A CB  1 
ATOM   866  O OG1 . THR A 1 106 ? -4.295  10.289  -3.774  1.00 29.55  ? 1084 THR A OG1 1 
ATOM   867  C CG2 . THR A 1 106 ? -5.871  8.467   -3.909  1.00 29.29  ? 1084 THR A CG2 1 
ATOM   868  N N   . ALA A 1 107 ? -4.688  7.102   -0.695  1.00 27.06  ? 1085 ALA A N   1 
ATOM   869  C CA  . ALA A 1 107 ? -5.127  5.877   -0.025  1.00 29.16  ? 1085 ALA A CA  1 
ATOM   870  C C   . ALA A 1 107 ? -5.813  6.192   1.303   1.00 26.99  ? 1085 ALA A C   1 
ATOM   871  O O   . ALA A 1 107 ? -6.898  5.672   1.593   1.00 28.62  ? 1085 ALA A O   1 
ATOM   872  C CB  . ALA A 1 107 ? -3.929  4.939   0.190   1.00 26.87  ? 1085 ALA A CB  1 
ATOM   873  N N   . TYR A 1 108 ? -5.205  7.060   2.125   1.00 26.89  ? 1086 TYR A N   1 
ATOM   874  C CA  . TYR A 1 108 ? -5.827  7.389   3.406   1.00 29.21  ? 1086 TYR A CA  1 
ATOM   875  C C   . TYR A 1 108 ? -7.177  8.074   3.210   1.00 30.50  ? 1086 TYR A C   1 
ATOM   876  O O   . TYR A 1 108 ? -8.117  7.833   3.975   1.00 30.85  ? 1086 TYR A O   1 
ATOM   877  C CB  . TYR A 1 108 ? -4.897  8.271   4.253   1.00 27.85  ? 1086 TYR A CB  1 
ATOM   878  C CG  . TYR A 1 108 ? -3.918  7.479   5.080   1.00 30.44  ? 1086 TYR A CG  1 
ATOM   879  C CD1 . TYR A 1 108 ? -2.686  7.094   4.555   1.00 34.70  ? 1086 TYR A CD1 1 
ATOM   880  C CD2 . TYR A 1 108 ? -4.220  7.112   6.390   1.00 35.27  ? 1086 TYR A CD2 1 
ATOM   881  C CE1 . TYR A 1 108 ? -1.776  6.364   5.311   1.00 34.62  ? 1086 TYR A CE1 1 
ATOM   882  C CE2 . TYR A 1 108 ? -3.316  6.387   7.151   1.00 37.38  ? 1086 TYR A CE2 1 
ATOM   883  C CZ  . TYR A 1 108 ? -2.099  6.014   6.602   1.00 35.93  ? 1086 TYR A CZ  1 
ATOM   884  O OH  . TYR A 1 108 ? -1.189  5.294   7.352   1.00 36.63  ? 1086 TYR A OH  1 
ATOM   885  N N   . ALA A 1 109 ? -7.300  8.915   2.174   1.00 28.72  ? 1087 ALA A N   1 
ATOM   886  C CA  . ALA A 1 109 ? -8.544  9.652   1.954   1.00 31.65  ? 1087 ALA A CA  1 
ATOM   887  C C   . ALA A 1 109 ? -9.668  8.727   1.497   1.00 31.37  ? 1087 ALA A C   1 
ATOM   888  O O   . ALA A 1 109 ? -10.824 8.907   1.898   1.00 29.88  ? 1087 ALA A O   1 
ATOM   889  C CB  . ALA A 1 109 ? -8.336  10.757  0.914   1.00 31.69  ? 1087 ALA A CB  1 
ATOM   890  N N   . ILE A 1 110 ? -9.353  7.755   0.636   1.00 27.95  ? 1088 ILE A N   1 
ATOM   891  C CA  . ILE A 1 110 ? -10.368 6.802   0.193   1.00 29.53  ? 1088 ILE A CA  1 
ATOM   892  C C   . ILE A 1 110 ? -10.888 6.013   1.383   1.00 29.60  ? 1088 ILE A C   1 
ATOM   893  O O   . ILE A 1 110 ? -12.102 5.822   1.545   1.00 30.21  ? 1088 ILE A O   1 
ATOM   894  C CB  . ILE A 1 110 ? -9.794  5.869   -0.890  1.00 27.22  ? 1088 ILE A CB  1 
ATOM   895  C CG1 . ILE A 1 110 ? -9.583  6.635   -2.197  1.00 30.84  ? 1088 ILE A CG1 1 
ATOM   896  C CG2 . ILE A 1 110 ? -10.687 4.637   -1.084  1.00 29.16  ? 1088 ILE A CG2 1 
ATOM   897  C CD1 . ILE A 1 110 ? -8.813  5.855   -3.231  1.00 27.41  ? 1088 ILE A CD1 1 
ATOM   898  N N   . ILE A 1 111 ? -9.975  5.551   2.239   1.00 27.99  ? 1089 ILE A N   1 
ATOM   899  C CA  . ILE A 1 111 ? -10.378 4.750   3.391   1.00 30.80  ? 1089 ILE A CA  1 
ATOM   900  C C   . ILE A 1 111 ? -11.190 5.595   4.367   1.00 33.69  ? 1089 ILE A C   1 
ATOM   901  O O   . ILE A 1 111 ? -12.221 5.151   4.891   1.00 32.60  ? 1089 ILE A O   1 
ATOM   902  C CB  . ILE A 1 111 ? -9.130  4.111   4.044   1.00 31.55  ? 1089 ILE A CB  1 
ATOM   903  C CG1 A ILE A 1 111 ? -8.558  3.057   3.095   0.62 30.09  ? 1089 ILE A CG1 1 
ATOM   904  C CG1 B ILE A 1 111 ? -8.884  2.704   3.497   0.38 30.47  ? 1089 ILE A CG1 1 
ATOM   905  C CG2 A ILE A 1 111 ? -9.475  3.472   5.390   0.62 33.56  ? 1089 ILE A CG2 1 
ATOM   906  C CG2 B ILE A 1 111 ? -9.272  4.052   5.569   0.38 34.91  ? 1089 ILE A CG2 1 
ATOM   907  C CD1 A ILE A 1 111 ? -7.162  2.600   3.424   0.62 31.54  ? 1089 ILE A CD1 1 
ATOM   908  C CD1 B ILE A 1 111 ? -8.514  2.662   2.037   0.38 30.32  ? 1089 ILE A CD1 1 
ATOM   909  N N   . LYS A 1 112 ? -10.769 6.839   4.596   1.00 31.57  ? 1090 LYS A N   1 
ATOM   910  C CA  . LYS A 1 112 ? -11.514 7.690   5.514   1.00 32.33  ? 1090 LYS A CA  1 
ATOM   911  C C   . LYS A 1 112 ? -12.925 7.953   5.006   1.00 35.68  ? 1090 LYS A C   1 
ATOM   912  O O   . LYS A 1 112 ? -13.865 8.043   5.802   1.00 36.95  ? 1090 LYS A O   1 
ATOM   913  C CB  . LYS A 1 112 ? -10.781 9.015   5.734   1.00 39.23  ? 1090 LYS A CB  1 
ATOM   914  C CG  . LYS A 1 112 ? -11.481 9.902   6.756   1.00 46.70  ? 1090 LYS A CG  1 
ATOM   915  C CD  . LYS A 1 112 ? -10.764 11.218  6.972   1.00 56.41  ? 1090 LYS A CD  1 
ATOM   916  C CE  . LYS A 1 112 ? -11.372 11.970  8.152   1.00 65.86  ? 1090 LYS A CE  1 
ATOM   917  N NZ  . LYS A 1 112 ? -10.770 13.320  8.323   1.00 69.30  ? 1090 LYS A NZ  1 
ATOM   918  N N   . GLU A 1 113 ? -13.100 8.054   3.693   1.00 34.08  ? 1091 GLU A N   1 
ATOM   919  C CA  . GLU A 1 113 ? -14.406 8.373   3.147   1.00 32.10  ? 1091 GLU A CA  1 
ATOM   920  C C   . GLU A 1 113 ? -15.294 7.152   2.959   1.00 36.09  ? 1091 GLU A C   1 
ATOM   921  O O   . GLU A 1 113 ? -16.522 7.296   2.986   1.00 35.71  ? 1091 GLU A O   1 
ATOM   922  C CB  . GLU A 1 113 ? -14.249 9.101   1.808   1.00 37.55  ? 1091 GLU A CB  1 
ATOM   923  C CG  . GLU A 1 113 ? -15.237 10.230  1.634   1.00 53.15  ? 1091 GLU A CG  1 
ATOM   924  C CD  . GLU A 1 113 ? -14.916 11.117  0.444   1.00 64.37  ? 1091 GLU A CD  1 
ATOM   925  O OE1 . GLU A 1 113 ? -14.463 10.583  -0.596  1.00 67.64  ? 1091 GLU A OE1 1 
ATOM   926  O OE2 . GLU A 1 113 ? -15.118 12.350  0.554   1.00 68.68  ? 1091 GLU A OE2 1 
ATOM   927  N N   . GLU A 1 114 ? -14.719 5.956   2.795   1.00 31.06  ? 1092 GLU A N   1 
ATOM   928  C CA  . GLU A 1 114 ? -15.485 4.806   2.331   1.00 29.79  ? 1092 GLU A CA  1 
ATOM   929  C C   . GLU A 1 114 ? -15.493 3.605   3.271   1.00 33.74  ? 1092 GLU A C   1 
ATOM   930  O O   . GLU A 1 114 ? -16.305 2.697   3.064   1.00 37.01  ? 1092 GLU A O   1 
ATOM   931  C CB  . GLU A 1 114 ? -14.975 4.352   0.956   1.00 31.70  ? 1092 GLU A CB  1 
ATOM   932  C CG  . GLU A 1 114 ? -15.010 5.484   -0.070  1.00 31.14  ? 1092 GLU A CG  1 
ATOM   933  C CD  . GLU A 1 114 ? -14.532 5.062   -1.444  1.00 32.38  ? 1092 GLU A CD  1 
ATOM   934  O OE1 . GLU A 1 114 ? -14.524 3.840   -1.754  1.00 32.75  ? 1092 GLU A OE1 1 
ATOM   935  O OE2 . GLU A 1 114 ? -14.148 5.970   -2.214  1.00 33.67  ? 1092 GLU A OE2 1 
ATOM   936  N N   . LEU A 1 115 ? -14.626 3.552   4.270   1.00 30.97  ? 1093 LEU A N   1 
ATOM   937  C CA  . LEU A 1 115 ? -14.587 2.419   5.184   1.00 31.32  ? 1093 LEU A CA  1 
ATOM   938  C C   . LEU A 1 115 ? -15.376 2.757   6.445   1.00 34.43  ? 1093 LEU A C   1 
ATOM   939  O O   . LEU A 1 115 ? -15.113 3.776   7.091   1.00 36.33  ? 1093 LEU A O   1 
ATOM   940  C CB  . LEU A 1 115 ? -13.148 2.051   5.533   1.00 38.82  ? 1093 LEU A CB  1 
ATOM   941  C CG  . LEU A 1 115 ? -12.993 0.956   6.588   1.00 40.99  ? 1093 LEU A CG  1 
ATOM   942  C CD1 . LEU A 1 115 ? -13.053 -0.406  5.940   1.00 39.90  ? 1093 LEU A CD1 1 
ATOM   943  C CD2 . LEU A 1 115 ? -11.679 1.167   7.330   1.00 43.23  ? 1093 LEU A CD2 1 
ATOM   944  N N   . ASP A 1 116 ? -16.353 1.915   6.785   1.00 35.44  ? 1094 ASP A N   1 
ATOM   945  C CA  . ASP A 1 116 ? -17.091 2.097   8.032   1.00 35.17  ? 1094 ASP A CA  1 
ATOM   946  C C   . ASP A 1 116 ? -16.183 1.801   9.219   1.00 35.63  ? 1094 ASP A C   1 
ATOM   947  O O   . ASP A 1 116 ? -15.531 0.756   9.258   1.00 33.22  ? 1094 ASP A O   1 
ATOM   948  C CB  . ASP A 1 116 ? -18.318 1.182   8.058   1.00 37.97  ? 1094 ASP A CB  1 
ATOM   949  C CG  . ASP A 1 116 ? -19.298 1.536   9.174   1.00 47.48  ? 1094 ASP A CG  1 
ATOM   950  O OD1 . ASP A 1 116 ? -18.861 1.769   10.320  1.00 45.46  ? 1094 ASP A OD1 1 
ATOM   951  O OD2 . ASP A 1 116 ? -20.516 1.589   8.900   1.00 45.80  ? 1094 ASP A OD2 1 
ATOM   952  N N   . GLU A 1 117 ? -16.164 2.716   10.201  1.00 32.35  ? 1095 GLU A N   1 
ATOM   953  C CA  . GLU A 1 117 ? -15.285 2.560   11.355  1.00 37.32  ? 1095 GLU A CA  1 
ATOM   954  C C   . GLU A 1 117 ? -15.649 1.339   12.194  1.00 35.88  ? 1095 GLU A C   1 
ATOM   955  O O   . GLU A 1 117 ? -14.768 0.746   12.831  1.00 34.09  ? 1095 GLU A O   1 
ATOM   956  C CB  . GLU A 1 117 ? -15.318 3.825   12.217  1.00 39.73  ? 1095 GLU A CB  1 
ATOM   957  N N   . ASP A 1 118 ? -16.928 0.944   12.203  1.00 35.31  ? 1096 ASP A N   1 
ATOM   958  C CA  . ASP A 1 118 ? -17.309 -0.271  12.922  1.00 37.18  ? 1096 ASP A CA  1 
ATOM   959  C C   . ASP A 1 118 ? -16.840 -1.522  12.194  1.00 32.42  ? 1096 ASP A C   1 
ATOM   960  O O   . ASP A 1 118 ? -16.615 -2.558  12.830  1.00 32.36  ? 1096 ASP A O   1 
ATOM   961  C CB  . ASP A 1 118 ? -18.830 -0.322  13.122  1.00 36.29  ? 1096 ASP A CB  1 
ATOM   962  C CG  . ASP A 1 118 ? -19.313 0.690   14.145  1.00 42.39  ? 1096 ASP A CG  1 
ATOM   963  O OD1 . ASP A 1 118 ? -18.499 1.090   15.003  1.00 45.48  ? 1096 ASP A OD1 1 
ATOM   964  O OD2 . ASP A 1 118 ? -20.493 1.095   14.075  1.00 51.20  ? 1096 ASP A OD2 1 
ATOM   965  N N   . PHE A 1 119 ? -16.707 -1.455  10.863  1.00 29.95  ? 1097 PHE A N   1 
ATOM   966  C CA  . PHE A 1 119 ? -16.157 -2.589  10.131  1.00 31.21  ? 1097 PHE A CA  1 
ATOM   967  C C   . PHE A 1 119 ? -14.677 -2.774  10.448  1.00 30.01  ? 1097 PHE A C   1 
ATOM   968  O O   . PHE A 1 119 ? -14.224 -3.903  10.680  1.00 33.55  ? 1097 PHE A O   1 
ATOM   969  C CB  . PHE A 1 119 ? -16.370 -2.424  8.621   1.00 30.04  ? 1097 PHE A CB  1 
ATOM   970  C CG  . PHE A 1 119 ? -15.880 -3.605  7.812   1.00 32.93  ? 1097 PHE A CG  1 
ATOM   971  C CD1 . PHE A 1 119 ? -16.690 -4.717  7.617   1.00 34.54  ? 1097 PHE A CD1 1 
ATOM   972  C CD2 . PHE A 1 119 ? -14.602 -3.616  7.277   1.00 33.86  ? 1097 PHE A CD2 1 
ATOM   973  C CE1 . PHE A 1 119 ? -16.246 -5.810  6.883   1.00 32.97  ? 1097 PHE A CE1 1 
ATOM   974  C CE2 . PHE A 1 119 ? -14.144 -4.712  6.545   1.00 32.45  ? 1097 PHE A CE2 1 
ATOM   975  C CZ  . PHE A 1 119 ? -14.968 -5.809  6.350   1.00 34.26  ? 1097 PHE A CZ  1 
ATOM   976  N N   . GLU A 1 120 ? -13.907 -1.683  10.469  1.00 33.11  ? 1098 GLU A N   1 
ATOM   977  C CA  . GLU A 1 120 ? -12.498 -1.819  10.822  1.00 33.97  ? 1098 GLU A CA  1 
ATOM   978  C C   . GLU A 1 120 ? -12.349 -2.308  12.256  1.00 36.51  ? 1098 GLU A C   1 
ATOM   979  O O   . GLU A 1 120 ? -11.473 -3.125  12.545  1.00 34.07  ? 1098 GLU A O   1 
ATOM   980  C CB  . GLU A 1 120 ? -11.750 -0.499  10.610  1.00 37.88  ? 1098 GLU A CB  1 
ATOM   981  C CG  . GLU A 1 120 ? -10.299 -0.408  11.208  1.00 38.07  ? 1098 GLU A CG  1 
ATOM   982  C CD  . GLU A 1 120 ? -9.260  -1.491  10.750  1.00 52.08  ? 1098 GLU A CD  1 
ATOM   983  O OE1 . GLU A 1 120 ? -9.601  -2.472  10.041  1.00 46.75  ? 1098 GLU A OE1 1 
ATOM   984  O OE2 . GLU A 1 120 ? -8.052  -1.342  11.106  1.00 49.18  ? 1098 GLU A OE2 1 
ATOM   985  N N   . GLN A 1 121 ? -13.222 -1.846  13.161  1.00 35.77  ? 1099 GLN A N   1 
ATOM   986  C CA  . GLN A 1 121 ? -13.150 -2.295  14.551  1.00 35.17  ? 1099 GLN A CA  1 
ATOM   987  C C   . GLN A 1 121 ? -13.452 -3.787  14.673  1.00 33.73  ? 1099 GLN A C   1 
ATOM   988  O O   . GLN A 1 121 ? -12.792 -4.501  15.438  1.00 35.52  ? 1099 GLN A O   1 
ATOM   989  C CB  . GLN A 1 121 ? -14.103 -1.476  15.419  1.00 34.41  ? 1099 GLN A CB  1 
ATOM   990  C CG  . GLN A 1 121 ? -14.003 -1.784  16.918  1.00 37.67  ? 1099 GLN A CG  1 
ATOM   991  C CD  . GLN A 1 121 ? -12.613 -1.520  17.466  1.00 47.55  ? 1099 GLN A CD  1 
ATOM   992  O OE1 . GLN A 1 121 ? -11.956 -0.558  17.066  1.00 47.52  ? 1099 GLN A OE1 1 
ATOM   993  N NE2 . GLN A 1 121 ? -12.158 -2.368  18.386  1.00 39.23  ? 1099 GLN A NE2 1 
ATOM   994  N N   . LEU A 1 122 ? -14.434 -4.285  13.920  1.00 31.50  ? 1100 LEU A N   1 
ATOM   995  C CA  . LEU A 1 122 ? -14.718 -5.718  13.946  1.00 32.80  ? 1100 LEU A CA  1 
ATOM   996  C C   . LEU A 1 122 ? -13.505 -6.526  13.495  1.00 34.94  ? 1100 LEU A C   1 
ATOM   997  O O   . LEU A 1 122 ? -13.152 -7.539  14.116  1.00 33.47  ? 1100 LEU A O   1 
ATOM   998  C CB  . LEU A 1 122 ? -15.932 -6.037  13.071  1.00 31.71  ? 1100 LEU A CB  1 
ATOM   999  C CG  . LEU A 1 122 ? -16.302 -7.524  12.958  1.00 32.26  ? 1100 LEU A CG  1 
ATOM   1000 C CD1 . LEU A 1 122 ? -16.501 -8.173  14.332  1.00 34.19  ? 1100 LEU A CD1 1 
ATOM   1001 C CD2 . LEU A 1 122 ? -17.536 -7.691  12.095  1.00 32.53  ? 1100 LEU A CD2 1 
ATOM   1002 N N   . CYS A 1 123 ? -12.858 -6.101  12.404  1.00 32.69  ? 1101 CYS A N   1 
ATOM   1003 C CA  . CYS A 1 123 ? -11.671 -6.813  11.932  1.00 34.17  ? 1101 CYS A CA  1 
ATOM   1004 C C   . CYS A 1 123 ? -10.601 -6.863  13.016  1.00 31.56  ? 1101 CYS A C   1 
ATOM   1005 O O   . CYS A 1 123 ? -9.973  -7.908  13.229  1.00 34.06  ? 1101 CYS A O   1 
ATOM   1006 C CB  . CYS A 1 123 ? -11.111 -6.152  10.666  1.00 31.01  ? 1101 CYS A CB  1 
ATOM   1007 S SG  . CYS A 1 123 ? -12.163 -6.310  9.207   1.00 33.93  ? 1101 CYS A SG  1 
ATOM   1008 N N   . GLU A 1 124 ? -10.382 -5.740  13.708  1.00 34.82  ? 1102 GLU A N   1 
ATOM   1009 C CA  . GLU A 1 124 ? -9.391  -5.696  14.777  1.00 36.69  ? 1102 GLU A CA  1 
ATOM   1010 C C   . GLU A 1 124 ? -9.745  -6.674  15.890  1.00 45.17  ? 1102 GLU A C   1 
ATOM   1011 O O   . GLU A 1 124 ? -8.872  -7.385  16.402  1.00 38.47  ? 1102 GLU A O   1 
ATOM   1012 C CB  . GLU A 1 124 ? -9.282  -4.280  15.344  1.00 38.16  ? 1102 GLU A CB  1 
ATOM   1013 C CG  . GLU A 1 124 ? -8.717  -3.233  14.397  1.00 46.69  ? 1102 GLU A CG  1 
ATOM   1014 C CD  . GLU A 1 124 ? -7.236  -2.975  14.628  1.00 62.82  ? 1102 GLU A CD  1 
ATOM   1015 O OE1 . GLU A 1 124 ? -6.660  -3.583  15.559  1.00 70.75  ? 1102 GLU A OE1 1 
ATOM   1016 O OE2 . GLU A 1 124 ? -6.644  -2.164  13.878  1.00 65.63  ? 1102 GLU A OE2 1 
ATOM   1017 N N   . GLU A 1 125 ? -11.022 -6.727  16.277  1.00 39.39  ? 1103 GLU A N   1 
ATOM   1018 C CA  . GLU A 1 125 ? -11.398 -7.574  17.401  1.00 41.64  ? 1103 GLU A CA  1 
ATOM   1019 C C   . GLU A 1 125 ? -11.334 -9.053  17.036  1.00 40.44  ? 1103 GLU A C   1 
ATOM   1020 O O   . GLU A 1 125 ? -10.948 -9.871  17.876  1.00 45.18  ? 1103 GLU A O   1 
ATOM   1021 C CB  . GLU A 1 125 ? -12.779 -7.156  17.935  1.00 40.76  ? 1103 GLU A CB  1 
ATOM   1022 C CG  . GLU A 1 125 ? -12.679 -5.866  18.782  1.00 41.26  ? 1103 GLU A CG  1 
ATOM   1023 C CD  . GLU A 1 125 ? -14.009 -5.347  19.333  1.00 44.00  ? 1103 GLU A CD  1 
ATOM   1024 O OE1 . GLU A 1 125 ? -14.947 -6.147  19.488  1.00 40.23  ? 1103 GLU A OE1 1 
ATOM   1025 O OE2 . GLU A 1 125 ? -14.104 -4.131  19.634  1.00 41.23  ? 1103 GLU A OE2 1 
ATOM   1026 N N   . ILE A 1 126 ? -11.653 -9.418  15.792  1.00 37.63  ? 1104 ILE A N   1 
ATOM   1027 C CA  . ILE A 1 126 ? -11.441 -10.801 15.368  1.00 39.09  ? 1104 ILE A CA  1 
ATOM   1028 C C   . ILE A 1 126 ? -9.957  -11.145 15.423  1.00 49.51  ? 1104 ILE A C   1 
ATOM   1029 O O   . ILE A 1 126 ? -9.569  -12.222 15.895  1.00 50.93  ? 1104 ILE A O   1 
ATOM   1030 C CB  . ILE A 1 126 ? -12.017 -11.040 13.961  1.00 40.71  ? 1104 ILE A CB  1 
ATOM   1031 C CG1 . ILE A 1 126 ? -13.508 -10.705 13.915  1.00 37.32  ? 1104 ILE A CG1 1 
ATOM   1032 C CG2 . ILE A 1 126 ? -11.791 -12.487 13.535  1.00 41.82  ? 1104 ILE A CG2 1 
ATOM   1033 C CD1 . ILE A 1 126 ? -14.117 -10.872 12.521  1.00 39.33  ? 1104 ILE A CD1 1 
ATOM   1034 N N   . GLN A 1 127 ? -9.101  -10.224 14.963  1.00 47.46  ? 1105 GLN A N   1 
ATOM   1035 C CA  . GLN A 1 127 ? -7.663  -10.489 14.923  1.00 52.68  ? 1105 GLN A CA  1 
ATOM   1036 C C   . GLN A 1 127 ? -7.091  -10.656 16.327  1.00 53.36  ? 1105 GLN A C   1 
ATOM   1037 O O   . GLN A 1 127 ? -6.319  -11.587 16.588  1.00 56.54  ? 1105 GLN A O   1 
ATOM   1038 C CB  . GLN A 1 127 ? -6.942  -9.366  14.172  1.00 48.36  ? 1105 GLN A CB  1 
ATOM   1039 C CG  . GLN A 1 127 ? -5.416  -9.498  14.161  1.00 57.60  ? 1105 GLN A CG  1 
ATOM   1040 C CD  . GLN A 1 127 ? -4.716  -8.281  13.559  1.00 56.77  ? 1105 GLN A CD  1 
ATOM   1041 O OE1 . GLN A 1 127 ? -4.061  -8.384  12.521  1.00 60.42  ? 1105 GLN A OE1 1 
ATOM   1042 N NE2 . GLN A 1 127 ? -4.840  -7.132  14.217  1.00 56.58  ? 1105 GLN A NE2 1 
ATOM   1043 N N   . GLU A 1 128 ? -7.454  -9.755  17.244  1.00 50.43  ? 1106 GLU A N   1 
ATOM   1044 C CA  . GLU A 1 128 ? -6.998  -9.856  18.627  1.00 53.15  ? 1106 GLU A CA  1 
ATOM   1045 C C   . GLU A 1 128 ? -7.464  -11.138 19.307  1.00 58.20  ? 1106 GLU A C   1 
ATOM   1046 O O   . GLU A 1 128 ? -6.866  -11.549 20.306  1.00 59.45  ? 1106 GLU A O   1 
ATOM   1047 C CB  . GLU A 1 128 ? -7.481  -8.653  19.436  1.00 54.88  ? 1106 GLU A CB  1 
ATOM   1048 C CG  . GLU A 1 128 ? -7.030  -7.302  18.911  1.00 63.67  ? 1106 GLU A CG  1 
ATOM   1049 C CD  . GLU A 1 128 ? -7.525  -6.152  19.773  1.00 70.35  ? 1106 GLU A CD  1 
ATOM   1050 O OE1 . GLU A 1 128 ? -7.231  -6.151  20.988  1.00 82.46  ? 1106 GLU A OE1 1 
ATOM   1051 O OE2 . GLU A 1 128 ? -8.212  -5.252  19.237  1.00 72.00  ? 1106 GLU A OE2 1 
ATOM   1052 N N   . SER A 1 129 ? -8.525  -11.767 18.803  1.00 56.93  ? 1107 SER A N   1 
ATOM   1053 C CA  . SER A 1 129 ? -9.037  -13.008 19.374  1.00 59.94  ? 1107 SER A CA  1 
ATOM   1054 C C   . SER A 1 129 ? -8.299  -14.241 18.872  1.00 65.74  ? 1107 SER A C   1 
ATOM   1055 O O   . SER A 1 129 ? -8.594  -15.350 19.335  1.00 68.17  ? 1107 SER A O   1 
ATOM   1056 C CB  . SER A 1 129 ? -10.531 -13.148 19.071  1.00 54.05  ? 1107 SER A CB  1 
ATOM   1057 O OG  . SER A 1 129 ? -10.745 -13.817 17.836  1.00 55.62  ? 1107 SER A OG  1 
ATOM   1058 N N   . ARG A 1 130 ? -7.359  -14.081 17.945  1.00 64.08  ? 1108 ARG A N   1 
ATOM   1059 C CA  . ARG A 1 130 ? -6.629  -15.213 17.388  1.00 68.57  ? 1108 ARG A CA  1 
ATOM   1060 C C   . ARG A 1 130 ? -5.162  -15.186 17.828  1.00 75.02  ? 1108 ARG A C   1 
ATOM   1061 O O   . ARG A 1 130 ? -4.630  -14.151 18.243  1.00 72.02  ? 1108 ARG A O   1 
ATOM   1062 C CB  . ARG A 1 130 ? -6.737  -15.215 15.857  1.00 63.43  ? 1108 ARG A CB  1 
ATOM   1063 C CG  . ARG A 1 130 ? -8.159  -15.447 15.341  1.00 64.57  ? 1108 ARG A CG  1 
ATOM   1064 C CD  . ARG A 1 130 ? -8.208  -15.601 13.820  1.00 60.77  ? 1108 ARG A CD  1 
ATOM   1065 N NE  . ARG A 1 130 ? -9.561  -15.887 13.339  1.00 63.33  ? 1108 ARG A NE  1 
ATOM   1066 C CZ  . ARG A 1 130 ? -9.895  -16.003 12.055  1.00 59.39  ? 1108 ARG A CZ  1 
ATOM   1067 N NH1 . ARG A 1 130 ? -11.152 -16.265 11.711  1.00 58.94  ? 1108 ARG A NH1 1 
ATOM   1068 N NH2 . ARG A 1 130 ? -8.974  -15.854 11.112  1.00 64.30  ? 1108 ARG A NH2 1 
ATOM   1069 O OXT . ARG A 1 130 ? -4.475  -16.209 17.791  1.00 79.75  ? 1108 ARG A OXT 1 
HETATM 1070 S S   . SO4 B 2 .   ? 17.195  24.671  -3.499  1.00 47.71  ? 1201 SO4 A S   1 
HETATM 1071 O O1  . SO4 B 2 .   ? 17.538  23.262  -3.683  1.00 47.02  ? 1201 SO4 A O1  1 
HETATM 1072 O O2  . SO4 B 2 .   ? 15.987  24.926  -4.284  1.00 54.47  ? 1201 SO4 A O2  1 
HETATM 1073 O O3  . SO4 B 2 .   ? 18.288  25.507  -4.001  1.00 49.80  ? 1201 SO4 A O3  1 
HETATM 1074 O O4  . SO4 B 2 .   ? 16.971  25.023  -2.101  1.00 42.19  ? 1201 SO4 A O4  1 
HETATM 1075 S S   . SO4 C 2 .   ? -7.146  4.920   10.100  1.00 110.47 ? 1202 SO4 A S   1 
HETATM 1076 O O1  . SO4 C 2 .   ? -7.973  5.192   11.277  1.00 107.38 ? 1202 SO4 A O1  1 
HETATM 1077 O O2  . SO4 C 2 .   ? -7.992  4.379   9.033   1.00 80.88  ? 1202 SO4 A O2  1 
HETATM 1078 O O3  . SO4 C 2 .   ? -6.510  6.165   9.658   1.00 85.62  ? 1202 SO4 A O3  1 
HETATM 1079 O O4  . SO4 C 2 .   ? -6.111  3.945   10.450  1.00 88.19  ? 1202 SO4 A O4  1 
HETATM 1080 N N   . G6B D 3 .   ? 15.588  10.277  -8.411  1.00 55.98  ? 1203 G6B A N   1 
HETATM 1081 C CA  . G6B D 3 .   ? 15.841  9.642   -9.710  1.00 53.78  ? 1203 G6B A CA  1 
HETATM 1082 C C   . G6B D 3 .   ? 14.842  8.503   -9.976  1.00 56.20  ? 1203 G6B A C   1 
HETATM 1083 O O   . G6B D 3 .   ? 14.654  8.158   -11.142 1.00 58.19  ? 1203 G6B A O   1 
HETATM 1084 C CB  . G6B D 3 .   ? 15.735  10.669  -10.845 1.00 52.16  ? 1203 G6B A CB  1 
HETATM 1085 C CAA . G6B D 3 .   ? 9.730   4.335   -7.331  1.00 44.07  ? 1203 G6B A CAA 1 
HETATM 1086 C CAG . G6B D 3 .   ? 10.419  1.872   -10.640 1.00 54.09  ? 1203 G6B A CAG 1 
HETATM 1087 C CAH . G6B D 3 .   ? 9.968   2.223   -11.908 1.00 56.32  ? 1203 G6B A CAH 1 
HETATM 1088 C CAI . G6B D 3 .   ? 11.041  2.821   -9.828  1.00 54.07  ? 1203 G6B A CAI 1 
HETATM 1089 C CAJ . G6B D 3 .   ? 10.753  4.478   -11.537 1.00 54.05  ? 1203 G6B A CAJ 1 
HETATM 1090 C CAN . G6B D 3 .   ? 11.127  4.929   -7.119  1.00 48.20  ? 1203 G6B A CAN 1 
HETATM 1091 C CAP . G6B D 3 .   ? 10.138  3.530   -12.361 1.00 57.10  ? 1203 G6B A CAP 1 
HETATM 1092 C CAQ . G6B D 3 .   ? 11.186  4.145   -10.249 1.00 53.96  ? 1203 G6B A CAQ 1 
HETATM 1093 C CAR . G6B D 3 .   ? 13.341  6.956   -8.952  1.00 51.79  ? 1203 G6B A CAR 1 
HETATM 1094 C CAS . G6B D 3 .   ? 11.818  5.422   -8.177  1.00 50.43  ? 1203 G6B A CAS 1 
HETATM 1095 C CAT . G6B D 3 .   ? 11.809  5.082   -9.506  1.00 53.28  ? 1203 G6B A CAT 1 
HETATM 1096 N NAC . G6B D 3 .   ? 9.705   3.865   -13.579 1.00 55.50  ? 1203 G6B A NAC 1 
HETATM 1097 N NAK . G6B D 3 .   ? 12.664  6.453   -7.905  1.00 45.70  ? 1203 G6B A NAK 1 
HETATM 1098 N NAL . G6B D 3 .   ? 14.232  7.973   -8.873  1.00 53.30  ? 1203 G6B A NAL 1 
HETATM 1099 O OAE . G6B D 3 .   ? 11.538  5.093   -5.966  1.00 44.21  ? 1203 G6B A OAE 1 
HETATM 1100 S SAM . G6B D 3 .   ? 12.882  6.095   -10.280 1.00 61.31  ? 1203 G6B A SAM 1 
HETATM 1101 O O   . HOH E 4 .   ? 4.443   -15.105 5.116   1.00 59.42  ? 1301 HOH A O   1 
HETATM 1102 O O   . HOH E 4 .   ? -3.027  -8.720  8.874   1.00 45.65  ? 1302 HOH A O   1 
HETATM 1103 O O   . HOH E 4 .   ? 1.313   2.613   8.569   1.00 43.68  ? 1303 HOH A O   1 
HETATM 1104 O O   . HOH E 4 .   ? -13.117 -14.221 17.329  1.00 52.50  ? 1304 HOH A O   1 
HETATM 1105 O O   . HOH E 4 .   ? 18.686  10.737  -5.470  1.00 48.31  ? 1305 HOH A O   1 
HETATM 1106 O O   . HOH E 4 .   ? 9.919   -0.222  -2.819  1.00 38.23  ? 1306 HOH A O   1 
HETATM 1107 O O   . HOH E 4 .   ? 10.498  17.952  -10.171 1.00 41.09  ? 1307 HOH A O   1 
HETATM 1108 O O   . HOH E 4 .   ? 8.208   -7.018  3.574   1.00 53.40  ? 1308 HOH A O   1 
HETATM 1109 O O   . HOH E 4 .   ? -5.627  11.722  -5.572  1.00 47.03  ? 1309 HOH A O   1 
HETATM 1110 O O   . HOH E 4 .   ? 8.476   -4.445  -4.568  1.00 44.29  ? 1310 HOH A O   1 
HETATM 1111 O O   . HOH E 4 .   ? -2.725  -12.690 -6.522  1.00 46.03  ? 1311 HOH A O   1 
HETATM 1112 O O   . HOH E 4 .   ? -0.686  3.825   -12.870 1.00 38.91  ? 1312 HOH A O   1 
HETATM 1113 O O   . HOH E 4 .   ? 10.946  3.568   -3.946  1.00 34.36  ? 1313 HOH A O   1 
HETATM 1114 O O   . HOH E 4 .   ? -11.227 -9.798  20.462  1.00 48.99  ? 1314 HOH A O   1 
HETATM 1115 O O   . HOH E 4 .   ? -13.581 8.508   -2.125  1.00 44.95  ? 1315 HOH A O   1 
HETATM 1116 O O   . HOH E 4 .   ? -20.017 -3.777  5.604   1.00 39.20  ? 1316 HOH A O   1 
HETATM 1117 O O   . HOH E 4 .   ? -18.917 -8.799  8.797   1.00 53.74  ? 1317 HOH A O   1 
HETATM 1118 O O   . HOH E 4 .   ? 16.186  -7.282  2.653   1.00 51.02  ? 1318 HOH A O   1 
HETATM 1119 O O   . HOH E 4 .   ? -11.398 -0.180  -8.294  1.00 42.95  ? 1319 HOH A O   1 
HETATM 1120 O O   . HOH E 4 .   ? 19.267  12.760  -7.426  1.00 52.96  ? 1320 HOH A O   1 
HETATM 1121 O O   . HOH E 4 .   ? 7.899   0.453   -7.577  1.00 42.61  ? 1321 HOH A O   1 
HETATM 1122 O O   . HOH E 4 .   ? 12.278  -0.794  -12.447 1.00 57.50  ? 1322 HOH A O   1 
HETATM 1123 O O   . HOH E 4 .   ? -13.352 -0.395  -1.969  1.00 42.65  ? 1323 HOH A O   1 
HETATM 1124 O O   . HOH E 4 .   ? 5.524   -5.771  4.490   1.00 48.25  ? 1324 HOH A O   1 
HETATM 1125 O O   . HOH E 4 .   ? -11.524 7.467   -5.871  1.00 53.85  ? 1325 HOH A O   1 
HETATM 1126 O O   . HOH E 4 .   ? 9.232   -1.177  -11.868 1.00 48.59  ? 1326 HOH A O   1 
HETATM 1127 O O   . HOH E 4 .   ? 8.375   2.856   -3.348  1.00 36.41  ? 1327 HOH A O   1 
HETATM 1128 O O   . HOH E 4 .   ? -9.792  6.360   8.498   1.00 51.27  ? 1328 HOH A O   1 
HETATM 1129 O O   . HOH E 4 .   ? 3.791   -10.229 -6.258  1.00 51.25  ? 1329 HOH A O   1 
HETATM 1130 O O   . HOH E 4 .   ? 9.848   -6.438  1.161   1.00 47.55  ? 1330 HOH A O   1 
HETATM 1131 O O   . HOH E 4 .   ? 12.765  -0.346  3.273   1.00 35.17  ? 1331 HOH A O   1 
HETATM 1132 O O   . HOH E 4 .   ? -12.055 -15.104 4.720   1.00 40.56  ? 1332 HOH A O   1 
HETATM 1133 O O   . HOH E 4 .   ? -18.986 -8.350  6.582   1.00 50.63  ? 1333 HOH A O   1 
HETATM 1134 O O   . HOH E 4 .   ? -16.523 -2.852  3.262   1.00 43.02  ? 1334 HOH A O   1 
HETATM 1135 O O   . HOH E 4 .   ? 11.122  2.905   4.124   1.00 36.66  ? 1335 HOH A O   1 
HETATM 1136 O O   . HOH E 4 .   ? -1.848  -0.205  -13.719 1.00 51.67  ? 1336 HOH A O   1 
HETATM 1137 O O   . HOH E 4 .   ? 7.233   1.095   -5.028  1.00 36.04  ? 1337 HOH A O   1 
HETATM 1138 O O   . HOH E 4 .   ? -5.252  -14.200 -7.333  1.00 57.71  ? 1338 HOH A O   1 
HETATM 1139 O O   . HOH E 4 .   ? 13.572  12.301  1.549   1.00 47.63  ? 1339 HOH A O   1 
HETATM 1140 O O   . HOH E 4 .   ? -12.732 -3.539  21.989  1.00 50.07  ? 1340 HOH A O   1 
HETATM 1141 O O   . HOH E 4 .   ? -12.654 -5.836  -5.311  1.00 28.28  ? 1341 HOH A O   1 
HETATM 1142 O O   . HOH E 4 .   ? -5.256  11.825  3.220   1.00 39.06  ? 1342 HOH A O   1 
HETATM 1143 O O   . HOH E 4 .   ? 6.922   3.046   6.345   1.00 38.75  ? 1343 HOH A O   1 
HETATM 1144 O O   . HOH E 4 .   ? -21.434 1.142   6.297   1.00 48.50  ? 1344 HOH A O   1 
HETATM 1145 O O   . HOH E 4 .   ? 5.275   1.130   7.073   1.00 32.96  ? 1345 HOH A O   1 
HETATM 1146 O O   . HOH E 4 .   ? -10.623 0.040   14.679  1.00 49.54  ? 1346 HOH A O   1 
HETATM 1147 O O   . HOH E 4 .   ? 7.700   -6.835  -1.767  1.00 49.83  ? 1347 HOH A O   1 
HETATM 1148 O O   . HOH E 4 .   ? -8.274  5.915   -10.060 1.00 39.22  ? 1348 HOH A O   1 
HETATM 1149 O O   . HOH E 4 .   ? -12.853 -19.302 11.004  1.00 57.52  ? 1349 HOH A O   1 
HETATM 1150 O O   . HOH E 4 .   ? -6.604  -10.188 -7.289  1.00 45.92  ? 1350 HOH A O   1 
HETATM 1151 O O   . HOH E 4 .   ? 5.002   6.660   4.744   1.00 42.07  ? 1351 HOH A O   1 
HETATM 1152 O O   . HOH E 4 .   ? 17.735  8.914   2.277   1.00 44.47  ? 1352 HOH A O   1 
HETATM 1153 O O   . HOH E 4 .   ? -16.124 1.050   16.523  1.00 55.95  ? 1353 HOH A O   1 
HETATM 1154 O O   . HOH E 4 .   ? -17.696 5.068   9.869   1.00 47.86  ? 1354 HOH A O   1 
HETATM 1155 O O   . HOH E 4 .   ? 1.681   -5.109  6.697   1.00 48.06  ? 1355 HOH A O   1 
HETATM 1156 O O   . HOH E 4 .   ? -21.622 1.828   11.565  1.00 51.21  ? 1356 HOH A O   1 
HETATM 1157 O O   . HOH E 4 .   ? -6.784  -16.116 -3.201  1.00 46.07  ? 1357 HOH A O   1 
HETATM 1158 O O   . HOH E 4 .   ? 5.724   -8.706  2.719   1.00 45.65  ? 1358 HOH A O   1 
HETATM 1159 O O   . HOH E 4 .   ? -3.888  -4.118  13.072  1.00 51.39  ? 1359 HOH A O   1 
HETATM 1160 O O   . HOH E 4 .   ? -18.490 -13.720 1.098   0.50 43.36  ? 1360 HOH A O   1 
HETATM 1161 O O   . HOH E 4 .   ? -18.212 9.360   4.038   1.00 51.18  ? 1361 HOH A O   1 
HETATM 1162 O O   . HOH E 4 .   ? -7.699  7.291   6.769   1.00 42.59  ? 1362 HOH A O   1 
HETATM 1163 O O   . HOH E 4 .   ? 6.803   0.373   -11.350 1.00 45.45  ? 1363 HOH A O   1 
HETATM 1164 O O   . HOH E 4 .   ? 4.434   7.432   -11.812 1.00 38.20  ? 1364 HOH A O   1 
HETATM 1165 O O   . HOH E 4 .   ? -1.174  -13.963 -4.419  1.00 43.86  ? 1365 HOH A O   1 
HETATM 1166 O O   . HOH E 4 .   ? 7.001   11.216  -15.592 1.00 52.02  ? 1366 HOH A O   1 
HETATM 1167 O O   . HOH E 4 .   ? 16.755  15.443  -11.621 1.00 50.14  ? 1367 HOH A O   1 
HETATM 1168 O O   . HOH E 4 .   ? -0.873  1.356   9.677   1.00 41.77  ? 1368 HOH A O   1 
HETATM 1169 O O   . HOH E 4 .   ? 1.767   15.350  -3.108  1.00 40.78  ? 1369 HOH A O   1 
HETATM 1170 O O   . HOH E 4 .   ? 2.946   8.063   -15.614 1.00 57.69  ? 1370 HOH A O   1 
HETATM 1171 O O   . HOH E 4 .   ? 1.891   13.929  -8.090  1.00 39.74  ? 1371 HOH A O   1 
HETATM 1172 O O   . HOH E 4 .   ? -4.950  8.509   -14.370 1.00 42.92  ? 1372 HOH A O   1 
HETATM 1173 O O   . HOH E 4 .   ? -6.096  7.100   -7.359  1.00 38.13  ? 1373 HOH A O   1 
HETATM 1174 O O   . HOH E 4 .   ? 11.285  7.824   4.299   1.00 45.16  ? 1374 HOH A O   1 
HETATM 1175 O O   . HOH E 4 .   ? 9.495   -5.326  -12.381 1.00 66.84  ? 1375 HOH A O   1 
HETATM 1176 O O   . HOH E 4 .   ? -0.048  -8.934  -8.446  1.00 45.71  ? 1376 HOH A O   1 
HETATM 1177 O O   . HOH E 4 .   ? 4.830   -8.546  -7.744  1.00 59.61  ? 1377 HOH A O   1 
HETATM 1178 O O   . HOH E 4 .   ? 20.348  17.805  -2.864  1.00 48.65  ? 1378 HOH A O   1 
HETATM 1179 O O   . HOH E 4 .   ? -0.664  14.984  -7.589  1.00 40.96  ? 1379 HOH A O   1 
HETATM 1180 O O   . HOH E 4 .   ? -5.596  -10.155 2.868   1.00 29.93  ? 1380 HOH A O   1 
HETATM 1181 O O   . HOH E 4 .   ? -12.321 2.094   13.869  1.00 49.32  ? 1381 HOH A O   1 
HETATM 1182 O O   . HOH E 4 .   ? 14.664  18.991  -1.696  1.00 48.77  ? 1382 HOH A O   1 
HETATM 1183 O O   . HOH E 4 .   ? 8.337   17.329  -3.764  1.00 44.25  ? 1383 HOH A O   1 
HETATM 1184 O O   . HOH E 4 .   ? -7.728  -11.880 4.554   1.00 33.83  ? 1384 HOH A O   1 
HETATM 1185 O O   . HOH E 4 .   ? -20.282 -11.347 9.149   1.00 51.98  ? 1385 HOH A O   1 
HETATM 1186 O O   . HOH E 4 .   ? -20.720 -3.851  1.872   1.00 32.10  ? 1386 HOH A O   1 
HETATM 1187 O O   . HOH E 4 .   ? 10.133  -2.558  -5.369  1.00 49.30  ? 1387 HOH A O   1 
HETATM 1188 O O   . HOH E 4 .   ? 20.113  22.917  -2.070  1.00 57.34  ? 1388 HOH A O   1 
HETATM 1189 O O   . HOH E 4 .   ? 15.211  0.660   3.673   1.00 50.25  ? 1389 HOH A O   1 
HETATM 1190 O O   . HOH E 4 .   ? -17.867 -11.526 12.199  1.00 49.50  ? 1390 HOH A O   1 
HETATM 1191 O O   . HOH E 4 .   ? -0.053  -2.907  -10.197 1.00 44.76  ? 1391 HOH A O   1 
HETATM 1192 O O   . HOH E 4 .   ? -12.047 12.271  0.355   1.00 54.90  ? 1392 HOH A O   1 
HETATM 1193 O O   . HOH E 4 .   ? -11.477 11.813  2.835   1.00 48.23  ? 1393 HOH A O   1 
HETATM 1194 O O   . HOH E 4 .   ? 8.017   9.280   -14.832 1.00 55.87  ? 1394 HOH A O   1 
HETATM 1195 O O   . HOH E 4 .   ? 19.428  7.277   -0.813  1.00 51.67  ? 1395 HOH A O   1 
HETATM 1196 O O   . HOH E 4 .   ? -10.879 6.457   -7.715  1.00 46.60  ? 1396 HOH A O   1 
HETATM 1197 O O   . HOH E 4 .   ? -2.468  3.462   9.585   1.00 43.48  ? 1397 HOH A O   1 
HETATM 1198 O O   . HOH E 4 .   ? 19.301  20.264  -9.159  1.00 40.38  ? 1398 HOH A O   1 
HETATM 1199 O O   . HOH E 4 .   ? -16.255 -16.065 2.454   1.00 53.25  ? 1399 HOH A O   1 
HETATM 1200 O O   . HOH E 4 .   ? 12.048  -1.200  5.731   1.00 46.17  ? 1400 HOH A O   1 
HETATM 1201 O O   . HOH E 4 .   ? 12.656  -4.265  -5.723  1.00 50.55  ? 1401 HOH A O   1 
HETATM 1202 O O   . HOH E 4 .   ? 5.910   8.864   4.566   1.00 55.97  ? 1402 HOH A O   1 
HETATM 1203 O O   . HOH E 4 .   ? 19.451  16.199  -12.036 1.00 59.69  ? 1403 HOH A O   1 
HETATM 1204 O O   . HOH E 4 .   ? 4.273   -9.835  -2.137  1.00 47.13  ? 1404 HOH A O   1 
HETATM 1205 O O   . HOH E 4 .   ? 0.979   -8.075  6.620   1.00 62.12  ? 1405 HOH A O   1 
HETATM 1206 O O   . HOH E 4 .   ? -19.648 4.391   12.255  1.00 56.00  ? 1406 HOH A O   1 
HETATM 1207 O O   . HOH E 4 .   ? 6.457   0.850   -13.882 1.00 52.97  ? 1407 HOH A O   1 
HETATM 1208 O O   . HOH E 4 .   ? -8.749  10.105  -2.522  1.00 44.62  ? 1408 HOH A O   1 
HETATM 1209 O O   . HOH E 4 .   ? -11.075 -4.793  -7.405  1.00 35.76  ? 1409 HOH A O   1 
HETATM 1210 O O   . HOH E 4 .   ? -8.201  -14.209 6.246   1.00 44.95  ? 1410 HOH A O   1 
HETATM 1211 O O   . HOH E 4 .   ? -10.345 -7.951  21.082  1.00 55.30  ? 1411 HOH A O   1 
HETATM 1212 O O   . HOH E 4 .   ? 5.360   7.716   -14.702 1.00 53.48  ? 1412 HOH A O   1 
HETATM 1213 O O   . HOH E 4 .   ? 12.388  -7.860  1.619   1.00 49.90  ? 1413 HOH A O   1 
HETATM 1214 O O   . HOH E 4 .   ? -2.855  -16.608 -4.035  1.00 52.00  ? 1414 HOH A O   1 
HETATM 1215 O O   . HOH E 4 .   ? -1.610  -11.068 -8.329  1.00 59.74  ? 1415 HOH A O   1 
HETATM 1216 O O   . HOH E 4 .   ? -5.572  13.198  -1.412  1.00 51.76  ? 1416 HOH A O   1 
HETATM 1217 O O   . HOH E 4 .   ? 23.078  17.641  -9.602  1.00 62.09  ? 1417 HOH A O   1 
HETATM 1218 O O   . HOH E 4 .   ? -5.803  14.001  1.362   1.00 55.70  ? 1418 HOH A O   1 
HETATM 1219 O O   . HOH E 4 .   ? 13.271  3.568   -14.891 1.00 69.06  ? 1419 HOH A O   1 
HETATM 1220 O O   . HOH E 4 .   ? 6.545   5.006   -15.397 1.00 56.50  ? 1420 HOH A O   1 
HETATM 1221 O O   . HOH E 4 .   ? 6.637   16.276  -1.596  1.00 49.24  ? 1421 HOH A O   1 
HETATM 1222 O O   . HOH E 4 .   ? -7.284  11.585  4.923   1.00 44.86  ? 1422 HOH A O   1 
HETATM 1223 O O   . HOH E 4 .   ? -0.912  16.089  -4.916  1.00 45.88  ? 1423 HOH A O   1 
HETATM 1224 O O   . HOH E 4 .   ? 3.880   16.903  -1.778  1.00 54.37  ? 1424 HOH A O   1 
HETATM 1225 O O   . HOH E 4 .   ? 2.590   10.802  -16.314 1.00 58.79  ? 1425 HOH A O   1 
HETATM 1226 O O   . HOH E 4 .   ? -4.099  -18.809 2.589   1.00 57.90  ? 1426 HOH A O   1 
HETATM 1227 O O   . HOH E 4 .   ? 3.141   -11.989 -1.680  1.00 45.56  ? 1427 HOH A O   1 
HETATM 1228 O O   . HOH E 4 .   ? 3.861   2.286   9.266   1.00 46.07  ? 1428 HOH A O   1 
HETATM 1229 O O   . HOH E 4 .   ? -15.314 -2.166  -1.756  1.00 32.83  ? 1429 HOH A O   1 
HETATM 1230 O O   . HOH E 4 .   ? 4.584   -12.870 -6.038  1.00 57.30  ? 1430 HOH A O   1 
HETATM 1231 O O   . HOH E 4 .   ? -7.054  9.934   7.370   1.00 50.31  ? 1431 HOH A O   1 
HETATM 1232 O O   . HOH E 4 .   ? 13.143  9.888   4.470   1.00 51.69  ? 1432 HOH A O   1 
HETATM 1233 O O   . HOH E 4 .   ? 14.603  5.092   -13.938 1.00 71.72  ? 1433 HOH A O   1 
HETATM 1234 O O   . HOH E 4 .   ? 3.687   -12.595 0.851   1.00 46.86  ? 1434 HOH A O   1 
HETATM 1235 O O   . HOH E 4 .   ? -13.526 12.163  4.452   1.00 63.68  ? 1435 HOH A O   1 
HETATM 1236 O O   . HOH E 4 .   ? 20.564  10.615  -8.352  1.00 67.17  ? 1436 HOH A O   1 
HETATM 1237 O O   . HOH E 4 .   ? -7.743  12.423  -2.345  1.00 52.10  ? 1437 HOH A O   1 
HETATM 1238 O O   . HOH E 4 .   ? -14.910 -4.728  -6.092  1.00 36.58  ? 1438 HOH A O   1 
HETATM 1239 O O   . HOH E 4 .   ? 6.091   5.811   7.469   1.00 52.62  ? 1439 HOH A O   1 
HETATM 1240 O O   . HOH E 4 .   ? -0.884  4.132   -15.753 1.00 56.71  ? 1440 HOH A O   1 
HETATM 1241 O O   . HOH E 4 .   ? 11.539  20.136  -8.652  1.00 43.48  ? 1441 HOH A O   1 
HETATM 1242 O O   . HOH E 4 .   ? 11.212  1.175   6.360   1.00 49.36  ? 1442 HOH A O   1 
HETATM 1243 O O   . HOH E 4 .   ? -9.356  12.912  4.140   1.00 50.25  ? 1443 HOH A O   1 
HETATM 1244 O O   . HOH E 4 .   ? -0.878  -2.461  -12.535 1.00 51.31  ? 1444 HOH A O   1 
HETATM 1245 O O   . HOH E 4 .   ? 9.211   8.688   5.323   1.00 48.36  ? 1445 HOH A O   1 
HETATM 1246 O O   . HOH E 4 .   ? 12.369  -3.199  10.056  1.00 62.69  ? 1446 HOH A O   1 
HETATM 1247 O O   . HOH E 4 .   ? -6.835  -7.342  -7.559  1.00 47.62  ? 1447 HOH A O   1 
HETATM 1248 O O   . HOH E 4 .   ? -8.531  8.047   -6.565  1.00 47.93  ? 1448 HOH A O   1 
HETATM 1249 O O   . HOH E 4 .   ? -2.649  -18.728 -3.492  1.00 55.52  ? 1449 HOH A O   1 
HETATM 1250 O O   . HOH E 4 .   ? -9.579  9.928   -4.538  1.00 50.08  ? 1450 HOH A O   1 
HETATM 1251 O O   . HOH E 4 .   ? -8.442  14.675  1.336   1.00 61.75  ? 1451 HOH A O   1 
HETATM 1252 O O   . HOH E 4 .   ? -9.772  13.982  -0.544  1.00 57.66  ? 1452 HOH A O   1 
# 
